data_8JC9
#
_entry.id   8JC9
#
_cell.length_a   1.00
_cell.length_b   1.00
_cell.length_c   1.00
_cell.angle_alpha   90.00
_cell.angle_beta   90.00
_cell.angle_gamma   90.00
#
_symmetry.space_group_name_H-M   'P 1'
#
loop_
_entity.id
_entity.type
_entity.pdbx_description
1 polymer 'LH1 alpha polypeptide'
2 polymer 'LH1 beta polypeptide'
3 non-polymer 'BACTERIOCHLOROPHYLL A'
4 non-polymer 'CALCIUM ION'
5 non-polymer SPIRILLOXANTHIN
6 non-polymer DODECANE
#
loop_
_entity_poly.entity_id
_entity_poly.type
_entity_poly.pdbx_seq_one_letter_code
_entity_poly.pdbx_strand_id
1 'polypeptide(L)' MFTMNANLYKIWLILDPRRVLVSIVAFQIVLGLLIHMIVLSTDLNWLDDNIPVSYQALGKK 1,3,5,7,A,D,F,I,K,O,Q,S,U,Y
2 'polypeptide(L)' MAEQKSLTGLTDDEAKEFHAIFMQSMYAWFGLVVIAHLLAWLYRPWL 2,4,6,8,B,E,G,J,N,P,R,T,V,Z
#
# COMPACT_ATOMS: atom_id res chain seq x y z
N ALA A 6 -28.59 14.69 -44.33
CA ALA A 6 -29.91 15.09 -43.86
C ALA A 6 -30.47 14.07 -42.87
N ASN A 7 -29.86 12.89 -42.83
CA ASN A 7 -30.27 11.81 -41.94
C ASN A 7 -29.38 11.74 -40.71
N LEU A 8 -28.88 12.87 -40.22
CA LEU A 8 -28.02 12.91 -39.05
C LEU A 8 -28.79 12.77 -37.74
N TYR A 9 -30.12 12.83 -37.78
CA TYR A 9 -30.91 12.72 -36.56
C TYR A 9 -30.93 11.31 -35.99
N LYS A 10 -30.39 10.32 -36.72
CA LYS A 10 -30.36 8.94 -36.28
C LYS A 10 -29.21 8.65 -35.32
N ILE A 11 -28.35 9.64 -35.06
CA ILE A 11 -27.25 9.46 -34.12
C ILE A 11 -27.73 9.17 -32.71
N TRP A 12 -28.96 9.55 -32.39
CA TRP A 12 -29.56 9.26 -31.09
C TRP A 12 -30.15 7.85 -31.02
N LEU A 13 -30.14 7.12 -32.13
CA LEU A 13 -30.48 5.71 -32.13
C LEU A 13 -29.28 4.83 -31.85
N ILE A 14 -28.10 5.43 -31.65
CA ILE A 14 -26.87 4.70 -31.32
C ILE A 14 -26.40 5.18 -29.95
N LEU A 15 -26.39 6.50 -29.76
CA LEU A 15 -25.90 7.10 -28.52
C LEU A 15 -27.08 7.40 -27.60
N ASP A 16 -26.94 7.03 -26.33
CA ASP A 16 -28.01 7.27 -25.36
C ASP A 16 -28.01 8.75 -24.97
N PRO A 17 -29.15 9.45 -25.13
CA PRO A 17 -29.16 10.90 -24.86
C PRO A 17 -28.76 11.30 -23.45
N ARG A 18 -29.17 10.54 -22.43
CA ARG A 18 -28.94 10.94 -21.05
C ARG A 18 -27.44 11.01 -20.74
N ARG A 19 -26.72 9.94 -21.06
CA ARG A 19 -25.28 9.93 -20.82
C ARG A 19 -24.57 10.98 -21.67
N VAL A 20 -25.08 11.23 -22.87
CA VAL A 20 -24.50 12.28 -23.71
C VAL A 20 -24.58 13.64 -23.03
N LEU A 21 -25.77 13.98 -22.51
CA LEU A 21 -25.93 15.26 -21.83
C LEU A 21 -25.09 15.34 -20.56
N VAL A 22 -25.05 14.26 -19.77
CA VAL A 22 -24.26 14.29 -18.55
C VAL A 22 -22.77 14.48 -18.86
N SER A 23 -22.25 13.75 -19.86
CA SER A 23 -20.87 13.90 -20.26
C SER A 23 -20.58 15.29 -20.79
N ILE A 24 -21.49 15.86 -21.59
CA ILE A 24 -21.29 17.21 -22.10
C ILE A 24 -21.20 18.21 -20.95
N VAL A 25 -22.11 18.13 -19.99
CA VAL A 25 -22.11 19.08 -18.88
C VAL A 25 -20.82 18.96 -18.07
N ALA A 26 -20.45 17.73 -17.70
CA ALA A 26 -19.25 17.54 -16.90
C ALA A 26 -18.00 18.02 -17.63
N PHE A 27 -17.88 17.68 -18.92
CA PHE A 27 -16.71 18.08 -19.69
C PHE A 27 -16.64 19.61 -19.82
N GLN A 28 -17.77 20.26 -20.07
CA GLN A 28 -17.75 21.72 -20.18
C GLN A 28 -17.36 22.38 -18.88
N ILE A 29 -17.87 21.89 -17.74
CA ILE A 29 -17.48 22.49 -16.46
C ILE A 29 -15.99 22.30 -16.21
N VAL A 30 -15.47 21.09 -16.43
CA VAL A 30 -14.06 20.84 -16.21
C VAL A 30 -13.19 21.69 -17.13
N LEU A 31 -13.60 21.84 -18.40
CA LEU A 31 -12.84 22.66 -19.33
C LEU A 31 -12.85 24.13 -18.92
N GLY A 32 -14.00 24.63 -18.46
CA GLY A 32 -14.05 26.00 -17.99
C GLY A 32 -13.10 26.25 -16.84
N LEU A 33 -13.12 25.35 -15.85
CA LEU A 33 -12.18 25.47 -14.74
C LEU A 33 -10.74 25.44 -15.23
N LEU A 34 -10.41 24.49 -16.10
CA LEU A 34 -9.03 24.33 -16.56
C LEU A 34 -8.55 25.56 -17.31
N ILE A 35 -9.39 26.10 -18.20
CA ILE A 35 -8.97 27.27 -18.97
C ILE A 35 -8.85 28.51 -18.10
N HIS A 36 -9.75 28.69 -17.13
CA HIS A 36 -9.56 29.82 -16.22
C HIS A 36 -8.26 29.69 -15.42
N MET A 37 -7.93 28.50 -14.93
CA MET A 37 -6.65 28.34 -14.24
C MET A 37 -5.46 28.59 -15.16
N ILE A 38 -5.53 28.11 -16.40
CA ILE A 38 -4.41 28.31 -17.33
C ILE A 38 -4.21 29.80 -17.61
N VAL A 39 -5.30 30.52 -17.86
CA VAL A 39 -5.20 31.96 -18.12
C VAL A 39 -4.73 32.73 -16.89
N LEU A 40 -5.12 32.31 -15.68
CA LEU A 40 -4.74 33.03 -14.48
C LEU A 40 -3.24 33.12 -14.29
N SER A 41 -2.49 32.09 -14.70
CA SER A 41 -1.07 32.01 -14.42
C SER A 41 -0.19 32.72 -15.44
N THR A 42 -0.77 33.31 -16.49
CA THR A 42 -0.04 34.04 -17.52
C THR A 42 -0.06 35.53 -17.17
N ASP A 43 0.39 36.37 -18.10
CA ASP A 43 0.39 37.81 -17.89
C ASP A 43 -0.95 38.47 -18.24
N LEU A 44 -1.98 37.67 -18.49
CA LEU A 44 -3.34 38.16 -18.70
C LEU A 44 -4.17 38.14 -17.43
N ASN A 45 -3.53 37.93 -16.28
CA ASN A 45 -4.24 37.89 -15.01
C ASN A 45 -4.98 39.19 -14.76
N TRP A 46 -6.21 39.07 -14.24
CA TRP A 46 -7.05 40.23 -13.96
C TRP A 46 -7.21 40.52 -12.49
N LEU A 47 -6.74 39.65 -11.61
CA LEU A 47 -6.91 39.82 -10.17
C LEU A 47 -5.71 40.52 -9.53
N ASP A 48 -4.50 40.00 -9.77
CA ASP A 48 -3.28 40.48 -9.13
C ASP A 48 -2.48 41.39 -10.06
N ASP A 49 -3.14 42.16 -10.92
CA ASP A 49 -2.45 43.03 -11.85
C ASP A 49 -2.55 44.51 -11.47
N ASN A 50 -2.99 44.81 -10.24
CA ASN A 50 -2.98 46.17 -9.70
C ASN A 50 -3.74 47.16 -10.59
N ILE A 51 -4.83 46.72 -11.17
CA ILE A 51 -5.73 47.59 -11.93
C ILE A 51 -7.14 47.43 -11.36
N PRO A 52 -7.86 48.52 -11.07
CA PRO A 52 -7.47 49.91 -11.32
C PRO A 52 -6.56 50.52 -10.25
N VAL A 53 -6.42 49.86 -9.11
CA VAL A 53 -5.60 50.39 -8.02
C VAL A 53 -5.26 49.26 -7.06
N SER A 54 -4.02 49.26 -6.56
CA SER A 54 -3.64 48.31 -5.53
C SER A 54 -4.42 48.58 -4.25
N TYR A 55 -4.94 47.52 -3.64
CA TYR A 55 -5.80 47.65 -2.47
C TYR A 55 -5.06 47.37 -1.16
N GLN A 56 -4.09 46.46 -1.20
CA GLN A 56 -3.27 46.20 -0.02
C GLN A 56 -2.04 47.09 -0.02
N ALA A 57 -2.25 48.40 -0.13
CA ALA A 57 -1.15 49.36 -0.16
C ALA A 57 -1.65 50.76 0.22
N LEU B 7 -31.86 0.65 -30.76
CA LEU B 7 -30.85 0.22 -29.80
C LEU B 7 -31.10 0.84 -28.43
N THR B 8 -31.08 2.18 -28.37
CA THR B 8 -31.33 2.87 -27.12
C THR B 8 -32.79 2.81 -26.70
N GLY B 9 -33.68 2.39 -27.60
CA GLY B 9 -35.09 2.29 -27.33
C GLY B 9 -35.92 3.42 -27.90
N LEU B 10 -35.29 4.51 -28.33
CA LEU B 10 -36.01 5.63 -28.89
C LEU B 10 -36.61 5.25 -30.24
N THR B 11 -37.80 5.79 -30.53
CA THR B 11 -38.44 5.59 -31.82
C THR B 11 -37.86 6.57 -32.84
N ASP B 12 -38.50 6.68 -34.00
CA ASP B 12 -38.00 7.52 -35.08
C ASP B 12 -38.39 8.98 -34.98
N ASP B 13 -39.50 9.29 -34.29
CA ASP B 13 -39.90 10.69 -34.13
C ASP B 13 -39.25 11.32 -32.90
N GLU B 14 -39.07 10.54 -31.84
CA GLU B 14 -38.36 11.05 -30.66
C GLU B 14 -36.95 11.50 -31.03
N ALA B 15 -36.29 10.79 -31.94
CA ALA B 15 -34.98 11.21 -32.41
C ALA B 15 -35.04 12.57 -33.09
N LYS B 16 -36.05 12.80 -33.93
CA LYS B 16 -36.19 14.09 -34.59
C LYS B 16 -36.41 15.21 -33.57
N GLU B 17 -37.29 14.99 -32.61
CA GLU B 17 -37.57 16.02 -31.61
C GLU B 17 -36.33 16.33 -30.78
N PHE B 18 -35.63 15.28 -30.33
CA PHE B 18 -34.41 15.49 -29.54
C PHE B 18 -33.35 16.20 -30.35
N HIS B 19 -33.22 15.86 -31.64
CA HIS B 19 -32.22 16.54 -32.47
C HIS B 19 -32.55 18.02 -32.63
N ALA B 20 -33.82 18.35 -32.86
CA ALA B 20 -34.20 19.75 -32.99
C ALA B 20 -33.87 20.53 -31.72
N ILE B 21 -34.27 19.99 -30.56
CA ILE B 21 -34.01 20.70 -29.31
C ILE B 21 -32.51 20.79 -29.01
N PHE B 22 -31.77 19.72 -29.29
CA PHE B 22 -30.32 19.72 -29.05
C PHE B 22 -29.63 20.76 -29.92
N MET B 23 -30.01 20.85 -31.19
CA MET B 23 -29.41 21.85 -32.07
C MET B 23 -29.72 23.26 -31.59
N GLN B 24 -30.98 23.50 -31.19
CA GLN B 24 -31.34 24.84 -30.72
C GLN B 24 -30.52 25.23 -29.49
N SER B 25 -30.44 24.33 -28.51
CA SER B 25 -29.67 24.61 -27.30
C SER B 25 -28.19 24.80 -27.56
N MET B 26 -27.60 23.97 -28.43
CA MET B 26 -26.18 24.13 -28.74
C MET B 26 -25.90 25.45 -29.44
N TYR B 27 -26.78 25.86 -30.37
CA TYR B 27 -26.61 27.16 -31.02
C TYR B 27 -26.72 28.31 -30.03
N ALA B 28 -27.68 28.25 -29.10
CA ALA B 28 -27.77 29.31 -28.09
C ALA B 28 -26.51 29.37 -27.22
N TRP B 29 -25.99 28.21 -26.82
CA TRP B 29 -24.78 28.17 -26.00
C TRP B 29 -23.60 28.77 -26.76
N PHE B 30 -23.46 28.41 -28.04
CA PHE B 30 -22.38 28.97 -28.84
C PHE B 30 -22.51 30.48 -29.04
N GLY B 31 -23.73 30.98 -29.22
CA GLY B 31 -23.91 32.42 -29.27
C GLY B 31 -23.49 33.13 -28.01
N LEU B 32 -23.86 32.58 -26.85
CA LEU B 32 -23.41 33.17 -25.59
C LEU B 32 -21.88 33.16 -25.47
N VAL B 33 -21.25 32.04 -25.86
CA VAL B 33 -19.78 31.98 -25.82
C VAL B 33 -19.16 33.03 -26.73
N VAL B 34 -19.72 33.21 -27.93
CA VAL B 34 -19.19 34.19 -28.87
C VAL B 34 -19.29 35.60 -28.30
N ILE B 35 -20.43 35.94 -27.69
CA ILE B 35 -20.58 37.26 -27.09
C ILE B 35 -19.58 37.46 -25.96
N ALA B 36 -19.39 36.44 -25.12
CA ALA B 36 -18.45 36.57 -24.02
C ALA B 36 -17.03 36.78 -24.51
N HIS B 37 -16.61 36.02 -25.52
CA HIS B 37 -15.28 36.21 -26.11
C HIS B 37 -15.14 37.57 -26.79
N LEU B 38 -16.21 38.10 -27.39
CA LEU B 38 -16.15 39.45 -27.93
C LEU B 38 -15.87 40.47 -26.83
N LEU B 39 -16.58 40.36 -25.70
CA LEU B 39 -16.34 41.29 -24.60
C LEU B 39 -14.92 41.14 -24.07
N ALA B 40 -14.44 39.90 -23.90
CA ALA B 40 -13.08 39.69 -23.44
C ALA B 40 -12.05 40.27 -24.40
N TRP B 41 -12.29 40.18 -25.72
CA TRP B 41 -11.39 40.79 -26.67
C TRP B 41 -11.38 42.31 -26.60
N LEU B 42 -12.55 42.94 -26.44
CA LEU B 42 -12.57 44.38 -26.21
C LEU B 42 -11.93 44.79 -24.88
N TYR B 43 -11.84 43.88 -23.91
CA TYR B 43 -11.16 44.23 -22.66
C TYR B 43 -9.66 43.94 -22.72
N ARG B 44 -9.28 42.68 -22.96
CA ARG B 44 -7.89 42.23 -22.95
C ARG B 44 -7.56 41.54 -24.28
N PRO B 45 -7.10 42.28 -25.27
CA PRO B 45 -6.65 41.65 -26.51
C PRO B 45 -5.42 40.78 -26.27
N TRP B 46 -5.53 39.50 -26.58
CA TRP B 46 -4.47 38.54 -26.32
C TRP B 46 -3.64 38.20 -27.56
N LEU B 47 -4.24 38.27 -28.75
CA LEU B 47 -3.51 37.95 -29.97
C LEU B 47 -2.96 39.22 -30.63
N ASN C 5 -10.32 -0.90 -51.52
CA ASN C 5 -11.36 -1.56 -52.30
C ASN C 5 -12.68 -0.78 -52.21
N ALA C 6 -13.67 -1.20 -53.00
CA ALA C 6 -14.98 -0.59 -52.97
C ALA C 6 -15.91 -1.21 -51.94
N ASN C 7 -15.50 -2.29 -51.29
CA ASN C 7 -16.31 -2.98 -50.28
C ASN C 7 -15.81 -2.66 -48.87
N LEU C 8 -15.26 -1.47 -48.67
CA LEU C 8 -14.78 -1.07 -47.35
C LEU C 8 -15.91 -0.86 -46.35
N TYR C 9 -17.14 -0.65 -46.82
CA TYR C 9 -18.26 -0.40 -45.92
C TYR C 9 -18.58 -1.58 -45.03
N LYS C 10 -18.03 -2.75 -45.31
CA LYS C 10 -18.17 -3.93 -44.46
C LYS C 10 -17.35 -3.82 -43.18
N ILE C 11 -16.52 -2.78 -43.05
CA ILE C 11 -15.75 -2.58 -41.83
C ILE C 11 -16.62 -2.41 -40.60
N TRP C 12 -17.89 -2.04 -40.78
CA TRP C 12 -18.83 -1.89 -39.68
C TRP C 12 -19.54 -3.18 -39.32
N LEU C 13 -19.31 -4.24 -40.08
CA LEU C 13 -19.75 -5.58 -39.70
C LEU C 13 -18.75 -6.28 -38.79
N ILE C 14 -17.62 -5.64 -38.52
CA ILE C 14 -16.61 -6.17 -37.61
C ILE C 14 -16.44 -5.28 -36.38
N LEU C 15 -16.44 -3.96 -36.57
CA LEU C 15 -16.24 -3.00 -35.49
C LEU C 15 -17.57 -2.37 -35.12
N ASP C 16 -17.87 -2.34 -33.82
CA ASP C 16 -19.13 -1.79 -33.35
C ASP C 16 -19.11 -0.27 -33.48
N PRO C 17 -20.09 0.33 -34.17
CA PRO C 17 -20.04 1.78 -34.40
C PRO C 17 -20.00 2.63 -33.14
N ARG C 18 -20.73 2.23 -32.09
CA ARG C 18 -20.83 3.06 -30.89
C ARG C 18 -19.48 3.21 -30.20
N ARG C 19 -18.78 2.08 -30.00
CA ARG C 19 -17.47 2.14 -29.37
C ARG C 19 -16.48 2.90 -30.23
N VAL C 20 -16.58 2.76 -31.56
CA VAL C 20 -15.69 3.51 -32.45
C VAL C 20 -15.90 5.01 -32.27
N LEU C 21 -17.16 5.45 -32.23
CA LEU C 21 -17.44 6.87 -32.06
C LEU C 21 -16.96 7.39 -30.72
N VAL C 22 -17.22 6.64 -29.64
CA VAL C 22 -16.78 7.08 -28.31
C VAL C 22 -15.26 7.18 -28.25
N SER C 23 -14.56 6.16 -28.77
CA SER C 23 -13.10 6.18 -28.78
C SER C 23 -12.56 7.33 -29.62
N ILE C 24 -13.15 7.60 -30.78
CA ILE C 24 -12.71 8.71 -31.61
C ILE C 24 -12.86 10.03 -30.87
N VAL C 25 -14.02 10.25 -30.24
CA VAL C 25 -14.26 11.51 -29.55
C VAL C 25 -13.26 11.69 -28.40
N ALA C 26 -13.09 10.65 -27.58
CA ALA C 26 -12.17 10.75 -26.46
C ALA C 26 -10.74 10.98 -26.92
N PHE C 27 -10.30 10.25 -27.95
CA PHE C 27 -8.94 10.42 -28.45
C PHE C 27 -8.72 11.81 -29.03
N GLN C 28 -9.69 12.34 -29.77
CA GLN C 28 -9.54 13.68 -30.32
C GLN C 28 -9.44 14.73 -29.22
N ILE C 29 -10.27 14.62 -28.17
CA ILE C 29 -10.19 15.60 -27.09
C ILE C 29 -8.85 15.52 -26.38
N VAL C 30 -8.39 14.29 -26.07
CA VAL C 30 -7.11 14.13 -25.38
C VAL C 30 -5.97 14.65 -26.24
N LEU C 31 -5.99 14.36 -27.54
CA LEU C 31 -4.94 14.84 -28.42
C LEU C 31 -4.94 16.36 -28.52
N GLY C 32 -6.12 16.98 -28.58
CA GLY C 32 -6.17 18.43 -28.61
C GLY C 32 -5.56 19.04 -27.37
N LEU C 33 -5.91 18.49 -26.20
CA LEU C 33 -5.31 18.99 -24.96
C LEU C 33 -3.80 18.81 -24.96
N LEU C 34 -3.32 17.64 -25.39
CA LEU C 34 -1.89 17.35 -25.37
C LEU C 34 -1.13 18.29 -26.30
N ILE C 35 -1.63 18.51 -27.51
CA ILE C 35 -0.95 19.39 -28.46
C ILE C 35 -1.01 20.85 -28.03
N HIS C 36 -2.12 21.31 -27.45
CA HIS C 36 -2.15 22.65 -26.92
C HIS C 36 -1.21 22.84 -25.73
N MET C 37 -0.96 21.81 -24.93
CA MET C 37 0.05 21.90 -23.88
C MET C 37 1.47 21.86 -24.39
N ILE C 38 1.76 21.03 -25.41
CA ILE C 38 3.12 20.92 -25.92
C ILE C 38 3.59 22.23 -26.53
N VAL C 39 2.73 22.87 -27.33
CA VAL C 39 3.10 24.11 -28.00
C VAL C 39 3.32 25.25 -27.00
N LEU C 40 2.57 25.27 -25.90
CA LEU C 40 2.65 26.37 -24.95
C LEU C 40 4.05 26.50 -24.33
N SER C 41 4.77 25.39 -24.16
CA SER C 41 6.07 25.43 -23.51
C SER C 41 7.21 25.83 -24.45
N THR C 42 6.95 25.96 -25.74
CA THR C 42 7.98 26.37 -26.69
C THR C 42 7.97 27.89 -26.86
N ASP C 43 8.66 28.40 -27.88
CA ASP C 43 8.68 29.82 -28.15
C ASP C 43 7.54 30.26 -29.06
N LEU C 44 6.59 29.38 -29.34
CA LEU C 44 5.38 29.72 -30.08
C LEU C 44 4.24 30.12 -29.16
N ASN C 45 4.51 30.29 -27.86
CA ASN C 45 3.48 30.67 -26.91
C ASN C 45 2.83 31.99 -27.31
N TRP C 46 1.50 32.04 -27.19
CA TRP C 46 0.75 33.23 -27.55
C TRP C 46 0.23 34.02 -26.34
N LEU C 47 0.21 33.41 -25.16
CA LEU C 47 -0.32 34.08 -23.98
C LEU C 47 0.74 34.98 -23.35
N ASP C 48 1.86 34.38 -22.92
CA ASP C 48 2.90 35.10 -22.19
C ASP C 48 4.06 35.48 -23.11
N ASP C 49 3.77 36.36 -24.07
CA ASP C 49 4.80 36.86 -24.97
C ASP C 49 4.72 38.37 -25.16
N ASN C 50 3.98 39.08 -24.32
CA ASN C 50 3.93 40.55 -24.33
C ASN C 50 3.55 41.11 -25.69
N ILE C 51 2.58 40.46 -26.34
CA ILE C 51 2.01 40.95 -27.59
C ILE C 51 0.50 40.99 -27.44
N PRO C 52 -0.16 42.11 -27.75
CA PRO C 52 0.40 43.34 -28.31
C PRO C 52 1.10 44.24 -27.28
N VAL C 53 0.75 44.08 -26.01
CA VAL C 53 1.31 44.91 -24.95
C VAL C 53 1.31 44.13 -23.64
N SER C 54 2.26 44.41 -22.76
CA SER C 54 2.30 43.80 -21.45
C SER C 54 1.24 44.43 -20.56
N TYR C 55 0.54 43.59 -19.80
CA TYR C 55 -0.58 44.04 -18.97
C TYR C 55 -0.23 44.10 -17.49
N GLN C 56 0.61 43.18 -17.01
CA GLN C 56 1.04 43.22 -15.62
C GLN C 56 1.85 44.48 -15.33
N ALA C 57 2.73 44.85 -16.25
CA ALA C 57 3.56 46.03 -16.08
C ALA C 57 2.73 47.30 -16.28
N SER D 6 -22.53 -11.38 -39.18
CA SER D 6 -22.32 -10.03 -38.66
C SER D 6 -22.18 -10.05 -37.15
N LEU D 7 -20.97 -9.80 -36.66
CA LEU D 7 -20.74 -9.77 -35.22
C LEU D 7 -21.51 -8.64 -34.55
N THR D 8 -21.52 -7.46 -35.18
CA THR D 8 -22.18 -6.30 -34.59
C THR D 8 -23.69 -6.32 -34.76
N GLY D 9 -24.23 -7.24 -35.57
CA GLY D 9 -25.67 -7.34 -35.74
C GLY D 9 -26.28 -6.28 -36.62
N LEU D 10 -25.51 -5.68 -37.53
CA LEU D 10 -26.03 -4.69 -38.46
C LEU D 10 -26.19 -5.32 -39.84
N THR D 11 -27.27 -4.94 -40.52
CA THR D 11 -27.51 -5.40 -41.88
C THR D 11 -26.60 -4.65 -42.86
N ASP D 12 -26.62 -5.12 -44.11
CA ASP D 12 -25.74 -4.53 -45.12
C ASP D 12 -26.11 -3.08 -45.42
N ASP D 13 -27.42 -2.79 -45.55
CA ASP D 13 -27.86 -1.44 -45.84
C ASP D 13 -27.53 -0.47 -44.71
N GLU D 14 -27.69 -0.90 -43.46
CA GLU D 14 -27.31 -0.06 -42.34
C GLU D 14 -25.82 0.24 -42.36
N ALA D 15 -25.00 -0.75 -42.70
CA ALA D 15 -23.57 -0.52 -42.82
C ALA D 15 -23.27 0.50 -43.91
N LYS D 16 -23.94 0.38 -45.06
CA LYS D 16 -23.72 1.34 -46.14
C LYS D 16 -24.08 2.76 -45.71
N GLU D 17 -25.24 2.93 -45.09
CA GLU D 17 -25.68 4.26 -44.67
C GLU D 17 -24.73 4.84 -43.62
N PHE D 18 -24.32 4.02 -42.66
CA PHE D 18 -23.39 4.49 -41.63
C PHE D 18 -22.06 4.89 -42.24
N HIS D 19 -21.57 4.11 -43.21
CA HIS D 19 -20.32 4.46 -43.86
C HIS D 19 -20.42 5.78 -44.59
N ALA D 20 -21.54 6.01 -45.30
CA ALA D 20 -21.72 7.27 -46.00
C ALA D 20 -21.70 8.45 -45.03
N ILE D 21 -22.46 8.35 -43.94
CA ILE D 21 -22.54 9.46 -42.99
C ILE D 21 -21.20 9.67 -42.30
N PHE D 22 -20.50 8.58 -41.96
CA PHE D 22 -19.20 8.68 -41.31
C PHE D 22 -18.20 9.38 -42.23
N MET D 23 -18.18 9.01 -43.51
CA MET D 23 -17.26 9.63 -44.45
C MET D 23 -17.55 11.12 -44.59
N GLN D 24 -18.82 11.48 -44.69
CA GLN D 24 -19.18 12.89 -44.83
C GLN D 24 -18.75 13.70 -43.60
N SER D 25 -19.03 13.18 -42.41
CA SER D 25 -18.66 13.90 -41.19
C SER D 25 -17.15 14.02 -41.05
N MET D 26 -16.41 12.95 -41.38
CA MET D 26 -14.95 13.01 -41.27
C MET D 26 -14.38 14.03 -42.24
N TYR D 27 -14.92 14.09 -43.46
CA TYR D 27 -14.45 15.09 -44.42
C TYR D 27 -14.72 16.51 -43.93
N ALA D 28 -15.90 16.73 -43.34
CA ALA D 28 -16.19 18.06 -42.81
C ALA D 28 -15.22 18.44 -41.69
N TRP D 29 -14.94 17.49 -40.80
CA TRP D 29 -14.00 17.74 -39.71
C TRP D 29 -12.61 18.07 -40.23
N PHE D 30 -12.14 17.31 -41.23
CA PHE D 30 -10.84 17.58 -41.81
C PHE D 30 -10.80 18.94 -42.50
N GLY D 31 -11.89 19.34 -43.15
CA GLY D 31 -11.94 20.67 -43.74
C GLY D 31 -11.79 21.77 -42.70
N LEU D 32 -12.50 21.64 -41.58
CA LEU D 32 -12.36 22.62 -40.52
C LEU D 32 -10.93 22.66 -39.98
N VAL D 33 -10.32 21.49 -39.79
CA VAL D 33 -8.94 21.45 -39.30
C VAL D 33 -8.00 22.14 -40.27
N VAL D 34 -8.19 21.90 -41.57
CA VAL D 34 -7.31 22.51 -42.58
C VAL D 34 -7.45 24.03 -42.55
N ILE D 35 -8.68 24.53 -42.44
CA ILE D 35 -8.88 25.99 -42.39
C ILE D 35 -8.21 26.57 -41.16
N ALA D 36 -8.35 25.90 -40.01
CA ALA D 36 -7.74 26.40 -38.79
C ALA D 36 -6.22 26.43 -38.89
N HIS D 37 -5.62 25.38 -39.47
CA HIS D 37 -4.17 25.38 -39.63
C HIS D 37 -3.71 26.44 -40.62
N LEU D 38 -4.51 26.71 -41.66
CA LEU D 38 -4.18 27.79 -42.58
C LEU D 38 -4.15 29.13 -41.84
N LEU D 39 -5.15 29.38 -41.01
CA LEU D 39 -5.16 30.63 -40.23
C LEU D 39 -3.96 30.71 -39.29
N ALA D 40 -3.65 29.60 -38.61
CA ALA D 40 -2.52 29.59 -37.70
C ALA D 40 -1.20 29.85 -38.41
N TRP D 41 -1.03 29.28 -39.61
CA TRP D 41 0.18 29.55 -40.39
C TRP D 41 0.22 31.00 -40.85
N LEU D 42 -0.94 31.58 -41.19
CA LEU D 42 -0.97 32.99 -41.56
C LEU D 42 -0.56 33.87 -40.39
N TYR D 43 -0.91 33.47 -39.17
CA TYR D 43 -0.57 34.29 -38.00
C TYR D 43 0.87 34.03 -37.54
N ARG D 44 1.18 32.79 -37.18
CA ARG D 44 2.46 32.45 -36.55
C ARG D 44 3.12 31.28 -37.30
N PRO D 45 3.87 31.57 -38.35
CA PRO D 45 4.60 30.51 -39.06
C PRO D 45 5.56 29.78 -38.14
N TRP D 46 5.63 28.45 -38.29
CA TRP D 46 6.48 27.64 -37.44
C TRP D 46 7.56 26.88 -38.18
N LEU D 47 7.37 26.58 -39.47
CA LEU D 47 8.36 25.83 -40.24
C LEU D 47 9.28 26.77 -41.01
N ALA E 6 1.31 -18.88 -51.50
CA ALA E 6 0.10 -18.31 -52.07
C ALA E 6 -1.10 -18.54 -51.14
N ASN E 7 -0.94 -19.44 -50.18
CA ASN E 7 -1.99 -19.76 -49.22
C ASN E 7 -1.84 -18.99 -47.91
N LEU E 8 -1.27 -17.78 -47.96
CA LEU E 8 -1.12 -16.97 -46.77
C LEU E 8 -2.44 -16.42 -46.25
N TYR E 9 -3.48 -16.35 -47.10
CA TYR E 9 -4.76 -15.80 -46.69
C TYR E 9 -5.42 -16.62 -45.59
N LYS E 10 -4.88 -17.80 -45.25
CA LYS E 10 -5.38 -18.60 -44.15
C LYS E 10 -4.92 -18.08 -42.80
N ILE E 11 -4.09 -17.03 -42.76
CA ILE E 11 -3.66 -16.44 -41.51
C ILE E 11 -4.83 -15.87 -40.71
N TRP E 12 -5.95 -15.59 -41.36
CA TRP E 12 -7.14 -15.08 -40.68
C TRP E 12 -8.03 -16.18 -40.13
N LEU E 13 -7.72 -17.45 -40.41
CA LEU E 13 -8.38 -18.57 -39.77
C LEU E 13 -7.75 -18.93 -38.42
N ILE E 14 -6.65 -18.28 -38.06
CA ILE E 14 -6.02 -18.44 -36.76
C ILE E 14 -6.15 -17.17 -35.93
N LEU E 15 -5.80 -16.02 -36.50
CA LEU E 15 -5.87 -14.75 -35.80
C LEU E 15 -7.25 -14.11 -36.01
N ASP E 16 -7.81 -13.57 -34.94
CA ASP E 16 -9.12 -12.93 -35.03
C ASP E 16 -8.98 -11.57 -35.70
N PRO E 17 -9.74 -11.29 -36.76
CA PRO E 17 -9.58 -10.02 -37.49
C PRO E 17 -9.79 -8.78 -36.65
N ARG E 18 -10.74 -8.79 -35.72
CA ARG E 18 -11.08 -7.57 -34.98
C ARG E 18 -9.96 -7.15 -34.03
N ARG E 19 -9.47 -8.10 -33.22
CA ARG E 19 -8.41 -7.77 -32.28
C ARG E 19 -7.13 -7.39 -33.00
N VAL E 20 -6.87 -7.97 -34.16
CA VAL E 20 -5.70 -7.60 -34.95
C VAL E 20 -5.77 -6.13 -35.34
N LEU E 21 -6.94 -5.69 -35.84
CA LEU E 21 -7.10 -4.30 -36.22
C LEU E 21 -7.00 -3.35 -35.03
N VAL E 22 -7.63 -3.71 -33.91
CA VAL E 22 -7.53 -2.85 -32.73
C VAL E 22 -6.10 -2.73 -32.25
N SER E 23 -5.36 -3.85 -32.19
CA SER E 23 -3.97 -3.82 -31.78
C SER E 23 -3.11 -3.00 -32.74
N ILE E 24 -3.33 -3.14 -34.05
CA ILE E 24 -2.57 -2.35 -35.01
C ILE E 24 -2.81 -0.86 -34.79
N VAL E 25 -4.08 -0.46 -34.64
CA VAL E 25 -4.39 0.96 -34.47
C VAL E 25 -3.73 1.51 -33.20
N ALA E 26 -3.90 0.79 -32.09
CA ALA E 26 -3.34 1.28 -30.83
C ALA E 26 -1.82 1.35 -30.89
N PHE E 27 -1.18 0.31 -31.44
CA PHE E 27 0.28 0.30 -31.51
C PHE E 27 0.80 1.42 -32.40
N GLN E 28 0.14 1.66 -33.54
CA GLN E 28 0.60 2.72 -34.44
C GLN E 28 0.46 4.08 -33.78
N ILE E 29 -0.64 4.33 -33.07
CA ILE E 29 -0.81 5.61 -32.40
C ILE E 29 0.28 5.81 -31.34
N VAL E 30 0.51 4.77 -30.52
CA VAL E 30 1.51 4.88 -29.47
C VAL E 30 2.91 5.09 -30.07
N LEU E 31 3.21 4.38 -31.15
CA LEU E 31 4.50 4.55 -31.81
C LEU E 31 4.67 5.95 -32.37
N GLY E 32 3.62 6.50 -32.97
CA GLY E 32 3.71 7.85 -33.49
C GLY E 32 4.01 8.86 -32.39
N LEU E 33 3.28 8.75 -31.27
CA LEU E 33 3.57 9.64 -30.13
C LEU E 33 5.00 9.46 -29.64
N LEU E 34 5.46 8.21 -29.50
CA LEU E 34 6.79 7.96 -28.95
C LEU E 34 7.87 8.52 -29.85
N ILE E 35 7.76 8.30 -31.16
CA ILE E 35 8.78 8.80 -32.07
C ILE E 35 8.76 10.32 -32.16
N HIS E 36 7.59 10.95 -32.15
CA HIS E 36 7.57 12.41 -32.13
C HIS E 36 8.22 12.98 -30.87
N MET E 37 7.94 12.39 -29.69
CA MET E 37 8.62 12.85 -28.47
C MET E 37 10.12 12.61 -28.54
N ILE E 38 10.56 11.47 -29.06
CA ILE E 38 12.00 11.19 -29.12
C ILE E 38 12.70 12.18 -30.03
N VAL E 39 12.11 12.46 -31.20
CA VAL E 39 12.71 13.41 -32.13
C VAL E 39 12.70 14.83 -31.55
N LEU E 40 11.67 15.19 -30.77
CA LEU E 40 11.59 16.53 -30.23
C LEU E 40 12.76 16.88 -29.32
N SER E 41 13.40 15.90 -28.70
CA SER E 41 14.43 16.16 -27.70
C SER E 41 15.85 16.20 -28.27
N THR E 42 16.02 16.04 -29.59
CA THR E 42 17.31 16.09 -30.24
C THR E 42 17.48 17.47 -30.90
N ASP E 43 18.53 17.62 -31.71
CA ASP E 43 18.76 18.88 -32.42
C ASP E 43 17.97 18.98 -33.71
N LEU E 44 17.07 18.03 -33.95
CA LEU E 44 16.13 18.10 -35.08
C LEU E 44 14.82 18.77 -34.70
N ASN E 45 14.75 19.37 -33.52
CA ASN E 45 13.53 20.03 -33.06
C ASN E 45 13.13 21.14 -34.03
N TRP E 46 11.84 21.19 -34.35
CA TRP E 46 11.30 22.18 -35.27
C TRP E 46 10.56 23.31 -34.59
N LEU E 47 10.26 23.19 -33.29
CA LEU E 47 9.49 24.20 -32.58
C LEU E 47 10.41 25.26 -31.96
N ASP E 48 11.31 24.83 -31.08
CA ASP E 48 12.19 25.73 -30.34
C ASP E 48 13.54 25.91 -31.00
N ASP E 49 13.56 26.27 -32.28
CA ASP E 49 14.82 26.49 -33.00
C ASP E 49 14.92 27.86 -33.64
N ASN E 50 14.04 28.80 -33.28
CA ASN E 50 14.11 30.20 -33.74
C ASN E 50 14.12 30.30 -35.27
N ILE E 51 13.41 29.41 -35.94
CA ILE E 51 13.26 29.45 -37.40
C ILE E 51 11.77 29.52 -37.71
N PRO E 52 11.32 30.46 -38.55
CA PRO E 52 12.14 31.43 -39.28
C PRO E 52 12.52 32.67 -38.48
N VAL E 53 11.96 32.82 -37.27
CA VAL E 53 12.24 33.98 -36.44
C VAL E 53 11.82 33.69 -35.00
N SER E 54 12.47 34.34 -34.05
CA SER E 54 12.10 34.21 -32.64
C SER E 54 10.89 35.09 -32.35
N TYR E 55 9.92 34.51 -31.63
CA TYR E 55 8.65 35.18 -31.37
C TYR E 55 8.58 35.76 -29.96
N GLN E 56 9.15 35.07 -28.98
CA GLN E 56 9.15 35.59 -27.62
C GLN E 56 9.97 36.87 -27.53
N ALA E 57 11.11 36.91 -28.20
CA ALA E 57 11.97 38.10 -28.20
C ALA E 57 11.38 39.20 -29.06
N SER F 6 -12.96 -23.37 -38.46
CA SER F 6 -11.83 -22.58 -38.02
C SER F 6 -12.05 -22.02 -36.62
N LEU F 7 -10.96 -21.67 -35.94
CA LEU F 7 -11.07 -21.16 -34.58
C LEU F 7 -11.79 -19.82 -34.55
N THR F 8 -11.46 -18.93 -35.48
CA THR F 8 -12.11 -17.62 -35.52
C THR F 8 -13.55 -17.72 -35.98
N GLY F 9 -13.89 -18.75 -36.75
CA GLY F 9 -15.23 -18.93 -37.26
C GLY F 9 -15.43 -18.44 -38.69
N LEU F 10 -14.47 -17.72 -39.24
CA LEU F 10 -14.60 -17.24 -40.61
C LEU F 10 -14.47 -18.38 -41.60
N THR F 11 -15.17 -18.26 -42.73
CA THR F 11 -15.06 -19.23 -43.81
C THR F 11 -13.83 -18.92 -44.65
N ASP F 12 -13.71 -19.57 -45.82
CA ASP F 12 -12.55 -19.36 -46.67
C ASP F 12 -12.68 -18.14 -47.56
N ASP F 13 -13.86 -17.93 -48.17
CA ASP F 13 -14.06 -16.76 -49.01
C ASP F 13 -14.00 -15.47 -48.21
N GLU F 14 -14.54 -15.47 -46.99
CA GLU F 14 -14.43 -14.31 -46.11
C GLU F 14 -12.98 -14.02 -45.78
N ALA F 15 -12.18 -15.06 -45.52
CA ALA F 15 -10.76 -14.86 -45.26
C ALA F 15 -10.06 -14.26 -46.48
N LYS F 16 -10.39 -14.75 -47.67
CA LYS F 16 -9.78 -14.21 -48.89
C LYS F 16 -10.13 -12.74 -49.07
N GLU F 17 -11.39 -12.38 -48.89
CA GLU F 17 -11.82 -10.99 -49.05
C GLU F 17 -11.14 -10.09 -48.02
N PHE F 18 -11.08 -10.55 -46.76
CA PHE F 18 -10.43 -9.75 -45.73
C PHE F 18 -8.95 -9.59 -46.04
N HIS F 19 -8.28 -10.63 -46.53
CA HIS F 19 -6.87 -10.51 -46.87
C HIS F 19 -6.65 -9.49 -47.98
N ALA F 20 -7.51 -9.53 -49.01
CA ALA F 20 -7.37 -8.56 -50.10
C ALA F 20 -7.52 -7.13 -49.60
N ILE F 21 -8.57 -6.87 -48.81
CA ILE F 21 -8.78 -5.50 -48.33
C ILE F 21 -7.68 -5.08 -47.37
N PHE F 22 -7.21 -5.99 -46.52
CA PHE F 22 -6.12 -5.67 -45.59
C PHE F 22 -4.86 -5.30 -46.35
N MET F 23 -4.52 -6.06 -47.39
CA MET F 23 -3.33 -5.74 -48.17
C MET F 23 -3.47 -4.39 -48.86
N GLN F 24 -4.64 -4.11 -49.43
CA GLN F 24 -4.83 -2.82 -50.09
C GLN F 24 -4.66 -1.66 -49.11
N SER F 25 -5.29 -1.75 -47.93
CA SER F 25 -5.16 -0.69 -46.94
C SER F 25 -3.74 -0.55 -46.42
N MET F 26 -3.04 -1.66 -46.17
CA MET F 26 -1.66 -1.58 -45.70
C MET F 26 -0.76 -0.92 -46.74
N TYR F 27 -0.93 -1.26 -48.01
CA TYR F 27 -0.15 -0.62 -49.06
C TYR F 27 -0.44 0.88 -49.18
N ALA F 28 -1.71 1.29 -49.07
CA ALA F 28 -2.00 2.73 -49.08
C ALA F 28 -1.35 3.45 -47.90
N TRP F 29 -1.42 2.85 -46.71
CA TRP F 29 -0.80 3.46 -45.53
C TRP F 29 0.71 3.59 -45.71
N PHE F 30 1.36 2.55 -46.24
CA PHE F 30 2.79 2.63 -46.49
C PHE F 30 3.14 3.67 -47.54
N GLY F 31 2.33 3.82 -48.58
CA GLY F 31 2.59 4.87 -49.56
C GLY F 31 2.53 6.26 -48.95
N LEU F 32 1.51 6.51 -48.11
CA LEU F 32 1.44 7.81 -47.43
C LEU F 32 2.64 8.03 -46.51
N VAL F 33 3.06 7.01 -45.77
CA VAL F 33 4.22 7.14 -44.90
C VAL F 33 5.47 7.47 -45.73
N VAL F 34 5.64 6.82 -46.87
CA VAL F 34 6.80 7.07 -47.71
C VAL F 34 6.80 8.50 -48.22
N ILE F 35 5.65 9.00 -48.65
CA ILE F 35 5.58 10.38 -49.12
C ILE F 35 5.91 11.36 -48.00
N ALA F 36 5.38 11.10 -46.80
CA ALA F 36 5.65 11.99 -45.67
C ALA F 36 7.14 12.00 -45.33
N HIS F 37 7.77 10.82 -45.34
CA HIS F 37 9.21 10.77 -45.08
C HIS F 37 10.04 11.44 -46.16
N LEU F 38 9.60 11.35 -47.42
CA LEU F 38 10.27 12.11 -48.48
C LEU F 38 10.21 13.60 -48.22
N LEU F 39 9.04 14.11 -47.83
CA LEU F 39 8.94 15.53 -47.51
C LEU F 39 9.83 15.91 -46.31
N ALA F 40 9.81 15.09 -45.26
CA ALA F 40 10.64 15.38 -44.09
C ALA F 40 12.13 15.36 -44.42
N TRP F 41 12.57 14.44 -45.29
CA TRP F 41 13.95 14.45 -45.75
C TRP F 41 14.27 15.68 -46.58
N LEU F 42 13.37 16.11 -47.45
CA LEU F 42 13.57 17.35 -48.19
C LEU F 42 13.65 18.57 -47.29
N TYR F 43 13.01 18.53 -46.12
CA TYR F 43 13.09 19.66 -45.20
C TYR F 43 14.35 19.61 -44.34
N ARG F 44 14.49 18.56 -43.52
CA ARG F 44 15.57 18.43 -42.53
C ARG F 44 16.26 17.09 -42.70
N PRO F 45 17.30 17.00 -43.53
CA PRO F 45 18.08 15.77 -43.62
C PRO F 45 18.68 15.39 -42.28
N TRP F 46 18.58 14.12 -41.92
CA TRP F 46 19.10 13.63 -40.65
C TRP F 46 20.28 12.68 -40.80
N LEU F 47 20.36 11.96 -41.91
CA LEU F 47 21.44 11.00 -42.12
C LEU F 47 22.62 11.65 -42.83
N ASN G 5 16.14 -32.11 -38.65
CA ASN G 5 15.51 -33.41 -38.82
C ASN G 5 14.31 -33.30 -39.76
N ALA G 6 13.95 -34.41 -40.40
CA ALA G 6 12.84 -34.42 -41.34
C ALA G 6 11.48 -34.39 -40.65
N ASN G 7 11.39 -34.90 -39.42
CA ASN G 7 10.13 -34.95 -38.68
C ASN G 7 9.98 -33.79 -37.71
N LEU G 8 10.54 -32.63 -38.04
CA LEU G 8 10.45 -31.45 -37.18
C LEU G 8 9.12 -30.73 -37.31
N TYR G 9 8.28 -31.11 -38.28
CA TYR G 9 6.98 -30.46 -38.46
C TYR G 9 5.99 -30.84 -37.37
N LYS G 10 6.31 -31.80 -36.52
CA LYS G 10 5.42 -32.22 -35.44
C LYS G 10 5.49 -31.29 -34.24
N ILE G 11 6.35 -30.27 -34.28
CA ILE G 11 6.44 -29.31 -33.19
C ILE G 11 5.16 -28.53 -33.00
N TRP G 12 4.30 -28.46 -34.02
CA TRP G 12 3.03 -27.76 -33.93
C TRP G 12 1.92 -28.64 -33.35
N LEU G 13 2.19 -29.92 -33.10
CA LEU G 13 1.29 -30.77 -32.35
C LEU G 13 1.52 -30.66 -30.85
N ILE G 14 2.52 -29.88 -30.43
CA ILE G 14 2.79 -29.62 -29.03
C ILE G 14 2.54 -28.15 -28.69
N LEU G 15 3.04 -27.25 -29.52
CA LEU G 15 2.90 -25.81 -29.30
C LEU G 15 1.73 -25.27 -30.12
N ASP G 16 0.92 -24.44 -29.48
CA ASP G 16 -0.23 -23.85 -30.16
C ASP G 16 0.23 -22.72 -31.08
N PRO G 17 -0.08 -22.79 -32.38
CA PRO G 17 0.44 -21.78 -33.33
C PRO G 17 0.08 -20.34 -32.98
N ARG G 18 -1.14 -20.10 -32.50
CA ARG G 18 -1.60 -18.74 -32.26
C ARG G 18 -0.75 -18.05 -31.20
N ARG G 19 -0.57 -18.71 -30.05
CA ARG G 19 0.26 -18.14 -29.00
C ARG G 19 1.70 -17.97 -29.46
N VAL G 20 2.19 -18.90 -30.28
CA VAL G 20 3.55 -18.79 -30.80
C VAL G 20 3.71 -17.52 -31.62
N LEU G 21 2.78 -17.27 -32.55
CA LEU G 21 2.87 -16.07 -33.37
C LEU G 21 2.71 -14.80 -32.55
N VAL G 22 1.77 -14.78 -31.59
CA VAL G 22 1.61 -13.59 -30.77
C VAL G 22 2.87 -13.30 -29.96
N SER G 23 3.45 -14.33 -29.34
CA SER G 23 4.67 -14.15 -28.58
C SER G 23 5.83 -13.69 -29.46
N ILE G 24 5.95 -14.26 -30.65
CA ILE G 24 7.03 -13.84 -31.56
C ILE G 24 6.89 -12.37 -31.91
N VAL G 25 5.67 -11.94 -32.26
CA VAL G 25 5.47 -10.55 -32.66
C VAL G 25 5.79 -9.61 -31.50
N ALA G 26 5.24 -9.91 -30.32
CA ALA G 26 5.49 -9.04 -29.17
C ALA G 26 6.96 -8.97 -28.80
N PHE G 27 7.63 -10.13 -28.77
CA PHE G 27 9.04 -10.16 -28.40
C PHE G 27 9.90 -9.41 -29.42
N GLN G 28 9.62 -9.58 -30.71
CA GLN G 28 10.38 -8.84 -31.72
C GLN G 28 10.19 -7.34 -31.61
N ILE G 29 8.96 -6.87 -31.38
CA ILE G 29 8.76 -5.43 -31.22
C ILE G 29 9.51 -4.91 -30.00
N VAL G 30 9.40 -5.62 -28.87
CA VAL G 30 10.09 -5.18 -27.66
C VAL G 30 11.60 -5.19 -27.86
N LEU G 31 12.14 -6.21 -28.54
CA LEU G 31 13.57 -6.26 -28.79
C LEU G 31 14.03 -5.12 -29.69
N GLY G 32 13.24 -4.79 -30.72
CA GLY G 32 13.59 -3.66 -31.56
C GLY G 32 13.66 -2.37 -30.77
N LEU G 33 12.65 -2.12 -29.93
CA LEU G 33 12.67 -0.92 -29.10
C LEU G 33 13.87 -0.90 -28.17
N LEU G 34 14.17 -2.05 -27.53
CA LEU G 34 15.27 -2.10 -26.57
C LEU G 34 16.61 -1.87 -27.25
N ILE G 35 16.84 -2.47 -28.42
CA ILE G 35 18.10 -2.29 -29.11
C ILE G 35 18.24 -0.86 -29.61
N HIS G 36 17.16 -0.23 -30.04
CA HIS G 36 17.25 1.18 -30.42
C HIS G 36 17.59 2.06 -29.22
N MET G 37 16.96 1.80 -28.06
CA MET G 37 17.35 2.50 -26.83
C MET G 37 18.83 2.34 -26.54
N ILE G 38 19.34 1.11 -26.63
CA ILE G 38 20.73 0.84 -26.27
C ILE G 38 21.67 1.56 -27.23
N VAL G 39 21.40 1.48 -28.54
CA VAL G 39 22.27 2.10 -29.52
C VAL G 39 22.24 3.62 -29.43
N LEU G 40 21.09 4.21 -29.11
CA LEU G 40 20.99 5.67 -29.07
C LEU G 40 21.88 6.29 -28.01
N SER G 41 22.22 5.55 -26.96
CA SER G 41 22.99 6.10 -25.84
C SER G 41 24.49 5.88 -25.97
N THR G 42 25.00 5.59 -27.16
CA THR G 42 26.42 5.39 -27.41
C THR G 42 26.91 6.44 -28.41
N ASP G 43 28.14 6.30 -28.89
CA ASP G 43 28.70 7.22 -29.86
C ASP G 43 28.28 6.88 -31.29
N LEU G 44 27.38 5.90 -31.46
CA LEU G 44 26.80 5.59 -32.75
C LEU G 44 25.49 6.33 -33.00
N ASN G 45 25.15 7.29 -32.15
CA ASN G 45 23.91 8.05 -32.31
C ASN G 45 23.89 8.76 -33.66
N TRP G 46 22.73 8.72 -34.32
CA TRP G 46 22.58 9.32 -35.63
C TRP G 46 21.77 10.61 -35.61
N LEU G 47 21.11 10.92 -34.49
CA LEU G 47 20.29 12.13 -34.39
C LEU G 47 21.09 13.32 -33.89
N ASP G 48 21.66 13.22 -32.70
CA ASP G 48 22.39 14.31 -32.07
C ASP G 48 23.90 14.22 -32.29
N ASP G 49 24.32 14.20 -33.55
CA ASP G 49 25.75 14.17 -33.88
C ASP G 49 26.14 15.23 -34.90
N ASN G 50 25.28 16.21 -35.16
CA ASN G 50 25.60 17.36 -36.01
C ASN G 50 26.06 16.94 -37.40
N ILE G 51 25.42 15.90 -37.95
CA ILE G 51 25.68 15.48 -39.33
C ILE G 51 24.35 15.43 -40.05
N PRO G 52 24.21 16.06 -41.23
CA PRO G 52 25.26 16.77 -41.98
C PRO G 52 25.64 18.12 -41.38
N VAL G 53 24.68 18.85 -40.84
CA VAL G 53 24.90 20.16 -40.24
C VAL G 53 24.12 20.22 -38.92
N SER G 54 24.39 21.25 -38.15
CA SER G 54 23.67 21.50 -36.90
C SER G 54 22.50 22.44 -37.18
N TYR G 55 21.32 22.02 -36.74
CA TYR G 55 20.09 22.75 -37.02
C TYR G 55 19.68 23.70 -35.89
N GLN G 56 20.15 23.46 -34.68
CA GLN G 56 19.91 24.37 -33.56
C GLN G 56 20.90 25.52 -33.54
N ALA G 57 21.04 26.24 -34.65
CA ALA G 57 22.01 27.32 -34.76
C ALA G 57 21.69 28.21 -35.96
N THR H 8 -3.01 -29.63 -29.24
CA THR H 8 -3.44 -28.41 -29.91
C THR H 8 -4.66 -28.69 -30.80
N GLY H 9 -4.86 -29.96 -31.14
CA GLY H 9 -5.96 -30.38 -31.97
C GLY H 9 -5.67 -30.38 -33.46
N LEU H 10 -4.51 -29.87 -33.86
CA LEU H 10 -4.16 -29.85 -35.28
C LEU H 10 -3.89 -31.25 -35.80
N THR H 11 -4.26 -31.48 -37.07
CA THR H 11 -3.96 -32.74 -37.72
C THR H 11 -2.52 -32.74 -38.23
N ASP H 12 -2.16 -33.71 -39.07
CA ASP H 12 -0.80 -33.81 -39.59
C ASP H 12 -0.59 -32.97 -40.84
N ASP H 13 -1.55 -33.00 -41.77
CA ASP H 13 -1.44 -32.17 -42.97
C ASP H 13 -1.45 -30.68 -42.64
N GLU H 14 -2.28 -30.27 -41.69
CA GLU H 14 -2.27 -28.89 -41.23
C GLU H 14 -0.93 -28.52 -40.62
N ALA H 15 -0.34 -29.43 -39.84
CA ALA H 15 0.98 -29.18 -39.29
C ALA H 15 2.03 -29.00 -40.39
N LYS H 16 1.98 -29.85 -41.42
CA LYS H 16 2.93 -29.72 -42.53
C LYS H 16 2.77 -28.38 -43.23
N GLU H 17 1.53 -27.99 -43.54
CA GLU H 17 1.29 -26.73 -44.23
C GLU H 17 1.74 -25.54 -43.39
N PHE H 18 1.41 -25.55 -42.09
CA PHE H 18 1.83 -24.46 -41.22
C PHE H 18 3.35 -24.38 -41.13
N HIS H 19 4.02 -25.53 -41.05
CA HIS H 19 5.48 -25.52 -40.99
C HIS H 19 6.08 -24.93 -42.26
N ALA H 20 5.54 -25.29 -43.42
CA ALA H 20 6.07 -24.76 -44.66
C ALA H 20 5.92 -23.24 -44.72
N ILE H 21 4.72 -22.74 -44.42
CA ILE H 21 4.50 -21.30 -44.47
C ILE H 21 5.34 -20.57 -43.42
N PHE H 22 5.44 -21.13 -42.21
CA PHE H 22 6.24 -20.51 -41.15
C PHE H 22 7.69 -20.41 -41.56
N MET H 23 8.23 -21.48 -42.15
CA MET H 23 9.63 -21.47 -42.56
C MET H 23 9.88 -20.44 -43.65
N GLN H 24 9.00 -20.39 -44.66
CA GLN H 24 9.25 -19.42 -45.73
C GLN H 24 9.13 -17.98 -45.24
N SER H 25 8.16 -17.69 -44.38
CA SER H 25 8.05 -16.36 -43.79
C SER H 25 9.25 -16.00 -42.92
N MET H 26 9.74 -16.94 -42.10
CA MET H 26 10.91 -16.65 -41.28
C MET H 26 12.14 -16.39 -42.13
N TYR H 27 12.31 -17.14 -43.22
CA TYR H 27 13.43 -16.89 -44.12
C TYR H 27 13.33 -15.52 -44.79
N ALA H 28 12.14 -15.12 -45.22
CA ALA H 28 11.99 -13.77 -45.78
C ALA H 28 12.33 -12.69 -44.75
N TRP H 29 11.86 -12.86 -43.51
CA TRP H 29 12.16 -11.89 -42.47
C TRP H 29 13.66 -11.80 -42.21
N PHE H 30 14.34 -12.95 -42.15
CA PHE H 30 15.79 -12.94 -41.97
C PHE H 30 16.52 -12.29 -43.13
N GLY H 31 16.07 -12.52 -44.37
CA GLY H 31 16.67 -11.83 -45.50
C GLY H 31 16.56 -10.32 -45.42
N LEU H 32 15.37 -9.82 -45.05
CA LEU H 32 15.22 -8.37 -44.87
C LEU H 32 16.12 -7.83 -43.77
N VAL H 33 16.23 -8.56 -42.64
CA VAL H 33 17.11 -8.11 -41.56
C VAL H 33 18.56 -8.06 -42.03
N VAL H 34 18.98 -9.07 -42.80
CA VAL H 34 20.35 -9.10 -43.29
C VAL H 34 20.64 -7.92 -44.22
N ILE H 35 19.69 -7.61 -45.11
CA ILE H 35 19.88 -6.47 -46.00
C ILE H 35 19.98 -5.16 -45.20
N ALA H 36 19.10 -5.01 -44.20
CA ALA H 36 19.13 -3.79 -43.39
C ALA H 36 20.46 -3.65 -42.66
N HIS H 37 20.98 -4.76 -42.11
CA HIS H 37 22.27 -4.72 -41.44
C HIS H 37 23.41 -4.44 -42.40
N LEU H 38 23.34 -4.95 -43.63
CA LEU H 38 24.34 -4.59 -44.63
C LEU H 38 24.36 -3.09 -44.88
N LEU H 39 23.17 -2.49 -45.03
CA LEU H 39 23.11 -1.04 -45.22
C LEU H 39 23.67 -0.29 -44.01
N ALA H 40 23.28 -0.68 -42.81
CA ALA H 40 23.76 -0.04 -41.59
C ALA H 40 25.26 -0.18 -41.41
N TRP H 41 25.86 -1.29 -41.84
CA TRP H 41 27.31 -1.42 -41.84
C TRP H 41 27.98 -0.56 -42.90
N LEU H 42 27.40 -0.46 -44.10
CA LEU H 42 27.93 0.44 -45.11
C LEU H 42 27.84 1.90 -44.70
N TYR H 43 26.92 2.26 -43.79
CA TYR H 43 26.85 3.63 -43.31
C TYR H 43 27.76 3.89 -42.11
N ARG H 44 27.55 3.15 -41.02
CA ARG H 44 28.22 3.39 -39.75
C ARG H 44 28.82 2.09 -39.22
N PRO H 45 30.06 1.76 -39.63
CA PRO H 45 30.71 0.55 -39.10
C PRO H 45 30.91 0.61 -37.59
N TRP H 46 30.57 -0.46 -36.88
CA TRP H 46 30.71 -0.50 -35.43
C TRP H 46 31.85 -1.39 -34.96
N LEU H 47 32.13 -2.47 -35.67
CA LEU H 47 33.21 -3.37 -35.27
C LEU H 47 34.52 -2.99 -35.92
N ALA I 6 21.38 -45.78 -20.93
CA ALA I 6 20.79 -45.98 -22.26
C ALA I 6 19.28 -45.79 -22.20
N ASN I 7 18.72 -45.86 -21.00
CA ASN I 7 17.28 -45.71 -20.78
C ASN I 7 16.91 -44.31 -20.33
N LEU I 8 17.67 -43.29 -20.75
CA LEU I 8 17.39 -41.91 -20.37
C LEU I 8 16.17 -41.34 -21.07
N TYR I 9 15.74 -41.93 -22.19
CA TYR I 9 14.60 -41.42 -22.95
C TYR I 9 13.30 -41.46 -22.16
N LYS I 10 13.29 -42.10 -20.99
CA LYS I 10 12.13 -42.13 -20.12
C LYS I 10 11.97 -40.84 -19.31
N ILE I 11 12.93 -39.93 -19.41
CA ILE I 11 12.82 -38.65 -18.72
C ILE I 11 11.62 -37.85 -19.18
N TRP I 12 11.09 -38.12 -20.36
CA TRP I 12 9.90 -37.45 -20.87
C TRP I 12 8.61 -38.12 -20.40
N LEU I 13 8.71 -39.22 -19.67
CA LEU I 13 7.56 -39.81 -18.98
C LEU I 13 7.36 -39.21 -17.60
N ILE I 14 8.23 -38.28 -17.19
CA ILE I 14 8.12 -37.57 -15.92
C ILE I 14 7.92 -36.08 -16.14
N LEU I 15 8.68 -35.49 -17.05
CA LEU I 15 8.64 -34.06 -17.34
C LEU I 15 7.80 -33.82 -18.59
N ASP I 16 6.87 -32.88 -18.52
CA ASP I 16 6.01 -32.56 -19.65
C ASP I 16 6.82 -31.80 -20.71
N PRO I 17 6.86 -32.28 -21.95
CA PRO I 17 7.72 -31.64 -22.96
C PRO I 17 7.42 -30.17 -23.24
N ARG I 18 6.14 -29.80 -23.25
CA ARG I 18 5.76 -28.45 -23.63
C ARG I 18 6.32 -27.43 -22.65
N ARG I 19 6.12 -27.66 -21.35
CA ARG I 19 6.63 -26.75 -20.34
C ARG I 19 8.15 -26.73 -20.35
N VAL I 20 8.78 -27.87 -20.62
CA VAL I 20 10.24 -27.91 -20.69
C VAL I 20 10.74 -27.00 -21.80
N LEU I 21 10.13 -27.09 -22.99
CA LEU I 21 10.54 -26.24 -24.11
C LEU I 21 10.29 -24.76 -23.83
N VAL I 22 9.13 -24.44 -23.27
CA VAL I 22 8.85 -23.03 -22.95
C VAL I 22 9.86 -22.48 -21.95
N SER I 23 10.15 -23.24 -20.89
CA SER I 23 11.12 -22.80 -19.90
C SER I 23 12.51 -22.67 -20.50
N ILE I 24 12.92 -23.60 -21.35
CA ILE I 24 14.22 -23.51 -21.99
C ILE I 24 14.32 -22.24 -22.82
N VAL I 25 13.31 -21.96 -23.64
CA VAL I 25 13.34 -20.78 -24.50
C VAL I 25 13.42 -19.50 -23.67
N ALA I 26 12.55 -19.40 -22.66
CA ALA I 26 12.54 -18.19 -21.84
C ALA I 26 13.85 -18.00 -21.11
N PHE I 27 14.39 -19.07 -20.52
CA PHE I 27 15.64 -18.97 -19.78
C PHE I 27 16.80 -18.60 -20.70
N GLN I 28 16.86 -19.17 -21.90
CA GLN I 28 17.93 -18.84 -22.82
C GLN I 28 17.86 -17.38 -23.25
N ILE I 29 16.66 -16.87 -23.55
CA ILE I 29 16.55 -15.46 -23.92
C ILE I 29 16.98 -14.55 -22.78
N VAL I 30 16.51 -14.84 -21.56
CA VAL I 30 16.88 -14.01 -20.41
C VAL I 30 18.38 -14.06 -20.16
N LEU I 31 18.99 -15.25 -20.27
CA LEU I 31 20.42 -15.37 -20.06
C LEU I 31 21.20 -14.61 -21.12
N GLY I 32 20.77 -14.67 -22.37
CA GLY I 32 21.44 -13.90 -23.41
C GLY I 32 21.41 -12.42 -23.14
N LEU I 33 20.23 -11.91 -22.77
CA LEU I 33 20.14 -10.49 -22.43
C LEU I 33 21.04 -10.13 -21.26
N LEU I 34 21.01 -10.95 -20.21
CA LEU I 34 21.79 -10.66 -19.00
C LEU I 34 23.29 -10.66 -19.29
N ILE I 35 23.77 -11.64 -20.06
CA ILE I 35 25.20 -11.70 -20.36
C ILE I 35 25.62 -10.56 -21.27
N HIS I 36 24.78 -10.18 -22.24
CA HIS I 36 25.15 -9.04 -23.07
C HIS I 36 25.25 -7.76 -22.24
N MET I 37 24.30 -7.53 -21.32
CA MET I 37 24.41 -6.36 -20.45
C MET I 37 25.62 -6.43 -19.53
N ILE I 38 25.94 -7.60 -18.99
CA ILE I 38 27.09 -7.73 -18.11
C ILE I 38 28.38 -7.42 -18.85
N VAL I 39 28.52 -7.96 -20.07
CA VAL I 39 29.71 -7.69 -20.86
C VAL I 39 29.80 -6.23 -21.29
N LEU I 40 28.67 -5.59 -21.58
CA LEU I 40 28.69 -4.21 -22.04
C LEU I 40 29.33 -3.26 -21.04
N SER I 41 29.20 -3.52 -19.74
CA SER I 41 29.65 -2.58 -18.73
C SER I 41 31.14 -2.69 -18.41
N THR I 42 31.83 -3.72 -18.93
CA THR I 42 33.26 -3.87 -18.67
C THR I 42 34.07 -3.17 -19.75
N ASP I 43 35.38 -3.45 -19.81
CA ASP I 43 36.24 -2.86 -20.82
C ASP I 43 36.24 -3.65 -22.12
N LEU I 44 35.37 -4.65 -22.24
CA LEU I 44 35.17 -5.38 -23.47
C LEU I 44 34.06 -4.77 -24.33
N ASN I 45 33.59 -3.58 -23.98
CA ASN I 45 32.53 -2.93 -24.74
C ASN I 45 32.96 -2.70 -26.19
N TRP I 46 32.02 -2.94 -27.11
CA TRP I 46 32.28 -2.77 -28.53
C TRP I 46 31.61 -1.57 -29.14
N LEU I 47 30.61 -0.99 -28.47
CA LEU I 47 29.89 0.17 -29.00
C LEU I 47 30.64 1.48 -28.72
N ASP I 48 30.82 1.80 -27.44
CA ASP I 48 31.43 3.07 -27.03
C ASP I 48 32.92 2.91 -26.74
N ASP I 49 33.69 2.46 -27.73
CA ASP I 49 35.13 2.28 -27.57
C ASP I 49 35.94 2.95 -28.69
N ASN I 50 35.31 3.81 -29.49
CA ASN I 50 36.00 4.63 -30.48
C ASN I 50 36.80 3.78 -31.47
N ILE I 51 36.26 2.64 -31.87
CA ILE I 51 36.86 1.82 -32.91
C ILE I 51 35.77 1.51 -33.95
N PRO I 52 36.03 1.74 -35.25
CA PRO I 52 37.29 2.22 -35.81
C PRO I 52 37.51 3.73 -35.66
N VAL I 53 36.45 4.52 -35.78
CA VAL I 53 36.52 5.97 -35.74
C VAL I 53 35.46 6.47 -34.76
N SER I 54 35.76 7.58 -34.10
CA SER I 54 34.79 8.27 -33.27
C SER I 54 33.85 9.08 -34.17
N TYR I 55 32.55 8.89 -33.96
CA TYR I 55 31.54 9.47 -34.85
C TYR I 55 30.94 10.76 -34.30
N GLN I 56 30.78 10.86 -32.98
CA GLN I 56 30.25 12.09 -32.40
C GLN I 56 31.20 13.26 -32.63
N ALA I 57 32.50 13.02 -32.48
CA ALA I 57 33.49 14.06 -32.68
C ALA I 57 33.68 14.35 -34.17
N THR J 8 2.57 -37.52 -17.82
CA THR J 8 2.48 -36.68 -19.01
C THR J 8 1.56 -37.30 -20.05
N GLY J 9 1.34 -38.61 -19.95
CA GLY J 9 0.49 -39.33 -20.86
C GLY J 9 1.17 -39.82 -22.12
N LEU J 10 2.44 -39.49 -22.31
CA LEU J 10 3.16 -39.94 -23.50
C LEU J 10 3.44 -41.43 -23.44
N THR J 11 3.43 -42.06 -24.61
CA THR J 11 3.78 -43.47 -24.73
C THR J 11 5.30 -43.62 -24.77
N ASP J 12 5.79 -44.81 -25.11
CA ASP J 12 7.23 -45.07 -25.15
C ASP J 12 7.85 -44.69 -26.48
N ASP J 13 7.20 -45.03 -27.60
CA ASP J 13 7.70 -44.65 -28.91
C ASP J 13 7.74 -43.13 -29.07
N GLU J 14 6.70 -42.44 -28.59
CA GLU J 14 6.72 -40.98 -28.61
C GLU J 14 7.87 -40.42 -27.78
N ALA J 15 8.15 -41.04 -26.64
CA ALA J 15 9.29 -40.61 -25.82
C ALA J 15 10.60 -40.79 -26.58
N LYS J 16 10.76 -41.92 -27.26
CA LYS J 16 11.99 -42.15 -28.03
C LYS J 16 12.15 -41.12 -29.14
N GLU J 17 11.07 -40.86 -29.89
CA GLU J 17 11.14 -39.89 -30.98
C GLU J 17 11.46 -38.50 -30.46
N PHE J 18 10.79 -38.09 -29.37
CA PHE J 18 11.05 -36.77 -28.81
C PHE J 18 12.48 -36.67 -28.31
N HIS J 19 13.01 -37.72 -27.69
CA HIS J 19 14.39 -37.69 -27.24
C HIS J 19 15.35 -37.53 -28.41
N ALA J 20 15.11 -38.26 -29.50
CA ALA J 20 15.99 -38.14 -30.66
C ALA J 20 15.99 -36.71 -31.21
N ILE J 21 14.81 -36.15 -31.43
CA ILE J 21 14.74 -34.79 -31.97
C ILE J 21 15.31 -33.76 -31.00
N PHE J 22 15.06 -33.92 -29.70
CA PHE J 22 15.56 -32.97 -28.71
C PHE J 22 17.09 -32.98 -28.69
N MET J 23 17.69 -34.18 -28.69
CA MET J 23 19.15 -34.26 -28.69
C MET J 23 19.74 -33.67 -29.97
N GLN J 24 19.13 -33.95 -31.12
CA GLN J 24 19.66 -33.39 -32.36
C GLN J 24 19.61 -31.86 -32.37
N SER J 25 18.48 -31.29 -31.96
CA SER J 25 18.36 -29.83 -31.87
C SER J 25 19.31 -29.22 -30.87
N MET J 26 19.48 -29.83 -29.70
CA MET J 26 20.41 -29.32 -28.70
C MET J 26 21.85 -29.34 -29.22
N TYR J 27 22.26 -30.41 -29.90
CA TYR J 27 23.59 -30.45 -30.49
C TYR J 27 23.79 -29.39 -31.56
N ALA J 28 22.78 -29.15 -32.41
CA ALA J 28 22.90 -28.07 -33.40
C ALA J 28 23.06 -26.71 -32.72
N TRP J 29 22.27 -26.47 -31.67
CA TRP J 29 22.36 -25.20 -30.93
C TRP J 29 23.75 -25.03 -30.33
N PHE J 30 24.29 -26.09 -29.71
CA PHE J 30 25.62 -26.00 -29.14
C PHE J 30 26.70 -25.77 -30.20
N GLY J 31 26.57 -26.38 -31.38
CA GLY J 31 27.50 -26.11 -32.45
C GLY J 31 27.50 -24.65 -32.87
N LEU J 32 26.30 -24.09 -33.01
CA LEU J 32 26.21 -22.66 -33.32
C LEU J 32 26.86 -21.80 -32.24
N VAL J 33 26.62 -22.14 -30.97
CA VAL J 33 27.20 -21.35 -29.88
C VAL J 33 28.72 -21.41 -29.91
N VAL J 34 29.29 -22.61 -30.12
CA VAL J 34 30.74 -22.70 -30.12
C VAL J 34 31.35 -21.98 -31.32
N ILE J 35 30.69 -22.00 -32.48
CA ILE J 35 31.20 -21.22 -33.62
C ILE J 35 31.18 -19.73 -33.29
N ALA J 36 30.10 -19.24 -32.70
CA ALA J 36 30.02 -17.83 -32.36
C ALA J 36 31.10 -17.45 -31.35
N HIS J 37 31.34 -18.30 -30.36
CA HIS J 37 32.39 -18.02 -29.38
C HIS J 37 33.78 -18.07 -30.00
N LEU J 38 34.02 -18.96 -30.96
CA LEU J 38 35.29 -18.94 -31.67
C LEU J 38 35.50 -17.62 -32.41
N LEU J 39 34.46 -17.13 -33.09
CA LEU J 39 34.57 -15.83 -33.75
C LEU J 39 34.84 -14.71 -32.75
N ALA J 40 34.11 -14.68 -31.64
CA ALA J 40 34.31 -13.66 -30.62
C ALA J 40 35.71 -13.70 -30.02
N TRP J 41 36.27 -14.89 -29.82
CA TRP J 41 37.66 -15.01 -29.38
C TRP J 41 38.65 -14.53 -30.42
N LEU J 42 38.43 -14.83 -31.69
CA LEU J 42 39.29 -14.29 -32.74
C LEU J 42 39.18 -12.78 -32.89
N TYR J 43 38.09 -12.17 -32.42
CA TYR J 43 37.99 -10.72 -32.47
C TYR J 43 38.55 -10.05 -31.21
N ARG J 44 37.99 -10.37 -30.05
CA ARG J 44 38.32 -9.70 -28.79
C ARG J 44 38.64 -10.74 -27.72
N PRO J 45 39.90 -11.20 -27.66
CA PRO J 45 40.29 -12.13 -26.60
C PRO J 45 40.04 -11.54 -25.22
N TRP J 46 39.55 -12.38 -24.30
CA TRP J 46 39.24 -11.93 -22.95
C TRP J 46 40.03 -12.64 -21.86
N LEU J 47 40.48 -13.87 -22.11
CA LEU J 47 41.21 -14.64 -21.10
C LEU J 47 42.72 -14.48 -21.28
N ASN K 5 23.03 -47.15 4.20
CA ASN K 5 22.53 -48.51 4.03
C ASN K 5 22.44 -48.86 2.54
N ALA K 6 22.17 -50.13 2.26
CA ALA K 6 21.99 -50.60 0.89
C ALA K 6 20.55 -50.43 0.39
N ASN K 7 19.63 -50.06 1.26
CA ASN K 7 18.23 -49.83 0.89
C ASN K 7 17.92 -48.36 0.68
N LEU K 8 18.90 -47.57 0.23
CA LEU K 8 18.71 -46.14 0.02
C LEU K 8 17.84 -45.83 -1.18
N TYR K 9 17.54 -46.81 -2.02
CA TYR K 9 16.71 -46.57 -3.20
C TYR K 9 15.25 -46.33 -2.86
N LYS K 10 14.85 -46.49 -1.60
CA LYS K 10 13.47 -46.28 -1.18
C LYS K 10 13.17 -44.81 -0.89
N ILE K 11 14.17 -43.93 -1.04
CA ILE K 11 13.95 -42.51 -0.84
C ILE K 11 12.99 -41.92 -1.86
N TRP K 12 12.78 -42.60 -2.99
CA TRP K 12 11.84 -42.14 -4.01
C TRP K 12 10.42 -42.61 -3.74
N LEU K 13 10.20 -43.44 -2.72
CA LEU K 13 8.86 -43.76 -2.25
C LEU K 13 8.36 -42.74 -1.24
N ILE K 14 9.19 -41.77 -0.87
CA ILE K 14 8.81 -40.68 0.02
C ILE K 14 8.81 -39.35 -0.72
N LEU K 15 9.86 -39.07 -1.49
CA LEU K 15 10.00 -37.83 -2.24
C LEU K 15 9.57 -38.02 -3.68
N ASP K 16 8.79 -37.08 -4.20
CA ASP K 16 8.33 -37.16 -5.58
C ASP K 16 9.46 -36.79 -6.52
N PRO K 17 9.83 -37.68 -7.47
CA PRO K 17 11.00 -37.41 -8.33
C PRO K 17 10.91 -36.13 -9.15
N ARG K 18 9.71 -35.80 -9.65
CA ARG K 18 9.57 -34.66 -10.55
C ARG K 18 9.92 -33.35 -9.85
N ARG K 19 9.32 -33.12 -8.67
CA ARG K 19 9.62 -31.91 -7.93
C ARG K 19 11.07 -31.88 -7.46
N VAL K 20 11.64 -33.05 -7.16
CA VAL K 20 13.05 -33.10 -6.77
C VAL K 20 13.93 -32.61 -7.91
N LEU K 21 13.67 -33.10 -9.14
CA LEU K 21 14.46 -32.67 -10.29
C LEU K 21 14.28 -31.20 -10.59
N VAL K 22 13.04 -30.69 -10.53
CA VAL K 22 12.82 -29.28 -10.80
C VAL K 22 13.53 -28.41 -9.77
N SER K 23 13.44 -28.77 -8.48
CA SER K 23 14.12 -28.02 -7.44
C SER K 23 15.64 -28.06 -7.61
N ILE K 24 16.19 -29.23 -7.96
CA ILE K 24 17.63 -29.33 -8.17
C ILE K 24 18.08 -28.41 -9.30
N VAL K 25 17.35 -28.44 -10.43
CA VAL K 25 17.74 -27.62 -11.58
C VAL K 25 17.69 -26.14 -11.22
N ALA K 26 16.58 -25.70 -10.60
CA ALA K 26 16.45 -24.30 -10.25
C ALA K 26 17.52 -23.86 -9.26
N PHE K 27 17.75 -24.66 -8.22
CA PHE K 27 18.75 -24.31 -7.21
C PHE K 27 20.15 -24.24 -7.82
N GLN K 28 20.50 -25.18 -8.68
CA GLN K 28 21.81 -25.15 -9.30
C GLN K 28 21.99 -23.93 -10.20
N ILE K 29 20.97 -23.57 -10.98
CA ILE K 29 21.11 -22.37 -11.83
C ILE K 29 21.27 -21.12 -10.97
N VAL K 30 20.47 -20.98 -9.92
CA VAL K 30 20.57 -19.81 -9.05
C VAL K 30 21.93 -19.77 -8.36
N LEU K 31 22.42 -20.90 -7.89
CA LEU K 31 23.73 -20.95 -7.24
C LEU K 31 24.84 -20.59 -8.22
N GLY K 32 24.76 -21.07 -9.46
CA GLY K 32 25.76 -20.70 -10.44
C GLY K 32 25.81 -19.21 -10.69
N LEU K 33 24.64 -18.58 -10.87
CA LEU K 33 24.61 -17.14 -11.05
C LEU K 33 25.18 -16.41 -9.83
N LEU K 34 24.78 -16.83 -8.63
CA LEU K 34 25.23 -16.15 -7.42
C LEU K 34 26.74 -16.25 -7.25
N ILE K 35 27.30 -17.43 -7.48
CA ILE K 35 28.74 -17.62 -7.33
C ILE K 35 29.51 -16.85 -8.39
N HIS K 36 29.02 -16.82 -9.63
CA HIS K 36 29.70 -16.01 -10.64
C HIS K 36 29.70 -14.53 -10.26
N MET K 37 28.57 -14.01 -9.75
CA MET K 37 28.56 -12.61 -9.30
C MET K 37 29.52 -12.38 -8.15
N ILE K 38 29.55 -13.29 -7.17
CA ILE K 38 30.42 -13.12 -6.01
C ILE K 38 31.88 -13.10 -6.44
N VAL K 39 32.26 -14.01 -7.35
CA VAL K 39 33.63 -14.05 -7.83
C VAL K 39 33.94 -12.79 -8.64
N LEU K 40 32.97 -12.29 -9.40
CA LEU K 40 33.18 -11.05 -10.15
C LEU K 40 33.45 -9.87 -9.22
N SER K 41 32.76 -9.83 -8.07
CA SER K 41 32.92 -8.70 -7.16
C SER K 41 34.32 -8.58 -6.58
N THR K 42 35.04 -9.70 -6.43
CA THR K 42 36.36 -9.69 -5.81
C THR K 42 37.45 -9.33 -6.81
N ASP K 43 38.71 -9.55 -6.43
CA ASP K 43 39.84 -9.24 -7.31
C ASP K 43 40.24 -10.40 -8.22
N LEU K 44 39.42 -11.46 -8.26
CA LEU K 44 39.61 -12.54 -9.22
C LEU K 44 38.86 -12.27 -10.52
N ASN K 45 38.44 -11.03 -10.75
CA ASN K 45 37.71 -10.68 -11.96
C ASN K 45 38.54 -10.98 -13.19
N TRP K 46 37.88 -11.51 -14.22
CA TRP K 46 38.54 -11.85 -15.48
C TRP K 46 38.18 -10.92 -16.63
N LEU K 47 37.12 -10.11 -16.49
CA LEU K 47 36.70 -9.23 -17.57
C LEU K 47 37.41 -7.88 -17.53
N ASP K 48 37.25 -7.15 -16.42
CA ASP K 48 37.81 -5.80 -16.29
C ASP K 48 39.14 -5.82 -15.53
N ASP K 49 40.12 -6.55 -16.04
CA ASP K 49 41.42 -6.64 -15.41
C ASP K 49 42.58 -6.40 -16.38
N ASN K 50 42.30 -5.87 -17.56
CA ASN K 50 43.33 -5.45 -18.52
C ASN K 50 44.30 -6.58 -18.87
N ILE K 51 43.77 -7.78 -19.02
CA ILE K 51 44.55 -8.93 -19.51
C ILE K 51 43.77 -9.57 -20.65
N PRO K 52 44.40 -9.84 -21.80
CA PRO K 52 45.83 -9.63 -22.05
C PRO K 52 46.20 -8.22 -22.48
N VAL K 53 45.21 -7.37 -22.76
CA VAL K 53 45.46 -6.00 -23.18
C VAL K 53 44.22 -5.16 -22.93
N SER K 54 44.40 -3.89 -22.61
CA SER K 54 43.29 -2.96 -22.44
C SER K 54 42.69 -2.62 -23.80
N TYR K 55 41.37 -2.65 -23.88
CA TYR K 55 40.66 -2.41 -25.13
C TYR K 55 40.02 -1.03 -25.20
N GLN K 56 39.65 -0.45 -24.05
CA GLN K 56 39.13 0.92 -24.03
C GLN K 56 40.27 1.91 -23.98
N ALA K 57 41.21 1.80 -24.92
CA ALA K 57 42.37 2.68 -24.96
C ALA K 57 43.04 2.64 -26.32
N THR L 8 4.05 -41.37 -3.31
CA THR L 8 4.33 -40.90 -4.65
C THR L 8 3.67 -41.78 -5.70
N GLY L 9 3.29 -42.99 -5.29
CA GLY L 9 2.66 -43.95 -6.18
C GLY L 9 3.62 -44.83 -6.94
N LEU L 10 4.93 -44.61 -6.81
CA LEU L 10 5.92 -45.43 -7.50
C LEU L 10 6.02 -46.79 -6.84
N THR L 11 6.26 -47.81 -7.67
CA THR L 11 6.49 -49.16 -7.19
C THR L 11 7.96 -49.29 -6.78
N ASP L 12 8.41 -50.52 -6.54
CA ASP L 12 9.78 -50.75 -6.11
C ASP L 12 10.78 -50.80 -7.26
N ASP L 13 10.44 -51.48 -8.35
CA ASP L 13 11.34 -51.55 -9.51
C ASP L 13 11.54 -50.18 -10.14
N GLU L 14 10.48 -49.38 -10.25
CA GLU L 14 10.61 -48.02 -10.77
C GLU L 14 11.53 -47.18 -9.88
N ALA L 15 11.39 -47.31 -8.56
CA ALA L 15 12.26 -46.58 -7.65
C ALA L 15 13.72 -47.00 -7.83
N LYS L 16 13.95 -48.30 -7.97
CA LYS L 16 15.32 -48.79 -8.14
C LYS L 16 15.94 -48.28 -9.44
N GLU L 17 15.18 -48.32 -10.54
CA GLU L 17 15.67 -47.82 -11.82
C GLU L 17 15.96 -46.32 -11.75
N PHE L 18 15.04 -45.55 -11.14
CA PHE L 18 15.25 -44.12 -11.01
C PHE L 18 16.49 -43.84 -10.17
N HIS L 19 16.71 -44.61 -9.10
CA HIS L 19 17.90 -44.40 -8.30
C HIS L 19 19.17 -44.67 -9.09
N ALA L 20 19.18 -45.74 -9.89
CA ALA L 20 20.37 -46.02 -10.70
C ALA L 20 20.66 -44.88 -11.65
N ILE L 21 19.65 -44.43 -12.40
CA ILE L 21 19.87 -43.35 -13.36
C ILE L 21 20.26 -42.04 -12.67
N PHE L 22 19.62 -41.74 -11.53
CA PHE L 22 19.94 -40.52 -10.79
C PHE L 22 21.39 -40.53 -10.31
N MET L 23 21.85 -41.66 -9.77
CA MET L 23 23.22 -41.76 -9.30
C MET L 23 24.20 -41.57 -10.45
N GLN L 24 23.93 -42.23 -11.59
CA GLN L 24 24.83 -42.10 -12.73
C GLN L 24 24.91 -40.66 -13.24
N SER L 25 23.76 -40.00 -13.40
CA SER L 25 23.76 -38.61 -13.84
C SER L 25 24.44 -37.67 -12.85
N MET L 26 24.21 -37.84 -11.55
CA MET L 26 24.86 -36.98 -10.57
C MET L 26 26.37 -37.17 -10.58
N TYR L 27 26.84 -38.40 -10.73
CA TYR L 27 28.28 -38.64 -10.84
C TYR L 27 28.87 -38.00 -12.09
N ALA L 28 28.18 -38.07 -13.24
CA ALA L 28 28.69 -37.38 -14.42
C ALA L 28 28.77 -35.87 -14.21
N TRP L 29 27.73 -35.29 -13.59
CA TRP L 29 27.74 -33.86 -13.32
C TRP L 29 28.90 -33.47 -12.41
N PHE L 30 29.14 -34.26 -11.36
CA PHE L 30 30.25 -33.98 -10.47
C PHE L 30 31.60 -34.11 -11.16
N GLY L 31 31.76 -35.09 -12.05
CA GLY L 31 33.00 -35.17 -12.81
C GLY L 31 33.23 -33.94 -13.68
N LEU L 32 32.18 -33.45 -14.34
CA LEU L 32 32.32 -32.24 -15.14
C LEU L 32 32.72 -31.05 -14.27
N VAL L 33 32.10 -30.92 -13.10
CA VAL L 33 32.42 -29.82 -12.19
C VAL L 33 33.88 -29.91 -11.74
N VAL L 34 34.35 -31.12 -11.44
CA VAL L 34 35.72 -31.30 -10.99
C VAL L 34 36.70 -30.89 -12.09
N ILE L 35 36.42 -31.28 -13.33
CA ILE L 35 37.30 -30.87 -14.43
C ILE L 35 37.31 -29.35 -14.59
N ALA L 36 36.13 -28.73 -14.47
CA ALA L 36 36.05 -27.28 -14.63
C ALA L 36 36.86 -26.56 -13.55
N HIS L 37 36.74 -26.98 -12.29
CA HIS L 37 37.58 -26.39 -11.24
C HIS L 37 39.05 -26.70 -11.41
N LEU L 38 39.41 -27.86 -11.97
CA LEU L 38 40.82 -28.10 -12.28
C LEU L 38 41.35 -27.06 -13.26
N LEU L 39 40.59 -26.79 -14.33
CA LEU L 39 41.01 -25.78 -15.30
C LEU L 39 41.08 -24.39 -14.65
N ALA L 40 40.07 -24.04 -13.85
CA ALA L 40 40.07 -22.74 -13.20
C ALA L 40 41.24 -22.57 -12.24
N TRP L 41 41.61 -23.62 -11.51
CA TRP L 41 42.82 -23.57 -10.68
C TRP L 41 44.08 -23.45 -11.51
N LEU L 42 44.17 -24.13 -12.64
CA LEU L 42 45.31 -23.96 -13.52
C LEU L 42 45.39 -22.58 -14.13
N TYR L 43 44.29 -21.83 -14.17
CA TYR L 43 44.33 -20.46 -14.68
C TYR L 43 44.64 -19.44 -13.58
N ARG L 44 43.77 -19.35 -12.57
CA ARG L 44 43.91 -18.39 -11.47
C ARG L 44 43.85 -19.12 -10.13
N PRO L 45 44.99 -19.51 -9.58
CA PRO L 45 45.00 -20.07 -8.22
C PRO L 45 44.46 -19.06 -7.22
N TRP L 46 43.45 -19.46 -6.44
CA TRP L 46 42.84 -18.58 -5.46
C TRP L 46 43.26 -18.89 -4.04
N LEU L 47 43.63 -20.13 -3.74
CA LEU L 47 44.04 -20.50 -2.40
C LEU L 47 45.54 -20.34 -2.21
N ASN M 5 16.56 -42.85 25.55
CA ASN M 5 16.04 -44.20 25.68
C ASN M 5 16.36 -45.02 24.43
N ALA M 6 16.07 -46.31 24.48
CA ALA M 6 16.28 -47.20 23.34
C ALA M 6 15.07 -47.26 22.40
N ASN M 7 13.96 -46.64 22.78
CA ASN M 7 12.75 -46.61 21.96
C ASN M 7 12.59 -45.28 21.24
N LEU M 8 13.70 -44.64 20.87
CA LEU M 8 13.66 -43.36 20.17
C LEU M 8 13.13 -43.48 18.75
N TYR M 9 13.17 -44.69 18.16
CA TYR M 9 12.72 -44.87 16.78
C TYR M 9 11.24 -44.58 16.59
N LYS M 10 10.50 -44.33 17.68
CA LYS M 10 9.10 -43.95 17.59
C LYS M 10 8.92 -42.47 17.31
N ILE M 11 10.01 -41.71 17.23
CA ILE M 11 9.90 -40.28 16.90
C ILE M 11 9.30 -40.08 15.51
N TRP M 12 9.35 -41.09 14.65
CA TRP M 12 8.77 -41.01 13.32
C TRP M 12 7.29 -41.38 13.31
N LEU M 13 6.75 -41.81 14.44
CA LEU M 13 5.31 -41.98 14.59
C LEU M 13 4.61 -40.69 14.99
N ILE M 14 5.36 -39.61 15.24
CA ILE M 14 4.81 -38.30 15.54
C ILE M 14 5.17 -37.30 14.45
N LEU M 15 6.43 -37.29 14.02
CA LEU M 15 6.90 -36.37 12.99
C LEU M 15 6.86 -37.04 11.63
N ASP M 16 6.32 -36.35 10.64
CA ASP M 16 6.23 -36.90 9.29
C ASP M 16 7.61 -36.86 8.63
N PRO M 17 8.12 -38.00 8.15
CA PRO M 17 9.49 -38.01 7.60
C PRO M 17 9.74 -37.05 6.44
N ARG M 18 8.77 -36.91 5.54
CA ARG M 18 8.97 -36.13 4.32
C ARG M 18 9.26 -34.67 4.65
N ARG M 19 8.38 -34.05 5.45
CA ARG M 19 8.59 -32.66 5.83
C ARG M 19 9.85 -32.48 6.65
N VAL M 20 10.20 -33.49 7.46
CA VAL M 20 11.43 -33.43 8.24
C VAL M 20 12.63 -33.33 7.31
N LEU M 21 12.69 -34.19 6.29
CA LEU M 21 13.81 -34.15 5.35
C LEU M 21 13.84 -32.85 4.55
N VAL M 22 12.68 -32.37 4.10
CA VAL M 22 12.66 -31.13 3.34
C VAL M 22 13.14 -29.96 4.20
N SER M 23 12.66 -29.87 5.44
CA SER M 23 13.11 -28.82 6.34
C SER M 23 14.59 -28.91 6.64
N ILE M 24 15.11 -30.12 6.86
CA ILE M 24 16.54 -30.29 7.12
C ILE M 24 17.36 -29.78 5.93
N VAL M 25 16.98 -30.18 4.72
CA VAL M 25 17.74 -29.78 3.54
C VAL M 25 17.72 -28.27 3.36
N ALA M 26 16.52 -27.67 3.45
CA ALA M 26 16.42 -26.22 3.26
C ALA M 26 17.19 -25.46 4.33
N PHE M 27 17.06 -25.86 5.59
CA PHE M 27 17.76 -25.17 6.67
C PHE M 27 19.27 -25.30 6.53
N GLN M 28 19.77 -26.49 6.15
CA GLN M 28 21.20 -26.66 5.98
C GLN M 28 21.74 -25.80 4.85
N ILE M 29 21.01 -25.72 3.72
CA ILE M 29 21.49 -24.88 2.61
C ILE M 29 21.51 -23.42 3.03
N VAL M 30 20.45 -22.94 3.69
CA VAL M 30 20.39 -21.54 4.12
C VAL M 30 21.51 -21.25 5.12
N LEU M 31 21.75 -22.18 6.06
CA LEU M 31 22.81 -21.98 7.03
C LEU M 31 24.18 -21.93 6.37
N GLY M 32 24.42 -22.79 5.38
CA GLY M 32 25.69 -22.75 4.68
C GLY M 32 25.93 -21.42 3.99
N LEU M 33 24.90 -20.93 3.29
CA LEU M 33 25.02 -19.62 2.64
C LEU M 33 25.28 -18.52 3.66
N LEU M 34 24.54 -18.53 4.77
CA LEU M 34 24.67 -17.46 5.77
C LEU M 34 26.05 -17.47 6.42
N ILE M 35 26.56 -18.66 6.77
CA ILE M 35 27.88 -18.73 7.37
C ILE M 35 28.96 -18.30 6.38
N HIS M 36 28.84 -18.68 5.11
CA HIS M 36 29.83 -18.21 4.14
C HIS M 36 29.81 -16.69 4.02
N MET M 37 28.62 -16.08 3.97
CA MET M 37 28.54 -14.63 3.88
C MET M 37 29.13 -13.97 5.12
N ILE M 38 28.87 -14.54 6.30
CA ILE M 38 29.40 -13.95 7.54
C ILE M 38 30.91 -14.03 7.57
N VAL M 39 31.47 -15.20 7.23
CA VAL M 39 32.93 -15.36 7.25
C VAL M 39 33.61 -14.51 6.18
N LEU M 40 32.96 -14.26 5.05
CA LEU M 40 33.58 -13.47 3.99
C LEU M 40 33.89 -12.05 4.45
N SER M 41 33.05 -11.47 5.31
CA SER M 41 33.19 -10.07 5.68
C SER M 41 34.28 -9.82 6.73
N THR M 42 34.80 -10.88 7.36
CA THR M 42 35.83 -10.71 8.38
C THR M 42 37.21 -10.72 7.74
N ASP M 43 38.27 -10.84 8.56
CA ASP M 43 39.63 -10.89 8.04
C ASP M 43 40.06 -12.30 7.69
N LEU M 44 39.14 -13.26 7.68
CA LEU M 44 39.40 -14.60 7.20
C LEU M 44 39.06 -14.78 5.74
N ASN M 45 38.80 -13.69 5.02
CA ASN M 45 38.46 -13.76 3.61
C ASN M 45 39.57 -14.43 2.82
N TRP M 46 39.19 -15.33 1.91
CA TRP M 46 40.14 -16.07 1.10
C TRP M 46 40.22 -15.56 -0.33
N LEU M 47 39.27 -14.72 -0.76
CA LEU M 47 39.25 -14.23 -2.14
C LEU M 47 40.05 -12.94 -2.29
N ASP M 48 39.65 -11.89 -1.57
CA ASP M 48 40.26 -10.57 -1.69
C ASP M 48 41.34 -10.33 -0.64
N ASP M 49 42.33 -11.22 -0.57
CA ASP M 49 43.44 -11.05 0.36
C ASP M 49 44.79 -11.11 -0.32
N ASN M 50 44.83 -11.01 -1.66
CA ASN M 50 46.08 -10.92 -2.41
C ASN M 50 47.02 -12.10 -2.14
N ILE M 51 46.45 -13.28 -1.95
CA ILE M 51 47.24 -14.50 -1.79
C ILE M 51 46.78 -15.50 -2.84
N PRO M 52 47.68 -16.10 -3.63
CA PRO M 52 49.13 -15.92 -3.56
C PRO M 52 49.65 -14.63 -4.20
N VAL M 53 49.02 -14.23 -5.31
CA VAL M 53 49.47 -13.06 -6.07
C VAL M 53 48.26 -12.18 -6.36
N SER M 54 48.45 -10.86 -6.31
CA SER M 54 47.42 -9.91 -6.70
C SER M 54 47.27 -9.95 -8.22
N TYR M 55 46.04 -10.09 -8.69
CA TYR M 55 45.77 -10.30 -10.10
C TYR M 55 45.36 -9.04 -10.85
N GLN M 56 44.83 -8.04 -10.14
CA GLN M 56 44.48 -6.77 -10.75
C GLN M 56 45.64 -5.79 -10.81
N ALA M 57 46.87 -6.28 -10.64
CA ALA M 57 48.05 -5.42 -10.68
C ALA M 57 49.27 -6.18 -11.17
N SER N 6 -0.16 -44.81 13.19
CA SER N 6 -0.14 -43.66 14.08
C SER N 6 -0.60 -42.38 13.38
N LEU N 7 -0.13 -41.24 13.86
CA LEU N 7 -0.49 -39.96 13.25
C LEU N 7 0.01 -39.87 11.82
N THR N 8 1.29 -40.17 11.61
CA THR N 8 1.85 -40.12 10.26
C THR N 8 1.34 -41.27 9.40
N GLY N 9 0.90 -42.36 10.02
CA GLY N 9 0.45 -43.54 9.32
C GLY N 9 1.49 -44.62 9.16
N LEU N 10 2.74 -44.36 9.54
CA LEU N 10 3.78 -45.36 9.43
C LEU N 10 3.59 -46.48 10.45
N THR N 11 4.00 -47.69 10.07
CA THR N 11 4.00 -48.82 10.98
C THR N 11 5.22 -48.78 11.87
N ASP N 12 5.49 -49.87 12.58
CA ASP N 12 6.64 -49.93 13.48
C ASP N 12 7.92 -50.38 12.78
N ASP N 13 7.83 -51.40 11.91
CA ASP N 13 8.99 -51.82 11.15
C ASP N 13 9.48 -50.73 10.20
N GLU N 14 8.56 -50.00 9.58
CA GLU N 14 8.95 -48.87 8.75
C GLU N 14 9.67 -47.80 9.57
N ALA N 15 9.19 -47.55 10.80
CA ALA N 15 9.87 -46.61 11.68
C ALA N 15 11.29 -47.07 12.00
N LYS N 16 11.46 -48.36 12.29
CA LYS N 16 12.79 -48.89 12.56
C LYS N 16 13.72 -48.71 11.37
N GLU N 17 13.24 -49.07 10.18
CA GLU N 17 14.07 -48.96 8.97
C GLU N 17 14.45 -47.52 8.69
N PHE N 18 13.48 -46.60 8.80
CA PHE N 18 13.76 -45.20 8.56
C PHE N 18 14.74 -44.65 9.59
N HIS N 19 14.61 -45.06 10.85
CA HIS N 19 15.56 -44.60 11.86
C HIS N 19 16.97 -45.09 11.56
N ALA N 20 17.11 -46.35 11.16
CA ALA N 20 18.44 -46.86 10.83
C ALA N 20 19.07 -46.08 9.69
N ILE N 21 18.32 -45.88 8.61
CA ILE N 21 18.88 -45.16 7.46
C ILE N 21 19.16 -43.70 7.79
N PHE N 22 18.28 -43.06 8.56
CA PHE N 22 18.49 -41.67 8.97
C PHE N 22 19.76 -41.53 9.80
N MET N 23 19.96 -42.44 10.75
CA MET N 23 21.17 -42.38 11.57
C MET N 23 22.42 -42.57 10.73
N GLN N 24 22.39 -43.53 9.81
CA GLN N 24 23.57 -43.75 8.97
C GLN N 24 23.89 -42.52 8.13
N SER N 25 22.88 -41.93 7.49
CA SER N 25 23.11 -40.75 6.67
C SER N 25 23.58 -39.56 7.50
N MET N 26 23.00 -39.32 8.67
CA MET N 26 23.45 -38.21 9.51
C MET N 26 24.88 -38.39 9.97
N TYR N 27 25.27 -39.61 10.34
CA TYR N 27 26.66 -39.86 10.71
C TYR N 27 27.62 -39.64 9.56
N ALA N 28 27.26 -40.08 8.34
CA ALA N 28 28.12 -39.80 7.20
C ALA N 28 28.27 -38.30 6.96
N TRP N 29 27.16 -37.56 7.05
CA TRP N 29 27.22 -36.12 6.86
C TRP N 29 28.12 -35.45 7.89
N PHE N 30 28.00 -35.87 9.16
CA PHE N 30 28.86 -35.31 10.20
C PHE N 30 30.33 -35.66 9.99
N GLY N 31 30.63 -36.88 9.53
CA GLY N 31 32.02 -37.20 9.22
C GLY N 31 32.59 -36.33 8.13
N LEU N 32 31.81 -36.10 7.07
CA LEU N 32 32.27 -35.19 6.01
C LEU N 32 32.51 -33.78 6.53
N VAL N 33 31.60 -33.27 7.35
CA VAL N 33 31.78 -31.93 7.91
C VAL N 33 33.03 -31.87 8.77
N VAL N 34 33.29 -32.91 9.58
CA VAL N 34 34.46 -32.91 10.44
C VAL N 34 35.74 -32.90 9.60
N ILE N 35 35.78 -33.69 8.52
CA ILE N 35 36.97 -33.69 7.66
C ILE N 35 37.18 -32.32 7.03
N ALA N 36 36.09 -31.70 6.56
CA ALA N 36 36.20 -30.38 5.94
C ALA N 36 36.72 -29.35 6.93
N HIS N 37 36.21 -29.37 8.17
CA HIS N 37 36.69 -28.45 9.19
C HIS N 37 38.14 -28.71 9.57
N LEU N 38 38.57 -29.97 9.59
CA LEU N 38 39.99 -30.26 9.81
C LEU N 38 40.85 -29.63 8.73
N LEU N 39 40.44 -29.76 7.46
CA LEU N 39 41.21 -29.14 6.39
C LEU N 39 41.24 -27.62 6.52
N ALA N 40 40.09 -27.02 6.81
CA ALA N 40 40.02 -25.57 6.98
C ALA N 40 40.87 -25.08 8.13
N TRP N 41 40.94 -25.81 9.24
CA TRP N 41 41.84 -25.48 10.33
C TRP N 41 43.30 -25.63 9.93
N LEU N 42 43.65 -26.67 9.18
CA LEU N 42 45.01 -26.82 8.69
C LEU N 42 45.41 -25.72 7.72
N TYR N 43 44.46 -25.07 7.05
CA TYR N 43 44.77 -23.96 6.16
C TYR N 43 44.80 -22.62 6.89
N ARG N 44 43.67 -22.22 7.49
CA ARG N 44 43.50 -20.90 8.07
C ARG N 44 42.96 -21.02 9.49
N PRO N 45 43.85 -21.21 10.49
CA PRO N 45 43.39 -21.26 11.89
C PRO N 45 42.67 -19.99 12.31
N TRP N 46 41.56 -20.14 13.03
CA TRP N 46 40.79 -18.98 13.49
C TRP N 46 40.83 -18.79 15.01
N LEU N 47 40.88 -19.88 15.77
CA LEU N 47 40.87 -19.79 17.22
C LEU N 47 42.27 -19.56 17.77
N ASN O 5 5.06 -31.87 41.47
CA ASN O 5 4.41 -33.11 41.89
C ASN O 5 4.97 -34.30 41.12
N ALA O 6 4.54 -35.50 41.51
CA ALA O 6 4.95 -36.72 40.82
C ALA O 6 4.04 -37.08 39.65
N ASN O 7 2.92 -36.38 39.49
CA ASN O 7 1.98 -36.61 38.40
C ASN O 7 2.15 -35.59 37.28
N LEU O 8 3.36 -35.12 37.06
CA LEU O 8 3.64 -34.15 36.00
C LEU O 8 3.51 -34.76 34.60
N TYR O 9 3.59 -36.08 34.47
CA TYR O 9 3.51 -36.73 33.17
C TYR O 9 2.16 -36.51 32.50
N LYS O 10 1.19 -35.92 33.18
CA LYS O 10 -0.10 -35.59 32.60
C LYS O 10 -0.06 -34.28 31.82
N ILE O 11 1.08 -33.60 31.79
CA ILE O 11 1.22 -32.38 31.01
C ILE O 11 1.03 -32.61 29.53
N TRP O 12 1.20 -33.86 29.06
CA TRP O 12 1.02 -34.22 27.67
C TRP O 12 -0.41 -34.57 27.33
N LEU O 13 -1.30 -34.59 28.32
CA LEU O 13 -2.74 -34.72 28.08
C LEU O 13 -3.39 -33.37 27.86
N ILE O 14 -2.63 -32.28 27.90
CA ILE O 14 -3.12 -30.93 27.67
C ILE O 14 -2.41 -30.36 26.44
N LEU O 15 -1.09 -30.53 26.40
CA LEU O 15 -0.28 -29.99 25.32
C LEU O 15 -0.01 -31.07 24.28
N ASP O 16 -0.18 -30.72 23.01
CA ASP O 16 0.05 -31.68 21.94
C ASP O 16 1.56 -31.84 21.71
N PRO O 17 2.09 -33.06 21.79
CA PRO O 17 3.57 -33.23 21.72
C PRO O 17 4.21 -32.73 20.43
N ARG O 18 3.60 -32.97 19.28
CA ARG O 18 4.23 -32.65 18.00
C ARG O 18 4.53 -31.16 17.90
N ARG O 19 3.52 -30.32 18.20
CA ARG O 19 3.72 -28.89 18.14
C ARG O 19 4.70 -28.43 19.21
N VAL O 20 4.74 -29.12 20.35
CA VAL O 20 5.69 -28.77 21.39
C VAL O 20 7.12 -28.94 20.87
N LEU O 21 7.42 -30.09 20.27
CA LEU O 21 8.77 -30.30 19.73
C LEU O 21 9.07 -29.34 18.58
N VAL O 22 8.11 -29.08 17.69
CA VAL O 22 8.39 -28.14 16.61
C VAL O 22 8.73 -26.76 17.16
N SER O 23 7.95 -26.27 18.12
CA SER O 23 8.21 -24.97 18.73
C SER O 23 9.54 -24.95 19.46
N ILE O 24 9.88 -26.01 20.19
CA ILE O 24 11.16 -26.06 20.89
C ILE O 24 12.31 -25.97 19.90
N VAL O 25 12.25 -26.74 18.81
CA VAL O 25 13.35 -26.75 17.85
C VAL O 25 13.51 -25.37 17.20
N ALA O 26 12.40 -24.79 16.75
CA ALA O 26 12.47 -23.49 16.10
C ALA O 26 12.99 -22.42 17.05
N PHE O 27 12.49 -22.41 18.29
CA PHE O 27 12.93 -21.40 19.25
C PHE O 27 14.40 -21.55 19.58
N GLN O 28 14.88 -22.79 19.74
CA GLN O 28 16.30 -22.98 20.08
C GLN O 28 17.19 -22.53 18.93
N ILE O 29 16.81 -22.84 17.68
CA ILE O 29 17.63 -22.39 16.55
C ILE O 29 17.67 -20.88 16.48
N VAL O 30 16.51 -20.22 16.62
CA VAL O 30 16.47 -18.76 16.57
C VAL O 30 17.28 -18.16 17.71
N LEU O 31 17.19 -18.74 18.91
CA LEU O 31 17.95 -18.23 20.05
C LEU O 31 19.45 -18.38 19.83
N GLY O 32 19.88 -19.51 19.27
CA GLY O 32 21.30 -19.67 18.98
C GLY O 32 21.81 -18.63 18.02
N LEU O 33 21.07 -18.40 16.93
CA LEU O 33 21.47 -17.37 15.98
C LEU O 33 21.52 -16.00 16.64
N LEU O 34 20.50 -15.67 17.43
CA LEU O 34 20.43 -14.34 18.06
C LEU O 34 21.59 -14.13 19.03
N ILE O 35 21.90 -15.14 19.85
CA ILE O 35 23.00 -15.00 20.80
C ILE O 35 24.33 -14.90 20.09
N HIS O 36 24.52 -15.63 18.98
CA HIS O 36 25.76 -15.46 18.23
C HIS O 36 25.90 -14.06 17.65
N MET O 37 24.83 -13.51 17.07
CA MET O 37 24.91 -12.15 16.56
C MET O 37 25.18 -11.14 17.66
N ILE O 38 24.57 -11.35 18.84
CA ILE O 38 24.80 -10.43 19.96
C ILE O 38 26.25 -10.49 20.40
N VAL O 39 26.80 -11.70 20.53
CA VAL O 39 28.17 -11.85 21.01
C VAL O 39 29.18 -11.31 20.00
N LEU O 40 28.90 -11.46 18.70
CA LEU O 40 29.85 -11.01 17.68
C LEU O 40 30.11 -9.51 17.77
N SER O 41 29.07 -8.72 18.02
CA SER O 41 29.20 -7.26 18.00
C SER O 41 29.97 -6.71 19.20
N THR O 42 30.23 -7.51 20.23
CA THR O 42 30.96 -7.03 21.40
C THR O 42 32.46 -7.24 21.23
N ASP O 43 33.23 -7.10 22.30
CA ASP O 43 34.68 -7.28 22.24
C ASP O 43 35.10 -8.73 22.49
N LEU O 44 34.13 -9.65 22.54
CA LEU O 44 34.42 -11.08 22.61
C LEU O 44 34.48 -11.72 21.24
N ASN O 45 34.53 -10.93 20.18
CA ASN O 45 34.58 -11.47 18.83
C ASN O 45 35.81 -12.36 18.64
N TRP O 46 35.60 -13.49 17.96
CA TRP O 46 36.68 -14.44 17.73
C TRP O 46 37.19 -14.43 16.30
N LEU O 47 36.47 -13.80 15.38
CA LEU O 47 36.86 -13.77 13.97
C LEU O 47 37.79 -12.60 13.64
N ASP O 48 37.29 -11.38 13.84
CA ASP O 48 38.04 -10.16 13.51
C ASP O 48 38.80 -9.62 14.71
N ASP O 49 39.62 -10.45 15.34
CA ASP O 49 40.40 -10.04 16.51
C ASP O 49 41.89 -10.32 16.35
N ASN O 50 42.35 -10.65 15.15
CA ASN O 50 43.77 -10.78 14.83
C ASN O 50 44.49 -11.79 15.72
N ILE O 51 43.81 -12.88 16.08
CA ILE O 51 44.43 -13.98 16.81
C ILE O 51 44.17 -15.26 16.02
N PRO O 52 45.19 -16.08 15.74
CA PRO O 52 46.59 -15.94 16.18
C PRO O 52 47.37 -14.87 15.43
N VAL O 53 47.13 -14.73 14.13
CA VAL O 53 47.83 -13.74 13.32
C VAL O 53 46.82 -13.01 12.43
N SER O 54 47.29 -12.01 11.70
CA SER O 54 46.45 -11.29 10.75
C SER O 54 46.69 -11.84 9.35
N TYR O 55 45.59 -12.18 8.68
CA TYR O 55 45.65 -12.81 7.37
C TYR O 55 45.48 -11.84 6.22
N GLN O 56 44.89 -10.67 6.47
CA GLN O 56 44.73 -9.64 5.44
C GLN O 56 45.93 -8.71 5.35
N ALA O 57 47.04 -9.08 5.99
CA ALA O 57 48.24 -8.26 5.98
C ALA O 57 49.50 -9.12 6.11
N THR P 8 -5.65 -34.04 23.27
CA THR P 8 -4.57 -34.54 22.43
C THR P 8 -4.85 -35.97 21.97
N GLY P 9 -5.66 -36.69 22.75
CA GLY P 9 -6.01 -38.05 22.43
C GLY P 9 -5.08 -39.11 22.97
N LEU P 10 -3.95 -38.73 23.56
CA LEU P 10 -3.02 -39.69 24.10
C LEU P 10 -3.57 -40.35 25.36
N THR P 11 -3.26 -41.63 25.53
CA THR P 11 -3.64 -42.36 26.74
C THR P 11 -2.65 -42.06 27.85
N ASP P 12 -2.70 -42.84 28.93
CA ASP P 12 -1.84 -42.58 30.09
C ASP P 12 -0.47 -43.22 29.94
N ASP P 13 -0.40 -44.47 29.47
CA ASP P 13 0.90 -45.11 29.27
C ASP P 13 1.73 -44.41 28.19
N GLU P 14 1.07 -43.95 27.12
CA GLU P 14 1.77 -43.16 26.12
C GLU P 14 2.33 -41.88 26.73
N ALA P 15 1.57 -41.23 27.61
CA ALA P 15 2.07 -40.04 28.29
C ALA P 15 3.28 -40.36 29.15
N LYS P 16 3.25 -41.47 29.87
CA LYS P 16 4.39 -41.87 30.70
C LYS P 16 5.63 -42.09 29.84
N GLU P 17 5.48 -42.85 28.74
CA GLU P 17 6.62 -43.13 27.88
C GLU P 17 7.17 -41.86 27.26
N PHE P 18 6.29 -40.98 26.78
CA PHE P 18 6.75 -39.72 26.19
C PHE P 18 7.47 -38.87 27.22
N HIS P 19 6.96 -38.82 28.45
CA HIS P 19 7.65 -38.04 29.49
C HIS P 19 9.03 -38.60 29.77
N ALA P 20 9.16 -39.93 29.85
CA ALA P 20 10.47 -40.52 30.10
C ALA P 20 11.46 -40.13 28.99
N ILE P 21 11.06 -40.32 27.73
CA ILE P 21 11.98 -40.01 26.64
C ILE P 21 12.28 -38.51 26.56
N PHE P 22 11.28 -37.66 26.79
CA PHE P 22 11.50 -36.22 26.77
C PHE P 22 12.48 -35.79 27.85
N MET P 23 12.33 -36.34 29.06
CA MET P 23 13.25 -36.00 30.14
C MET P 23 14.67 -36.43 29.80
N GLN P 24 14.82 -37.66 29.27
CA GLN P 24 16.16 -38.13 28.93
C GLN P 24 16.82 -37.24 27.89
N SER P 25 16.08 -36.91 26.82
CA SER P 25 16.63 -36.05 25.77
C SER P 25 16.96 -34.65 26.27
N MET P 26 16.10 -34.05 27.10
CA MET P 26 16.38 -32.72 27.62
C MET P 26 17.62 -32.73 28.50
N TYR P 27 17.77 -33.75 29.34
CA TYR P 27 18.98 -33.85 30.17
C TYR P 27 20.24 -34.02 29.33
N ALA P 28 20.20 -34.82 28.27
CA ALA P 28 21.37 -34.95 27.40
C ALA P 28 21.71 -33.62 26.74
N TRP P 29 20.69 -32.90 26.26
CA TRP P 29 20.92 -31.60 25.63
C TRP P 29 21.56 -30.62 26.61
N PHE P 30 21.04 -30.58 27.85
CA PHE P 30 21.61 -29.70 28.87
C PHE P 30 23.05 -30.07 29.22
N GLY P 31 23.37 -31.36 29.30
CA GLY P 31 24.75 -31.76 29.51
C GLY P 31 25.68 -31.30 28.41
N LEU P 32 25.25 -31.45 27.15
CA LEU P 32 26.05 -30.95 26.04
C LEU P 32 26.27 -29.44 26.12
N VAL P 33 25.22 -28.68 26.45
CA VAL P 33 25.38 -27.23 26.57
C VAL P 33 26.34 -26.89 27.69
N VAL P 34 26.27 -27.61 28.82
CA VAL P 34 27.16 -27.33 29.94
C VAL P 34 28.61 -27.58 29.55
N ILE P 35 28.87 -28.68 28.84
CA ILE P 35 30.24 -28.96 28.41
C ILE P 35 30.74 -27.86 27.46
N ALA P 36 29.89 -27.45 26.52
CA ALA P 36 30.30 -26.41 25.57
C ALA P 36 30.61 -25.10 26.29
N HIS P 37 29.79 -24.73 27.26
CA HIS P 37 30.05 -23.50 28.03
C HIS P 37 31.30 -23.63 28.89
N LEU P 38 31.60 -24.82 29.41
CA LEU P 38 32.86 -25.01 30.13
C LEU P 38 34.04 -24.76 29.20
N LEU P 39 34.00 -25.30 27.99
CA LEU P 39 35.08 -25.06 27.03
C LEU P 39 35.20 -23.58 26.69
N ALA P 40 34.07 -22.91 26.43
CA ALA P 40 34.09 -21.49 26.11
C ALA P 40 34.65 -20.64 27.25
N TRP P 41 34.32 -20.98 28.50
CA TRP P 41 34.93 -20.30 29.65
C TRP P 41 36.42 -20.57 29.75
N LEU P 42 36.86 -21.80 29.49
CA LEU P 42 38.29 -22.09 29.48
C LEU P 42 39.04 -21.33 28.39
N TYR P 43 38.37 -20.98 27.29
CA TYR P 43 39.03 -20.23 26.22
C TYR P 43 38.97 -18.73 26.45
N ARG P 44 37.76 -18.16 26.53
CA ARG P 44 37.54 -16.73 26.60
C ARG P 44 36.63 -16.38 27.77
N PRO P 45 37.19 -16.19 28.97
CA PRO P 45 36.36 -15.80 30.12
C PRO P 45 35.66 -14.47 29.91
N TRP P 46 34.37 -14.39 30.22
CA TRP P 46 33.62 -13.16 30.02
C TRP P 46 33.28 -12.46 31.33
N LEU P 47 33.02 -13.21 32.40
CA LEU P 47 32.66 -12.63 33.68
C LEU P 47 33.89 -12.27 34.49
N ASN Q 5 -9.38 -16.36 49.17
CA ASN Q 5 -10.30 -17.37 49.68
C ASN Q 5 -9.70 -18.77 49.48
N ALA Q 6 -10.31 -19.77 50.12
CA ALA Q 6 -9.86 -21.14 49.99
C ALA Q 6 -10.45 -21.86 48.78
N ASN Q 7 -11.42 -21.25 48.11
CA ASN Q 7 -12.06 -21.83 46.92
C ASN Q 7 -11.51 -21.22 45.63
N LEU Q 8 -10.24 -20.83 45.64
CA LEU Q 8 -9.61 -20.24 44.47
C LEU Q 8 -9.39 -21.24 43.34
N TYR Q 9 -9.35 -22.54 43.65
CA TYR Q 9 -9.10 -23.55 42.64
C TYR Q 9 -10.18 -23.59 41.56
N LYS Q 10 -11.28 -22.86 41.74
CA LYS Q 10 -12.33 -22.75 40.74
C LYS Q 10 -11.96 -21.81 39.60
N ILE Q 11 -10.80 -21.14 39.70
CA ILE Q 11 -10.35 -20.26 38.63
C ILE Q 11 -10.11 -21.00 37.33
N TRP Q 12 -9.91 -22.32 37.38
CA TRP Q 12 -9.72 -23.13 36.19
C TRP Q 12 -11.04 -23.60 35.58
N LEU Q 13 -12.16 -23.34 36.24
CA LEU Q 13 -13.48 -23.53 35.64
C LEU Q 13 -13.91 -22.32 34.83
N ILE Q 14 -13.12 -21.26 34.82
CA ILE Q 14 -13.39 -20.06 34.03
C ILE Q 14 -12.33 -19.86 32.95
N LEU Q 15 -11.06 -20.05 33.31
CA LEU Q 15 -9.95 -19.87 32.38
C LEU Q 15 -9.47 -21.23 31.88
N ASP Q 16 -9.26 -21.33 30.57
CA ASP Q 16 -8.82 -22.59 29.99
C ASP Q 16 -7.34 -22.81 30.29
N PRO Q 17 -6.97 -23.94 30.90
CA PRO Q 17 -5.56 -24.13 31.30
C PRO Q 17 -4.56 -24.07 30.17
N ARG Q 18 -4.90 -24.61 29.00
CA ARG Q 18 -3.91 -24.71 27.91
C ARG Q 18 -3.47 -23.34 27.43
N ARG Q 19 -4.43 -22.47 27.13
CA ARG Q 19 -4.09 -21.12 26.69
C ARG Q 19 -3.38 -20.35 27.80
N VAL Q 20 -3.72 -20.62 29.06
CA VAL Q 20 -3.04 -19.96 30.17
C VAL Q 20 -1.56 -20.32 30.17
N LEU Q 21 -1.24 -21.61 30.03
CA LEU Q 21 0.15 -22.04 30.02
C LEU Q 21 0.89 -21.48 28.81
N VAL Q 22 0.26 -21.51 27.63
CA VAL Q 22 0.93 -20.99 26.44
C VAL Q 22 1.21 -19.51 26.59
N SER Q 23 0.25 -18.73 27.06
CA SER Q 23 0.45 -17.29 27.27
C SER Q 23 1.52 -17.02 28.31
N ILE Q 24 1.54 -17.79 29.40
CA ILE Q 24 2.56 -17.60 30.43
C ILE Q 24 3.95 -17.84 29.84
N VAL Q 25 4.12 -18.94 29.10
CA VAL Q 25 5.43 -19.26 28.54
C VAL Q 25 5.89 -18.18 27.57
N ALA Q 26 5.00 -17.78 26.65
CA ALA Q 26 5.38 -16.77 25.66
C ALA Q 26 5.71 -15.44 26.32
N PHE Q 27 4.88 -15.00 27.28
CA PHE Q 27 5.12 -13.73 27.94
C PHE Q 27 6.43 -13.75 28.74
N GLN Q 28 6.71 -14.85 29.43
CA GLN Q 28 7.96 -14.92 30.18
C GLN Q 28 9.18 -14.90 29.28
N ILE Q 29 9.13 -15.61 28.15
CA ILE Q 29 10.27 -15.57 27.23
C ILE Q 29 10.48 -14.16 26.67
N VAL Q 30 9.40 -13.50 26.26
CA VAL Q 30 9.51 -12.15 25.72
C VAL Q 30 10.04 -11.19 26.78
N LEU Q 31 9.55 -11.32 28.01
CA LEU Q 31 10.01 -10.46 29.10
C LEU Q 31 11.49 -10.68 29.38
N GLY Q 32 11.94 -11.93 29.38
CA GLY Q 32 13.36 -12.19 29.60
C GLY Q 32 14.23 -11.55 28.54
N LEU Q 33 13.84 -11.70 27.27
CA LEU Q 33 14.60 -11.07 26.20
C LEU Q 33 14.62 -9.54 26.36
N LEU Q 34 13.47 -8.95 26.64
CA LEU Q 34 13.37 -7.49 26.73
C LEU Q 34 14.19 -6.97 27.89
N ILE Q 35 14.15 -7.63 29.05
CA ILE Q 35 14.93 -7.17 30.19
C ILE Q 35 16.42 -7.33 29.96
N HIS Q 36 16.85 -8.43 29.31
CA HIS Q 36 18.27 -8.55 29.01
C HIS Q 36 18.74 -7.44 28.08
N MET Q 37 17.96 -7.13 27.03
CA MET Q 37 18.35 -6.04 26.14
C MET Q 37 18.36 -4.69 26.87
N ILE Q 38 17.38 -4.44 27.74
CA ILE Q 38 17.34 -3.16 28.45
C ILE Q 38 18.54 -3.03 29.36
N VAL Q 39 18.89 -4.09 30.09
CA VAL Q 39 20.05 -4.04 30.97
C VAL Q 39 21.34 -3.89 30.19
N LEU Q 40 21.45 -4.50 29.01
CA LEU Q 40 22.67 -4.40 28.22
C LEU Q 40 23.02 -2.96 27.85
N SER Q 41 22.03 -2.09 27.69
CA SER Q 41 22.30 -0.73 27.22
C SER Q 41 22.86 0.19 28.30
N THR Q 42 22.66 -0.15 29.58
CA THR Q 42 23.07 0.72 30.68
C THR Q 42 24.55 0.46 31.00
N ASP Q 43 25.03 0.97 32.13
CA ASP Q 43 26.40 0.76 32.55
C ASP Q 43 26.59 -0.52 33.34
N LEU Q 44 25.57 -1.37 33.41
CA LEU Q 44 25.67 -2.69 34.00
C LEU Q 44 26.06 -3.75 32.99
N ASN Q 45 26.44 -3.36 31.78
CA ASN Q 45 26.82 -4.30 30.73
C ASN Q 45 27.98 -5.17 31.19
N TRP Q 46 27.89 -6.48 30.88
CA TRP Q 46 28.90 -7.44 31.28
C TRP Q 46 29.76 -7.92 30.12
N LEU Q 47 29.36 -7.66 28.87
CA LEU Q 47 30.10 -8.13 27.71
C LEU Q 47 31.20 -7.15 27.29
N ASP Q 48 30.81 -5.92 26.95
CA ASP Q 48 31.75 -4.93 26.46
C ASP Q 48 32.14 -3.95 27.57
N ASP Q 49 32.81 -4.48 28.59
CA ASP Q 49 33.26 -3.67 29.72
C ASP Q 49 34.69 -3.98 30.13
N ASN Q 50 35.45 -4.71 29.31
CA ASN Q 50 36.88 -4.95 29.52
C ASN Q 50 37.18 -5.55 30.89
N ILE Q 51 36.35 -6.51 31.32
CA ILE Q 51 36.62 -7.28 32.52
C ILE Q 51 36.48 -8.76 32.16
N PRO Q 52 37.46 -9.62 32.49
CA PRO Q 52 38.67 -9.31 33.26
C PRO Q 52 39.74 -8.54 32.47
N VAL Q 53 39.89 -8.86 31.19
CA VAL Q 53 40.87 -8.19 30.34
C VAL Q 53 40.21 -7.81 29.02
N SER Q 54 40.94 -7.07 28.19
CA SER Q 54 40.46 -6.70 26.86
C SER Q 54 41.01 -7.69 25.85
N TYR Q 55 40.11 -8.24 25.03
CA TYR Q 55 40.47 -9.26 24.06
C TYR Q 55 40.73 -8.71 22.67
N GLN Q 56 40.11 -7.59 22.31
CA GLN Q 56 40.39 -6.91 21.05
C GLN Q 56 41.62 -6.01 21.15
N ALA Q 57 42.75 -6.54 21.60
CA ALA Q 57 43.96 -5.75 21.79
C ALA Q 57 45.17 -6.66 21.91
N THR R 8 -14.90 -24.43 30.28
CA THR R 8 -13.70 -25.18 29.91
C THR R 8 -13.98 -26.68 29.87
N GLY R 9 -15.03 -27.10 30.58
CA GLY R 9 -15.40 -28.50 30.64
C GLY R 9 -14.72 -29.29 31.73
N LEU R 10 -13.78 -28.70 32.46
CA LEU R 10 -13.10 -29.42 33.53
C LEU R 10 -14.04 -29.67 34.70
N THR R 11 -13.84 -30.82 35.36
CA THR R 11 -14.58 -31.15 36.57
C THR R 11 -13.95 -30.46 37.77
N ASP R 12 -14.36 -30.85 38.98
CA ASP R 12 -13.84 -30.23 40.18
C ASP R 12 -12.55 -30.87 40.68
N ASP R 13 -12.47 -32.20 40.67
CA ASP R 13 -11.24 -32.88 41.05
C ASP R 13 -10.09 -32.55 40.11
N GLU R 14 -10.37 -32.46 38.80
CA GLU R 14 -9.35 -32.04 37.84
C GLU R 14 -8.88 -30.62 38.15
N ALA R 15 -9.80 -29.73 38.53
CA ALA R 15 -9.41 -28.38 38.90
C ALA R 15 -8.51 -28.39 40.13
N LYS R 16 -8.84 -29.20 41.13
CA LYS R 16 -7.99 -29.29 42.32
C LYS R 16 -6.59 -29.79 41.97
N GLU R 17 -6.50 -30.85 41.17
CA GLU R 17 -5.20 -31.40 40.80
C GLU R 17 -4.38 -30.39 40.01
N PHE R 18 -5.02 -29.72 39.04
CA PHE R 18 -4.30 -28.74 38.25
C PHE R 18 -3.82 -27.58 39.10
N HIS R 19 -4.64 -27.14 40.06
CA HIS R 19 -4.22 -26.05 40.94
C HIS R 19 -3.02 -26.46 41.78
N ALA R 20 -3.04 -27.69 42.33
CA ALA R 20 -1.90 -28.15 43.13
C ALA R 20 -0.62 -28.15 42.30
N ILE R 21 -0.68 -28.75 41.11
CA ILE R 21 0.53 -28.82 40.29
C ILE R 21 0.98 -27.44 39.83
N PHE R 22 0.04 -26.55 39.49
CA PHE R 22 0.37 -25.21 39.06
C PHE R 22 1.08 -24.44 40.17
N MET R 23 0.57 -24.53 41.39
CA MET R 23 1.20 -23.83 42.50
C MET R 23 2.60 -24.38 42.77
N GLN R 24 2.76 -25.71 42.72
CA GLN R 24 4.08 -26.28 42.94
C GLN R 24 5.08 -25.79 41.91
N SER R 25 4.71 -25.83 40.63
CA SER R 25 5.60 -25.36 39.58
C SER R 25 5.91 -23.87 39.68
N MET R 26 4.91 -23.04 39.99
CA MET R 26 5.14 -21.62 40.14
C MET R 26 6.09 -21.31 41.28
N TYR R 27 5.94 -22.01 42.42
CA TYR R 27 6.85 -21.82 43.53
C TYR R 27 8.28 -22.25 43.18
N ALA R 28 8.44 -23.37 42.47
CA ALA R 28 9.79 -23.76 42.05
C ALA R 28 10.42 -22.72 41.14
N TRP R 29 9.63 -22.20 40.18
CA TRP R 29 10.15 -21.17 39.27
C TRP R 29 10.56 -19.92 40.03
N PHE R 30 9.74 -19.49 40.98
CA PHE R 30 10.07 -18.32 41.79
C PHE R 30 11.32 -18.54 42.63
N GLY R 31 11.51 -19.74 43.20
CA GLY R 31 12.72 -20.04 43.93
C GLY R 31 13.96 -19.95 43.06
N LEU R 32 13.88 -20.49 41.86
CA LEU R 32 15.00 -20.38 40.93
C LEU R 32 15.31 -18.93 40.59
N VAL R 33 14.28 -18.12 40.33
CA VAL R 33 14.49 -16.70 40.02
C VAL R 33 15.15 -15.99 41.19
N VAL R 34 14.70 -16.29 42.42
CA VAL R 34 15.27 -15.65 43.60
C VAL R 34 16.75 -16.01 43.75
N ILE R 35 17.10 -17.28 43.54
CA ILE R 35 18.51 -17.67 43.64
C ILE R 35 19.35 -16.95 42.59
N ALA R 36 18.83 -16.88 41.36
CA ALA R 36 19.56 -16.22 40.29
C ALA R 36 19.79 -14.74 40.61
N HIS R 37 18.75 -14.06 41.14
CA HIS R 37 18.91 -12.66 41.52
C HIS R 37 19.86 -12.48 42.69
N LEU R 38 19.88 -13.42 43.63
CA LEU R 38 20.89 -13.36 44.70
C LEU R 38 22.30 -13.42 44.13
N LEU R 39 22.54 -14.34 43.18
CA LEU R 39 23.86 -14.41 42.57
C LEU R 39 24.19 -13.12 41.81
N ALA R 40 23.24 -12.59 41.05
CA ALA R 40 23.48 -11.37 40.29
C ALA R 40 23.77 -10.18 41.21
N TRP R 41 23.09 -10.08 42.35
CA TRP R 41 23.41 -9.05 43.33
C TRP R 41 24.78 -9.24 43.95
N LEU R 42 25.16 -10.48 44.26
CA LEU R 42 26.50 -10.74 44.77
C LEU R 42 27.58 -10.39 43.76
N TYR R 43 27.29 -10.47 42.46
CA TYR R 43 28.28 -10.10 41.46
C TYR R 43 28.30 -8.60 41.21
N ARG R 44 27.17 -8.05 40.75
CA ARG R 44 27.08 -6.65 40.29
C ARG R 44 25.92 -5.96 40.98
N PRO R 45 26.14 -5.38 42.16
CA PRO R 45 25.09 -4.62 42.83
C PRO R 45 24.62 -3.45 41.98
N TRP R 46 23.31 -3.20 41.98
CA TRP R 46 22.74 -2.13 41.16
C TRP R 46 22.00 -1.07 41.96
N LEU R 47 21.48 -1.40 43.14
CA LEU R 47 20.76 -0.42 43.95
C LEU R 47 21.71 0.24 44.95
N ALA S 6 -25.54 -2.34 48.55
CA ALA S 6 -25.23 -3.69 49.02
C ALA S 6 -25.46 -4.72 47.92
N ASN S 7 -26.20 -4.31 46.88
CA ASN S 7 -26.51 -5.18 45.75
C ASN S 7 -25.56 -4.99 44.58
N LEU S 8 -24.32 -4.60 44.84
CA LEU S 8 -23.33 -4.41 43.79
C LEU S 8 -22.89 -5.73 43.16
N TYR S 9 -23.03 -6.85 43.86
CA TYR S 9 -22.62 -8.16 43.36
C TYR S 9 -23.35 -8.57 42.09
N LYS S 10 -24.38 -7.83 41.67
CA LYS S 10 -25.07 -8.09 40.43
C LYS S 10 -24.34 -7.55 39.22
N ILE S 11 -23.20 -6.87 39.42
CA ILE S 11 -22.40 -6.39 38.30
C ILE S 11 -21.87 -7.52 37.43
N TRP S 12 -21.81 -8.74 37.96
CA TRP S 12 -21.36 -9.90 37.20
C TRP S 12 -22.48 -10.57 36.41
N LEU S 13 -23.71 -10.09 36.56
CA LEU S 13 -24.81 -10.51 35.71
C LEU S 13 -24.89 -9.68 34.43
N ILE S 14 -24.02 -8.68 34.28
CA ILE S 14 -23.93 -7.86 33.08
C ILE S 14 -22.60 -8.06 32.37
N LEU S 15 -21.50 -8.08 33.12
CA LEU S 15 -20.16 -8.21 32.56
C LEU S 15 -19.70 -9.66 32.65
N ASP S 16 -19.11 -10.16 31.57
CA ASP S 16 -18.59 -11.52 31.54
C ASP S 16 -17.33 -11.60 32.41
N PRO S 17 -17.28 -12.47 33.42
CA PRO S 17 -16.12 -12.50 34.32
C PRO S 17 -14.79 -12.76 33.63
N ARG S 18 -14.74 -13.73 32.70
CA ARG S 18 -13.45 -14.12 32.12
C ARG S 18 -12.85 -13.00 31.29
N ARG S 19 -13.67 -12.32 30.48
CA ARG S 19 -13.18 -11.20 29.71
C ARG S 19 -12.72 -10.06 30.62
N VAL S 20 -13.41 -9.86 31.74
CA VAL S 20 -13.00 -8.85 32.70
C VAL S 20 -11.61 -9.17 33.24
N LEU S 21 -11.39 -10.43 33.62
CA LEU S 21 -10.09 -10.82 34.16
C LEU S 21 -8.99 -10.69 33.12
N VAL S 22 -9.25 -11.13 31.88
CA VAL S 22 -8.22 -11.03 30.84
C VAL S 22 -7.87 -9.57 30.56
N SER S 23 -8.89 -8.70 30.46
CA SER S 23 -8.64 -7.29 30.24
C SER S 23 -7.87 -6.67 31.39
N ILE S 24 -8.21 -7.02 32.64
CA ILE S 24 -7.50 -6.49 33.78
C ILE S 24 -6.03 -6.88 33.73
N VAL S 25 -5.76 -8.17 33.46
CA VAL S 25 -4.37 -8.64 33.44
C VAL S 25 -3.57 -7.93 32.35
N ALA S 26 -4.13 -7.86 31.14
CA ALA S 26 -3.42 -7.22 30.03
C ALA S 26 -3.17 -5.75 30.31
N PHE S 27 -4.19 -5.05 30.81
CA PHE S 27 -4.04 -3.62 31.07
C PHE S 27 -3.00 -3.37 32.16
N GLN S 28 -3.00 -4.18 33.22
CA GLN S 28 -2.03 -4.00 34.28
C GLN S 28 -0.61 -4.24 33.80
N ILE S 29 -0.40 -5.28 32.98
CA ILE S 29 0.95 -5.53 32.46
C ILE S 29 1.41 -4.38 31.58
N VAL S 30 0.54 -3.91 30.69
CA VAL S 30 0.92 -2.80 29.81
C VAL S 30 1.21 -1.55 30.61
N LEU S 31 0.39 -1.27 31.63
CA LEU S 31 0.62 -0.11 32.48
C LEU S 31 1.95 -0.22 33.23
N GLY S 32 2.28 -1.40 33.73
CA GLY S 32 3.56 -1.57 34.41
C GLY S 32 4.73 -1.27 33.50
N LEU S 33 4.69 -1.82 32.28
CA LEU S 33 5.75 -1.52 31.32
C LEU S 33 5.81 -0.02 31.01
N LEU S 34 4.67 0.62 30.79
CA LEU S 34 4.66 2.03 30.43
C LEU S 34 5.20 2.91 31.56
N ILE S 35 4.82 2.62 32.80
CA ILE S 35 5.27 3.43 33.93
C ILE S 35 6.75 3.22 34.18
N HIS S 36 7.24 1.99 34.02
CA HIS S 36 8.68 1.79 34.12
C HIS S 36 9.45 2.52 33.01
N MET S 37 8.94 2.53 31.77
CA MET S 37 9.56 3.36 30.73
C MET S 37 9.56 4.84 31.09
N ILE S 38 8.45 5.35 31.60
CA ILE S 38 8.37 6.77 31.93
C ILE S 38 9.37 7.14 33.00
N VAL S 39 9.44 6.33 34.07
CA VAL S 39 10.38 6.62 35.14
C VAL S 39 11.82 6.47 34.70
N LEU S 40 12.10 5.52 33.79
CA LEU S 40 13.48 5.29 33.37
C LEU S 40 14.11 6.49 32.67
N SER S 41 13.30 7.36 32.06
CA SER S 41 13.81 8.46 31.26
C SER S 41 13.97 9.78 32.04
N THR S 42 13.66 9.78 33.33
CA THR S 42 13.79 10.96 34.17
C THR S 42 15.07 10.84 35.02
N ASP S 43 15.24 11.75 35.97
CA ASP S 43 16.40 11.73 36.85
C ASP S 43 16.21 10.77 38.03
N LEU S 44 15.13 9.99 38.03
CA LEU S 44 14.93 8.94 39.01
C LEU S 44 15.47 7.60 38.53
N ASN S 45 16.21 7.58 37.43
CA ASN S 45 16.78 6.34 36.89
C ASN S 45 17.67 5.67 37.92
N TRP S 46 17.54 4.35 38.04
CA TRP S 46 18.31 3.58 39.01
C TRP S 46 19.42 2.77 38.37
N LEU S 47 19.44 2.61 37.05
CA LEU S 47 20.44 1.79 36.38
C LEU S 47 21.69 2.60 36.02
N ASP S 48 21.52 3.61 35.17
CA ASP S 48 22.64 4.42 34.67
C ASP S 48 22.85 5.67 35.51
N ASP S 49 23.01 5.51 36.82
CA ASP S 49 23.22 6.65 37.71
C ASP S 49 24.46 6.51 38.58
N ASN S 50 25.35 5.57 38.26
CA ASN S 50 26.66 5.44 38.90
C ASN S 50 26.56 5.28 40.41
N ILE S 51 25.53 4.58 40.88
CA ILE S 51 25.39 4.24 42.30
C ILE S 51 25.21 2.73 42.39
N PRO S 52 25.97 2.02 43.24
CA PRO S 52 26.95 2.55 44.20
C PRO S 52 28.28 2.98 43.58
N VAL S 53 28.69 2.33 42.50
CA VAL S 53 29.95 2.61 41.83
C VAL S 53 29.75 2.43 40.33
N SER S 54 30.55 3.12 39.54
CA SER S 54 30.53 2.97 38.09
C SER S 54 31.27 1.70 37.69
N TYR S 55 30.64 0.89 36.85
CA TYR S 55 31.19 -0.39 36.45
C TYR S 55 31.91 -0.35 35.11
N GLN S 56 31.52 0.58 34.24
CA GLN S 56 32.23 0.77 32.96
C GLN S 56 33.47 1.65 33.12
N ALA S 57 34.36 1.29 34.03
CA ALA S 57 35.56 2.09 34.30
C ALA S 57 36.60 1.26 35.05
N THR T 8 -24.80 -13.16 30.69
CA THR T 8 -23.61 -13.94 31.02
C THR T 8 -23.98 -15.37 31.39
N GLY T 9 -25.22 -15.56 31.84
CA GLY T 9 -25.70 -16.87 32.20
C GLY T 9 -25.42 -17.29 33.63
N LEU T 10 -24.70 -16.46 34.40
CA LEU T 10 -24.42 -16.81 35.79
C LEU T 10 -25.66 -16.66 36.65
N THR T 11 -25.75 -17.53 37.66
CA THR T 11 -26.83 -17.45 38.64
C THR T 11 -26.50 -16.40 39.68
N ASP T 12 -27.27 -16.36 40.78
CA ASP T 12 -27.07 -15.36 41.81
C ASP T 12 -26.03 -15.77 42.85
N ASP T 13 -26.07 -17.03 43.30
CA ASP T 13 -25.05 -17.51 44.23
C ASP T 13 -23.66 -17.50 43.60
N GLU T 14 -23.56 -17.87 42.33
CA GLU T 14 -22.29 -17.77 41.62
C GLU T 14 -21.79 -16.34 41.57
N ALA T 15 -22.70 -15.38 41.35
CA ALA T 15 -22.32 -13.98 41.36
C ALA T 15 -21.79 -13.57 42.73
N LYS T 16 -22.46 -13.99 43.81
CA LYS T 16 -21.99 -13.67 45.14
C LYS T 16 -20.59 -14.22 45.40
N GLU T 17 -20.38 -15.50 45.06
CA GLU T 17 -19.09 -16.13 45.29
C GLU T 17 -17.98 -15.45 44.48
N PHE T 18 -18.25 -15.17 43.20
CA PHE T 18 -17.26 -14.51 42.37
C PHE T 18 -16.94 -13.12 42.90
N HIS T 19 -17.96 -12.38 43.37
CA HIS T 19 -17.70 -11.06 43.91
C HIS T 19 -16.84 -11.12 45.15
N ALA T 20 -17.10 -12.09 46.04
CA ALA T 20 -16.29 -12.23 47.24
C ALA T 20 -14.83 -12.52 46.89
N ILE T 21 -14.59 -13.48 46.00
CA ILE T 21 -13.21 -13.82 45.64
C ILE T 21 -12.54 -12.66 44.91
N PHE T 22 -13.27 -11.97 44.03
CA PHE T 22 -12.70 -10.83 43.30
C PHE T 22 -12.27 -9.74 44.26
N MET T 23 -13.11 -9.42 45.26
CA MET T 23 -12.76 -8.39 46.22
C MET T 23 -11.55 -8.80 47.05
N GLN T 24 -11.50 -10.07 47.48
CA GLN T 24 -10.35 -10.52 48.26
C GLN T 24 -9.05 -10.39 47.47
N SER T 25 -9.06 -10.85 46.22
CA SER T 25 -7.86 -10.75 45.38
C SER T 25 -7.48 -9.30 45.09
N MET T 26 -8.45 -8.44 44.81
CA MET T 26 -8.14 -7.03 44.55
C MET T 26 -7.52 -6.37 45.77
N TYR T 27 -8.05 -6.64 46.96
CA TYR T 27 -7.46 -6.10 48.17
C TYR T 27 -6.05 -6.60 48.43
N ALA T 28 -5.79 -7.89 48.20
CA ALA T 28 -4.42 -8.39 48.35
C ALA T 28 -3.47 -7.71 47.37
N TRP T 29 -3.90 -7.55 46.12
CA TRP T 29 -3.06 -6.90 45.12
C TRP T 29 -2.75 -5.45 45.51
N PHE T 30 -3.77 -4.73 45.99
CA PHE T 30 -3.55 -3.36 46.43
C PHE T 30 -2.62 -3.28 47.63
N GLY T 31 -2.73 -4.21 48.58
CA GLY T 31 -1.79 -4.22 49.69
C GLY T 31 -0.35 -4.43 49.24
N LEU T 32 -0.15 -5.36 48.30
CA LEU T 32 1.20 -5.56 47.77
C LEU T 32 1.72 -4.30 47.08
N VAL T 33 0.86 -3.63 46.29
CA VAL T 33 1.28 -2.40 45.63
C VAL T 33 1.65 -1.33 46.64
N VAL T 34 0.86 -1.21 47.72
CA VAL T 34 1.14 -0.20 48.74
C VAL T 34 2.49 -0.47 49.41
N ILE T 35 2.76 -1.73 49.74
CA ILE T 35 4.06 -2.05 50.36
C ILE T 35 5.21 -1.73 49.42
N ALA T 36 5.06 -2.08 48.14
CA ALA T 36 6.13 -1.79 47.18
C ALA T 36 6.37 -0.29 47.05
N HIS T 37 5.30 0.50 47.01
CA HIS T 37 5.45 1.96 46.94
C HIS T 37 6.06 2.53 48.21
N LEU T 38 5.75 1.96 49.38
CA LEU T 38 6.41 2.38 50.60
C LEU T 38 7.92 2.15 50.52
N LEU T 39 8.32 0.95 50.07
CA LEU T 39 9.76 0.69 49.93
C LEU T 39 10.41 1.64 48.94
N ALA T 40 9.77 1.88 47.79
CA ALA T 40 10.32 2.83 46.83
C ALA T 40 10.43 4.24 47.38
N TRP T 41 9.47 4.67 48.21
CA TRP T 41 9.57 5.98 48.84
C TRP T 41 10.71 6.06 49.84
N LEU T 42 10.90 5.04 50.68
CA LEU T 42 12.08 5.04 51.55
C LEU T 42 13.39 4.97 50.78
N TYR T 43 13.40 4.42 49.57
CA TYR T 43 14.64 4.41 48.78
C TYR T 43 14.87 5.74 48.07
N ARG T 44 13.97 6.11 47.15
CA ARG T 44 14.13 7.27 46.26
C ARG T 44 12.89 8.16 46.33
N PRO T 45 12.84 9.10 47.29
CA PRO T 45 11.70 10.03 47.34
C PRO T 45 11.56 10.87 46.09
N TRP T 46 10.35 10.98 45.55
CA TRP T 46 10.14 11.74 44.34
C TRP T 46 9.39 13.05 44.56
N LEU T 47 8.47 13.08 45.54
CA LEU T 47 7.70 14.28 45.82
C LEU T 47 8.41 15.19 46.82
N ASN U 5 -35.93 16.03 34.84
CA ASN U 5 -37.19 15.47 35.31
C ASN U 5 -36.93 14.36 36.33
N ALA U 6 -38.00 13.86 36.94
CA ALA U 6 -37.91 12.77 37.90
C ALA U 6 -37.99 11.40 37.23
N ASN U 7 -38.30 11.34 35.93
CA ASN U 7 -38.39 10.08 35.20
C ASN U 7 -37.15 9.83 34.36
N LEU U 8 -35.99 10.27 34.85
CA LEU U 8 -34.73 10.07 34.13
C LEU U 8 -34.27 8.62 34.12
N TYR U 9 -34.78 7.79 35.04
CA TYR U 9 -34.34 6.40 35.12
C TYR U 9 -34.71 5.60 33.87
N LYS U 10 -35.58 6.12 33.02
CA LYS U 10 -35.93 5.49 31.77
C LYS U 10 -34.82 5.61 30.72
N ILE U 11 -33.75 6.35 31.03
CA ILE U 11 -32.63 6.47 30.11
C ILE U 11 -31.97 5.13 29.81
N TRP U 12 -32.17 4.13 30.68
CA TRP U 12 -31.62 2.80 30.47
C TRP U 12 -32.55 1.90 29.65
N LEU U 13 -33.72 2.40 29.28
CA LEU U 13 -34.57 1.73 28.31
C LEU U 13 -34.23 2.11 26.88
N ILE U 14 -33.25 2.99 26.69
CA ILE U 14 -32.76 3.39 25.37
C ILE U 14 -31.31 2.99 25.17
N LEU U 15 -30.47 3.26 26.17
CA LEU U 15 -29.05 2.95 26.12
C LEU U 15 -28.77 1.63 26.82
N ASP U 16 -28.00 0.77 26.18
CA ASP U 16 -27.68 -0.52 26.78
C ASP U 16 -26.65 -0.35 27.89
N PRO U 17 -26.93 -0.79 29.11
CA PRO U 17 -26.02 -0.53 30.24
C PRO U 17 -24.61 -1.05 30.04
N ARG U 18 -24.47 -2.23 29.44
CA ARG U 18 -23.15 -2.87 29.33
C ARG U 18 -22.20 -2.03 28.50
N ARG U 19 -22.62 -1.65 27.29
CA ARG U 19 -21.78 -0.81 26.45
C ARG U 19 -21.53 0.55 27.08
N VAL U 20 -22.50 1.07 27.82
CA VAL U 20 -22.30 2.34 28.51
C VAL U 20 -21.15 2.23 29.51
N LEU U 21 -21.16 1.18 30.33
CA LEU U 21 -20.09 1.01 31.32
C LEU U 21 -18.75 0.77 30.65
N VAL U 22 -18.71 -0.06 29.59
CA VAL U 22 -17.44 -0.30 28.91
C VAL U 22 -16.88 0.99 28.32
N SER U 23 -17.72 1.78 27.65
CA SER U 23 -17.28 3.04 27.09
C SER U 23 -16.83 4.02 28.16
N ILE U 24 -17.53 4.08 29.29
CA ILE U 24 -17.13 4.97 30.38
C ILE U 24 -15.75 4.59 30.89
N VAL U 25 -15.52 3.29 31.13
CA VAL U 25 -14.24 2.85 31.68
C VAL U 25 -13.11 3.16 30.69
N ALA U 26 -13.30 2.81 29.42
CA ALA U 26 -12.25 3.05 28.44
C ALA U 26 -11.96 4.54 28.29
N PHE U 27 -13.00 5.37 28.21
CA PHE U 27 -12.79 6.80 28.05
C PHE U 27 -12.09 7.41 29.26
N GLN U 28 -12.47 6.97 30.47
CA GLN U 28 -11.80 7.50 31.67
C GLN U 28 -10.32 7.14 31.70
N ILE U 29 -9.98 5.89 31.34
CA ILE U 29 -8.57 5.51 31.34
C ILE U 29 -7.79 6.30 30.30
N VAL U 30 -8.35 6.44 29.09
CA VAL U 30 -7.66 7.19 28.04
C VAL U 30 -7.50 8.64 28.45
N LEU U 31 -8.53 9.25 29.05
CA LEU U 31 -8.42 10.64 29.49
C LEU U 31 -7.38 10.80 30.58
N GLY U 32 -7.30 9.86 31.52
CA GLY U 32 -6.27 9.94 32.54
C GLY U 32 -4.88 9.92 31.94
N LEU U 33 -4.63 9.00 31.02
CA LEU U 33 -3.33 8.96 30.36
C LEU U 33 -3.04 10.24 29.60
N LEU U 34 -4.02 10.76 28.86
CA LEU U 34 -3.82 11.96 28.06
C LEU U 34 -3.50 13.16 28.92
N ILE U 35 -4.26 13.35 30.01
CA ILE U 35 -4.01 14.49 30.89
C ILE U 35 -2.67 14.37 31.59
N HIS U 36 -2.27 13.15 31.98
CA HIS U 36 -0.96 13.01 32.58
C HIS U 36 0.16 13.38 31.61
N MET U 37 0.06 12.92 30.36
CA MET U 37 1.07 13.30 29.37
C MET U 37 1.07 14.80 29.12
N ILE U 38 -0.11 15.42 29.08
CA ILE U 38 -0.17 16.86 28.83
C ILE U 38 0.48 17.63 29.98
N VAL U 39 0.16 17.26 31.23
CA VAL U 39 0.74 17.94 32.38
C VAL U 39 2.24 17.72 32.50
N LEU U 40 2.74 16.54 32.15
CA LEU U 40 4.17 16.26 32.26
C LEU U 40 5.02 17.17 31.39
N SER U 41 4.47 17.73 30.31
CA SER U 41 5.26 18.54 29.39
C SER U 41 5.40 20.00 29.83
N THR U 42 4.62 20.45 30.81
CA THR U 42 4.65 21.82 31.25
C THR U 42 5.67 21.99 32.39
N ASP U 43 5.63 23.12 33.08
CA ASP U 43 6.52 23.38 34.20
C ASP U 43 5.95 22.88 35.52
N LEU U 44 4.86 22.11 35.49
CA LEU U 44 4.32 21.46 36.67
C LEU U 44 4.83 20.04 36.83
N ASN U 45 5.82 19.64 36.04
CA ASN U 45 6.37 18.30 36.12
C ASN U 45 6.91 18.01 37.52
N TRP U 46 6.62 16.81 38.02
CA TRP U 46 7.02 16.43 39.36
C TRP U 46 8.20 15.45 39.39
N LEU U 47 8.58 14.89 38.25
CA LEU U 47 9.65 13.91 38.19
C LEU U 47 11.01 14.57 37.96
N ASP U 48 11.17 15.25 36.82
CA ASP U 48 12.43 15.88 36.45
C ASP U 48 12.51 17.34 36.87
N ASP U 49 12.29 17.64 38.15
CA ASP U 49 12.37 19.01 38.64
C ASP U 49 13.29 19.17 39.84
N ASN U 50 14.14 18.17 40.12
CA ASN U 50 15.19 18.28 41.13
C ASN U 50 14.64 18.62 42.51
N ILE U 51 13.49 18.05 42.86
CA ILE U 51 12.93 18.19 44.20
C ILE U 51 12.61 16.78 44.71
N PRO U 52 13.06 16.41 45.93
CA PRO U 52 13.77 17.25 46.90
C PRO U 52 15.23 17.52 46.55
N VAL U 53 15.92 16.52 45.99
CA VAL U 53 17.32 16.62 45.60
C VAL U 53 17.48 16.03 44.21
N SER U 54 18.67 16.20 43.64
CA SER U 54 19.01 15.62 42.36
C SER U 54 19.73 14.30 42.58
N TYR U 55 19.24 13.25 41.91
CA TYR U 55 19.76 11.90 42.10
C TYR U 55 20.81 11.52 41.06
N GLN U 56 20.76 12.12 39.87
CA GLN U 56 21.80 11.90 38.86
C GLN U 56 23.01 12.80 39.07
N ALA U 57 23.59 12.78 40.28
CA ALA U 57 24.72 13.63 40.61
C ALA U 57 25.44 13.13 41.85
N THR V 8 -33.37 -2.43 24.68
CA THR V 8 -32.41 -3.04 25.58
C THR V 8 -32.98 -4.29 26.23
N GLY V 9 -34.31 -4.32 26.38
CA GLY V 9 -35.00 -5.44 26.97
C GLY V 9 -35.18 -5.36 28.47
N LEU V 10 -34.60 -4.36 29.13
CA LEU V 10 -34.75 -4.23 30.57
C LEU V 10 -36.17 -3.79 30.93
N THR V 11 -36.64 -4.27 32.08
CA THR V 11 -37.93 -3.85 32.61
C THR V 11 -37.80 -2.51 33.32
N ASP V 12 -38.84 -2.12 34.06
CA ASP V 12 -38.83 -0.83 34.74
C ASP V 12 -38.18 -0.89 36.11
N ASP V 13 -38.45 -1.95 36.89
CA ASP V 13 -37.78 -2.11 38.19
C ASP V 13 -36.28 -2.28 38.03
N GLU V 14 -35.84 -3.04 37.01
CA GLU V 14 -34.42 -3.16 36.73
C GLU V 14 -33.82 -1.80 36.37
N ALA V 15 -34.55 -0.99 35.60
CA ALA V 15 -34.07 0.36 35.29
C ALA V 15 -33.90 1.19 36.55
N LYS V 16 -34.88 1.14 37.46
CA LYS V 16 -34.76 1.88 38.72
C LYS V 16 -33.55 1.43 39.52
N GLU V 17 -33.36 0.11 39.67
CA GLU V 17 -32.24 -0.40 40.44
C GLU V 17 -30.90 0.01 39.82
N PHE V 18 -30.79 -0.14 38.49
CA PHE V 18 -29.55 0.23 37.83
C PHE V 18 -29.28 1.73 37.97
N HIS V 19 -30.32 2.56 37.88
CA HIS V 19 -30.12 4.00 38.04
C HIS V 19 -29.62 4.32 39.45
N ALA V 20 -30.21 3.69 40.47
CA ALA V 20 -29.78 3.94 41.84
C ALA V 20 -28.30 3.59 42.01
N ILE V 21 -27.91 2.38 41.59
CA ILE V 21 -26.53 1.96 41.77
C ILE V 21 -25.58 2.82 40.95
N PHE V 22 -25.95 3.15 39.71
CA PHE V 22 -25.10 3.97 38.85
C PHE V 22 -24.87 5.35 39.47
N MET V 23 -25.93 5.97 39.97
CA MET V 23 -25.78 7.29 40.59
C MET V 23 -24.90 7.22 41.83
N GLN V 24 -25.10 6.20 42.67
CA GLN V 24 -24.28 6.09 43.87
C GLN V 24 -22.81 5.90 43.54
N SER V 25 -22.49 5.02 42.59
CA SER V 25 -21.10 4.83 42.18
C SER V 25 -20.51 6.07 41.53
N MET V 26 -21.26 6.78 40.70
CA MET V 26 -20.75 8.01 40.09
C MET V 26 -20.44 9.07 41.14
N TYR V 27 -21.32 9.21 42.14
CA TYR V 27 -21.04 10.16 43.22
C TYR V 27 -19.81 9.78 44.03
N ALA V 28 -19.62 8.48 44.32
CA ALA V 28 -18.40 8.08 45.02
C ALA V 28 -17.15 8.40 44.20
N TRP V 29 -17.19 8.11 42.90
CA TRP V 29 -16.04 8.40 42.04
C TRP V 29 -15.74 9.89 42.00
N PHE V 30 -16.78 10.73 41.89
CA PHE V 30 -16.58 12.17 41.91
C PHE V 30 -16.02 12.66 43.24
N GLY V 31 -16.46 12.10 44.36
CA GLY V 31 -15.87 12.48 45.64
C GLY V 31 -14.40 12.14 45.72
N LEU V 32 -14.02 10.95 45.24
CA LEU V 32 -12.60 10.60 45.20
C LEU V 32 -11.80 11.56 44.33
N VAL V 33 -12.32 11.92 43.16
CA VAL V 33 -11.64 12.86 42.28
C VAL V 33 -11.46 14.21 42.97
N VAL V 34 -12.50 14.68 43.66
CA VAL V 34 -12.43 15.97 44.34
C VAL V 34 -11.36 15.95 45.42
N ILE V 35 -11.29 14.87 46.21
CA ILE V 35 -10.26 14.78 47.24
C ILE V 35 -8.87 14.79 46.62
N ALA V 36 -8.68 14.03 45.54
CA ALA V 36 -7.38 13.98 44.89
C ALA V 36 -6.98 15.36 44.36
N HIS V 37 -7.91 16.08 43.75
CA HIS V 37 -7.61 17.43 43.27
C HIS V 37 -7.33 18.40 44.41
N LEU V 38 -8.00 18.24 45.56
CA LEU V 38 -7.66 19.06 46.72
C LEU V 38 -6.22 18.82 47.15
N LEU V 39 -5.80 17.56 47.22
CA LEU V 39 -4.41 17.27 47.57
C LEU V 39 -3.44 17.85 46.55
N ALA V 40 -3.72 17.68 45.26
CA ALA V 40 -2.85 18.23 44.22
C ALA V 40 -2.77 19.74 44.27
N TRP V 41 -3.87 20.43 44.59
CA TRP V 41 -3.82 21.88 44.79
C TRP V 41 -3.01 22.27 46.02
N LEU V 42 -3.13 21.52 47.11
CA LEU V 42 -2.29 21.78 48.27
C LEU V 42 -0.81 21.55 47.99
N TYR V 43 -0.47 20.69 47.02
CA TYR V 43 0.93 20.49 46.68
C TYR V 43 1.44 21.56 45.70
N ARG V 44 0.86 21.61 44.51
CA ARG V 44 1.34 22.47 43.42
C ARG V 44 0.19 23.30 42.87
N PRO V 45 -0.07 24.48 43.46
CA PRO V 45 -1.07 25.38 42.88
C PRO V 45 -0.77 25.72 41.42
N TRP V 46 -1.77 25.62 40.54
CA TRP V 46 -1.58 25.94 39.13
C TRP V 46 -2.26 27.23 38.71
N LEU V 47 -3.35 27.61 39.37
CA LEU V 47 -4.05 28.85 39.04
C LEU V 47 -3.55 30.01 39.89
N ASN W 5 -42.58 26.35 15.88
CA ASN W 5 -43.99 25.99 16.12
C ASN W 5 -44.13 25.27 17.46
N ALA W 6 -45.38 24.99 17.85
CA ALA W 6 -45.66 24.27 19.07
C ALA W 6 -45.68 22.76 18.89
N ASN W 7 -45.61 22.27 17.64
CA ASN W 7 -45.59 20.84 17.34
C ASN W 7 -44.20 20.35 17.03
N LEU W 8 -43.17 20.93 17.64
CA LEU W 8 -41.79 20.52 17.39
C LEU W 8 -41.48 19.15 17.99
N TYR W 9 -42.26 18.69 18.97
CA TYR W 9 -42.00 17.40 19.62
C TYR W 9 -42.13 16.23 18.65
N LYS W 10 -42.60 16.46 17.42
CA LYS W 10 -42.68 15.42 16.41
C LYS W 10 -41.35 15.17 15.72
N ILE W 11 -40.31 15.94 16.06
CA ILE W 11 -38.99 15.72 15.48
C ILE W 11 -38.40 14.38 15.88
N TRP W 12 -38.92 13.76 16.95
CA TRP W 12 -38.46 12.45 17.39
C TRP W 12 -39.16 11.31 16.67
N LEU W 13 -40.15 11.62 15.84
CA LEU W 13 -40.74 10.65 14.93
C LEU W 13 -39.97 10.55 13.63
N ILE W 14 -38.94 11.38 13.45
CA ILE W 14 -38.07 11.34 12.27
C ILE W 14 -36.66 10.91 12.66
N LEU W 15 -36.11 11.48 13.73
CA LEU W 15 -34.76 11.20 14.18
C LEU W 15 -34.80 10.19 15.33
N ASP W 16 -33.97 9.16 15.24
CA ASP W 16 -33.92 8.14 16.28
C ASP W 16 -33.21 8.70 17.51
N PRO W 17 -33.85 8.67 18.69
CA PRO W 17 -33.24 9.31 19.88
C PRO W 17 -31.87 8.74 20.27
N ARG W 18 -31.68 7.43 20.14
CA ARG W 18 -30.45 6.81 20.63
C ARG W 18 -29.23 7.33 19.89
N ARG W 19 -29.27 7.29 18.55
CA ARG W 19 -28.15 7.80 17.77
C ARG W 19 -27.97 9.29 17.97
N VAL W 20 -29.06 10.02 18.21
CA VAL W 20 -28.96 11.45 18.49
C VAL W 20 -28.14 11.69 19.75
N LEU W 21 -28.45 10.95 20.82
CA LEU W 21 -27.71 11.12 22.07
C LEU W 21 -26.25 10.69 21.93
N VAL W 22 -25.99 9.58 21.25
CA VAL W 22 -24.60 9.16 21.04
C VAL W 22 -23.81 10.19 20.26
N SER W 23 -24.38 10.72 19.17
CA SER W 23 -23.73 11.76 18.40
C SER W 23 -23.49 13.02 19.21
N ILE W 24 -24.46 13.43 20.03
CA ILE W 24 -24.29 14.62 20.85
C ILE W 24 -23.13 14.45 21.82
N VAL W 25 -23.09 13.32 22.53
CA VAL W 25 -22.02 13.16 23.54
C VAL W 25 -20.66 13.05 22.87
N ALA W 26 -20.56 12.29 21.78
CA ALA W 26 -19.27 12.18 21.10
C ALA W 26 -18.80 13.52 20.55
N PHE W 27 -19.70 14.28 19.90
CA PHE W 27 -19.32 15.56 19.34
C PHE W 27 -18.93 16.55 20.43
N GLN W 28 -19.63 16.54 21.57
CA GLN W 28 -19.27 17.44 22.65
C GLN W 28 -17.91 17.11 23.24
N ILE W 29 -17.60 15.82 23.43
CA ILE W 29 -16.28 15.47 23.93
C ILE W 29 -15.19 15.90 22.96
N VAL W 30 -15.39 15.63 21.67
CA VAL W 30 -14.40 16.02 20.66
C VAL W 30 -14.22 17.53 20.63
N LEU W 31 -15.32 18.28 20.74
CA LEU W 31 -15.25 19.73 20.74
C LEU W 31 -14.50 20.25 21.96
N GLY W 32 -14.75 19.67 23.14
CA GLY W 32 -14.03 20.09 24.32
C GLY W 32 -12.54 19.89 24.18
N LEU W 33 -12.13 18.71 23.68
CA LEU W 33 -10.72 18.47 23.45
C LEU W 33 -10.13 19.45 22.44
N LEU W 34 -10.84 19.70 21.34
CA LEU W 34 -10.32 20.59 20.29
C LEU W 34 -10.17 22.02 20.81
N ILE W 35 -11.17 22.52 21.54
CA ILE W 35 -11.08 23.86 22.09
C ILE W 35 -9.98 23.99 23.13
N HIS W 36 -9.75 22.96 23.94
CA HIS W 36 -8.60 23.02 24.84
C HIS W 36 -7.27 23.03 24.08
N MET W 37 -7.15 22.21 23.03
CA MET W 37 -5.95 22.29 22.19
C MET W 37 -5.74 23.70 21.66
N ILE W 38 -6.81 24.32 21.13
CA ILE W 38 -6.68 25.65 20.53
C ILE W 38 -6.27 26.68 21.57
N VAL W 39 -6.91 26.66 22.74
CA VAL W 39 -6.63 27.65 23.76
C VAL W 39 -5.25 27.48 24.37
N LEU W 40 -4.78 26.25 24.54
CA LEU W 40 -3.48 26.03 25.19
C LEU W 40 -2.32 26.63 24.40
N SER W 41 -2.45 26.74 23.08
CA SER W 41 -1.36 27.22 22.25
C SER W 41 -1.28 28.74 22.15
N THR W 42 -2.28 29.45 22.64
CA THR W 42 -2.29 30.91 22.57
C THR W 42 -1.64 31.48 23.84
N ASP W 43 -1.75 32.78 24.06
CA ASP W 43 -1.19 33.42 25.23
C ASP W 43 -2.14 33.38 26.43
N LEU W 44 -3.24 32.65 26.32
CA LEU W 44 -4.15 32.40 27.43
C LEU W 44 -3.79 31.13 28.19
N ASN W 45 -2.65 30.52 27.90
CA ASN W 45 -2.24 29.30 28.58
C ASN W 45 -2.16 29.51 30.09
N TRP W 46 -2.65 28.52 30.83
CA TRP W 46 -2.68 28.59 32.29
C TRP W 46 -1.64 27.70 32.95
N LEU W 47 -1.09 26.71 32.24
CA LEU W 47 -0.11 25.79 32.82
C LEU W 47 1.29 26.39 32.81
N ASP W 48 1.81 26.70 31.62
CA ASP W 48 3.19 27.16 31.47
C ASP W 48 3.27 28.68 31.33
N ASP W 49 2.78 29.38 32.36
CA ASP W 49 2.86 30.83 32.40
C ASP W 49 3.46 31.36 33.69
N ASN W 50 4.10 30.49 34.49
CA ASN W 50 4.84 30.91 35.68
C ASN W 50 3.96 31.68 36.66
N ILE W 51 2.71 31.27 36.81
CA ILE W 51 1.80 31.85 37.79
C ILE W 51 1.24 30.71 38.63
N PRO W 52 1.29 30.78 39.97
CA PRO W 52 1.78 31.91 40.78
C PRO W 52 3.30 32.04 40.80
N VAL W 53 4.01 30.92 40.82
CA VAL W 53 5.47 30.90 40.86
C VAL W 53 5.96 29.87 39.86
N SER W 54 7.26 29.91 39.57
CA SER W 54 7.91 28.93 38.71
C SER W 54 8.40 27.78 39.57
N TYR W 55 7.97 26.56 39.22
CA TYR W 55 8.27 25.40 40.03
C TYR W 55 9.57 24.73 39.59
N GLN W 56 9.84 24.71 38.28
CA GLN W 56 11.10 24.17 37.76
C GLN W 56 12.13 25.29 37.73
N ALA W 57 12.48 25.78 38.92
CA ALA W 57 13.43 26.87 39.06
C ALA W 57 14.86 26.38 38.83
N SER X 6 -44.70 5.41 12.62
CA SER X 6 -43.58 6.34 12.52
C SER X 6 -42.31 5.59 12.12
N LEU X 7 -41.35 6.34 11.57
CA LEU X 7 -40.09 5.73 11.14
C LEU X 7 -39.32 5.16 12.32
N THR X 8 -39.21 5.94 13.40
CA THR X 8 -38.47 5.47 14.57
C THR X 8 -39.25 4.42 15.34
N GLY X 9 -40.57 4.39 15.18
CA GLY X 9 -41.43 3.48 15.91
C GLY X 9 -42.03 4.07 17.17
N LEU X 10 -41.58 5.24 17.58
CA LEU X 10 -42.11 5.87 18.78
C LEU X 10 -43.54 6.38 18.54
N THR X 11 -44.35 6.32 19.59
CA THR X 11 -45.70 6.88 19.54
C THR X 11 -45.64 8.38 19.83
N ASP X 12 -46.80 9.00 20.06
CA ASP X 12 -46.85 10.43 20.29
C ASP X 12 -46.56 10.81 21.73
N ASP X 13 -47.12 10.06 22.70
CA ASP X 13 -46.85 10.33 24.11
C ASP X 13 -45.38 10.12 24.45
N GLU X 14 -44.76 9.08 23.90
CA GLU X 14 -43.33 8.88 24.11
C GLU X 14 -42.53 10.04 23.54
N ALA X 15 -42.93 10.55 22.38
CA ALA X 15 -42.27 11.70 21.80
C ALA X 15 -42.38 12.92 22.70
N LYS X 16 -43.56 13.16 23.26
CA LYS X 16 -43.74 14.30 24.17
C LYS X 16 -42.87 14.17 25.40
N GLU X 17 -42.85 12.97 26.01
CA GLU X 17 -42.05 12.77 27.21
C GLU X 17 -40.56 12.94 26.92
N PHE X 18 -40.09 12.37 25.81
CA PHE X 18 -38.68 12.53 25.45
C PHE X 18 -38.35 13.98 25.18
N HIS X 19 -39.24 14.72 24.53
CA HIS X 19 -38.98 16.13 24.29
C HIS X 19 -38.86 16.91 25.59
N ALA X 20 -39.75 16.64 26.54
CA ALA X 20 -39.69 17.34 27.82
C ALA X 20 -38.37 17.06 28.53
N ILE X 21 -37.99 15.79 28.62
CA ILE X 21 -36.74 15.45 29.32
C ILE X 21 -35.53 15.99 28.59
N PHE X 22 -35.53 15.94 27.25
CA PHE X 22 -34.41 16.46 26.47
C PHE X 22 -34.24 17.95 26.69
N MET X 23 -35.36 18.70 26.68
CA MET X 23 -35.27 20.14 26.90
C MET X 23 -34.75 20.44 28.30
N GLN X 24 -35.23 19.72 29.31
CA GLN X 24 -34.76 19.97 30.67
C GLN X 24 -33.25 19.73 30.78
N SER X 25 -32.77 18.60 30.25
CA SER X 25 -31.36 18.30 30.30
C SER X 25 -30.51 19.31 29.53
N MET X 26 -30.96 19.71 28.34
CA MET X 26 -30.22 20.69 27.55
C MET X 26 -30.14 22.04 28.27
N TYR X 27 -31.22 22.49 28.89
CA TYR X 27 -31.17 23.73 29.64
C TYR X 27 -30.25 23.64 30.86
N ALA X 28 -30.25 22.52 31.57
CA ALA X 28 -29.30 22.37 32.68
C ALA X 28 -27.86 22.42 32.19
N TRP X 29 -27.57 21.73 31.08
CA TRP X 29 -26.22 21.74 30.52
C TRP X 29 -25.79 23.15 30.12
N PHE X 30 -26.69 23.89 29.48
CA PHE X 30 -26.38 25.26 29.10
C PHE X 30 -26.15 26.16 30.32
N GLY X 31 -26.94 25.98 31.38
CA GLY X 31 -26.70 26.75 32.59
C GLY X 31 -25.34 26.49 33.19
N LEU X 32 -24.93 25.22 33.26
CA LEU X 32 -23.59 24.90 33.74
C LEU X 32 -22.49 25.52 32.87
N VAL X 33 -22.66 25.46 31.54
CA VAL X 33 -21.68 26.06 30.64
C VAL X 33 -21.58 27.57 30.88
N VAL X 34 -22.73 28.23 31.06
CA VAL X 34 -22.73 29.67 31.28
C VAL X 34 -22.01 30.01 32.58
N ILE X 35 -22.25 29.25 33.65
CA ILE X 35 -21.56 29.52 34.91
C ILE X 35 -20.06 29.33 34.76
N ALA X 36 -19.64 28.26 34.07
CA ALA X 36 -18.22 28.02 33.86
C ALA X 36 -17.57 29.15 33.08
N HIS X 37 -18.24 29.62 32.02
CA HIS X 37 -17.71 30.74 31.25
C HIS X 37 -17.67 32.03 32.05
N LEU X 38 -18.63 32.26 32.94
CA LEU X 38 -18.56 33.41 33.84
C LEU X 38 -17.32 33.35 34.72
N LEU X 39 -17.05 32.17 35.30
CA LEU X 39 -15.84 32.04 36.12
C LEU X 39 -14.57 32.26 35.30
N ALA X 40 -14.51 31.66 34.10
CA ALA X 40 -13.34 31.84 33.24
C ALA X 40 -13.12 33.28 32.82
N TRP X 41 -14.21 34.04 32.58
CA TRP X 41 -14.08 35.46 32.33
C TRP X 41 -13.62 36.24 33.56
N LEU X 42 -14.11 35.88 34.74
CA LEU X 42 -13.62 36.52 35.97
C LEU X 42 -12.15 36.20 36.25
N TYR X 43 -11.61 35.12 35.68
CA TYR X 43 -10.20 34.81 35.87
C TYR X 43 -9.32 35.46 34.79
N ARG X 44 -9.54 35.11 33.52
CA ARG X 44 -8.71 35.56 32.41
C ARG X 44 -9.59 36.15 31.31
N PRO X 45 -9.89 37.45 31.38
CA PRO X 45 -10.62 38.09 30.29
C PRO X 45 -9.87 37.94 28.97
N TRP X 46 -10.61 37.58 27.91
CA TRP X 46 -10.02 37.38 26.61
C TRP X 46 -10.45 38.40 25.57
N LEU X 47 -11.64 38.98 25.71
CA LEU X 47 -12.13 39.96 24.76
C LEU X 47 -11.83 41.37 25.22
N ASN Y 5 -42.67 30.30 -5.72
CA ASN Y 5 -44.00 29.77 -6.00
C ASN Y 5 -44.70 29.37 -4.71
N ALA Y 6 -46.03 29.24 -4.76
CA ALA Y 6 -46.81 28.85 -3.60
C ALA Y 6 -46.89 27.34 -3.41
N ASN Y 7 -46.46 26.56 -4.40
CA ASN Y 7 -46.49 25.10 -4.32
C ASN Y 7 -45.12 24.51 -4.04
N LEU Y 8 -44.27 25.24 -3.33
CA LEU Y 8 -42.92 24.77 -3.00
C LEU Y 8 -42.94 23.67 -1.94
N TYR Y 9 -44.00 23.56 -1.15
CA TYR Y 9 -44.07 22.56 -0.09
C TYR Y 9 -44.02 21.13 -0.60
N LYS Y 10 -44.12 20.92 -1.92
CA LYS Y 10 -43.99 19.61 -2.53
C LYS Y 10 -42.55 19.17 -2.65
N ILE Y 11 -41.59 20.04 -2.31
CA ILE Y 11 -40.18 19.66 -2.38
C ILE Y 11 -39.82 18.54 -1.40
N TRP Y 12 -40.68 18.26 -0.44
CA TRP Y 12 -40.48 17.15 0.49
C TRP Y 12 -41.08 15.85 -0.01
N LEU Y 13 -41.75 15.88 -1.16
CA LEU Y 13 -42.17 14.67 -1.86
C LEU Y 13 -41.07 14.14 -2.77
N ILE Y 14 -39.95 14.84 -2.87
CA ILE Y 14 -38.79 14.40 -3.65
C ILE Y 14 -37.60 14.12 -2.73
N LEU Y 15 -37.26 15.08 -1.87
CA LEU Y 15 -36.14 14.92 -0.95
C LEU Y 15 -36.62 14.34 0.37
N ASP Y 16 -35.88 13.37 0.89
CA ASP Y 16 -36.22 12.74 2.17
C ASP Y 16 -35.86 13.69 3.30
N PRO Y 17 -36.80 14.04 4.18
CA PRO Y 17 -36.52 15.04 5.23
C PRO Y 17 -35.38 14.68 6.18
N ARG Y 18 -35.27 13.40 6.54
CA ARG Y 18 -34.29 12.99 7.54
C ARG Y 18 -32.87 13.25 7.06
N ARG Y 19 -32.56 12.78 5.84
CA ARG Y 19 -31.22 13.00 5.29
C ARG Y 19 -30.96 14.48 5.06
N VAL Y 20 -31.99 15.24 4.70
CA VAL Y 20 -31.83 16.68 4.52
C VAL Y 20 -31.40 17.33 5.83
N LEU Y 21 -32.08 17.00 6.93
CA LEU Y 21 -31.72 17.57 8.22
C LEU Y 21 -30.32 17.15 8.67
N VAL Y 22 -29.99 15.87 8.50
CA VAL Y 22 -28.66 15.40 8.90
C VAL Y 22 -27.57 16.12 8.10
N SER Y 23 -27.75 16.23 6.78
CA SER Y 23 -26.78 16.92 5.95
C SER Y 23 -26.67 18.39 6.32
N ILE Y 24 -27.79 19.06 6.59
CA ILE Y 24 -27.74 20.46 6.99
C ILE Y 24 -26.95 20.64 8.28
N VAL Y 25 -27.23 19.79 9.28
CA VAL Y 25 -26.53 19.92 10.56
C VAL Y 25 -25.03 19.69 10.39
N ALA Y 26 -24.66 18.62 9.68
CA ALA Y 26 -23.23 18.33 9.50
C ALA Y 26 -22.53 19.44 8.73
N PHE Y 27 -23.14 19.91 7.63
CA PHE Y 27 -22.53 20.95 6.83
C PHE Y 27 -22.36 22.24 7.62
N GLN Y 28 -23.39 22.61 8.41
CA GLN Y 28 -23.28 23.83 9.20
C GLN Y 28 -22.18 23.74 10.26
N ILE Y 29 -22.06 22.59 10.92
CA ILE Y 29 -20.99 22.44 11.92
C ILE Y 29 -19.62 22.53 11.25
N VAL Y 30 -19.44 21.83 10.12
CA VAL Y 30 -18.15 21.88 9.43
C VAL Y 30 -17.84 23.29 8.95
N LEU Y 31 -18.84 24.00 8.42
CA LEU Y 31 -18.62 25.36 7.96
C LEU Y 31 -18.26 26.29 9.10
N GLY Y 32 -18.91 26.14 10.25
CA GLY Y 32 -18.55 26.96 11.40
C GLY Y 32 -17.12 26.75 11.84
N LEU Y 33 -16.70 25.48 11.94
CA LEU Y 33 -15.31 25.21 12.28
C LEU Y 33 -14.35 25.80 11.25
N LEU Y 34 -14.66 25.62 9.97
CA LEU Y 34 -13.77 26.10 8.92
C LEU Y 34 -13.63 27.62 8.93
N ILE Y 35 -14.75 28.32 9.10
CA ILE Y 35 -14.69 29.78 9.12
C ILE Y 35 -13.98 30.30 10.36
N HIS Y 36 -14.20 29.69 11.53
CA HIS Y 36 -13.43 30.10 12.70
C HIS Y 36 -11.94 29.89 12.50
N MET Y 37 -11.52 28.75 11.93
CA MET Y 37 -10.11 28.52 11.66
C MET Y 37 -9.55 29.53 10.66
N ILE Y 38 -10.30 29.84 9.61
CA ILE Y 38 -9.81 30.80 8.61
C ILE Y 38 -9.64 32.18 9.24
N VAL Y 39 -10.61 32.61 10.04
CA VAL Y 39 -10.52 33.92 10.67
C VAL Y 39 -9.38 33.96 11.69
N LEU Y 40 -9.11 32.85 12.37
CA LEU Y 40 -8.06 32.83 13.39
C LEU Y 40 -6.68 33.17 12.83
N SER Y 41 -6.41 32.85 11.57
CA SER Y 41 -5.09 33.02 10.99
C SER Y 41 -4.83 34.41 10.42
N THR Y 42 -5.84 35.27 10.35
CA THR Y 42 -5.66 36.62 9.83
C THR Y 42 -5.33 37.58 10.97
N ASP Y 43 -5.38 38.88 10.71
CA ASP Y 43 -5.13 39.88 11.73
C ASP Y 43 -6.40 40.24 12.52
N LEU Y 44 -7.45 39.43 12.39
CA LEU Y 44 -8.65 39.58 13.20
C LEU Y 44 -8.66 38.63 14.38
N ASN Y 45 -7.53 38.00 14.69
CA ASN Y 45 -7.44 37.07 15.81
C ASN Y 45 -7.80 37.76 17.11
N TRP Y 46 -8.56 37.06 17.95
CA TRP Y 46 -9.01 37.60 19.23
C TRP Y 46 -8.30 36.99 20.42
N LEU Y 47 -7.58 35.88 20.24
CA LEU Y 47 -6.92 35.19 21.35
C LEU Y 47 -5.53 35.76 21.60
N ASP Y 48 -4.65 35.67 20.62
CA ASP Y 48 -3.26 36.13 20.77
C ASP Y 48 -3.12 37.51 20.13
N ASP Y 49 -3.69 38.53 20.79
CA ASP Y 49 -3.57 39.91 20.34
C ASP Y 49 -3.21 40.87 21.46
N ASN Y 50 -2.87 40.36 22.65
CA ASN Y 50 -2.45 41.19 23.77
C ASN Y 50 -3.50 42.21 24.17
N ILE Y 51 -4.77 41.87 23.98
CA ILE Y 51 -5.89 42.72 24.41
C ILE Y 51 -6.78 41.88 25.33
N PRO Y 52 -7.11 42.35 26.53
CA PRO Y 52 -6.78 43.69 27.04
C PRO Y 52 -5.39 43.79 27.67
N VAL Y 53 -4.72 42.66 27.86
CA VAL Y 53 -3.38 42.64 28.44
C VAL Y 53 -2.69 41.34 28.11
N SER Y 54 -1.36 41.34 28.09
CA SER Y 54 -0.58 40.14 27.89
C SER Y 54 -0.52 39.34 29.19
N TYR Y 55 -0.69 38.02 29.08
CA TYR Y 55 -0.76 37.16 30.26
C TYR Y 55 0.51 36.35 30.46
N GLN Y 56 1.14 35.89 29.37
CA GLN Y 56 2.39 35.16 29.50
C GLN Y 56 3.49 36.04 30.09
N ALA Y 57 3.56 37.30 29.65
CA ALA Y 57 4.56 38.23 30.14
C ALA Y 57 4.21 38.70 31.55
N THR Z 8 -40.55 9.41 -1.15
CA THR Z 8 -40.24 9.50 0.27
C THR Z 8 -41.34 8.84 1.11
N GLY Z 9 -42.53 8.74 0.54
CA GLY Z 9 -43.66 8.14 1.20
C GLY Z 9 -44.54 9.12 1.95
N LEU Z 10 -44.10 10.36 2.11
CA LEU Z 10 -44.91 11.35 2.81
C LEU Z 10 -46.13 11.74 1.99
N THR Z 11 -47.24 11.99 2.69
CA THR Z 11 -48.45 12.49 2.05
C THR Z 11 -48.34 13.99 1.84
N ASP Z 12 -49.46 14.63 1.49
CA ASP Z 12 -49.44 16.07 1.22
C ASP Z 12 -49.51 16.90 2.50
N ASP Z 13 -50.39 16.53 3.44
CA ASP Z 13 -50.49 17.27 4.70
C ASP Z 13 -49.21 17.20 5.52
N GLU Z 14 -48.57 16.04 5.58
CA GLU Z 14 -47.30 15.92 6.27
C GLU Z 14 -46.23 16.80 5.63
N ALA Z 15 -46.19 16.85 4.29
CA ALA Z 15 -45.24 17.71 3.61
C ALA Z 15 -45.49 19.18 3.94
N LYS Z 16 -46.77 19.59 3.96
CA LYS Z 16 -47.10 20.97 4.27
C LYS Z 16 -46.70 21.34 5.70
N GLU Z 17 -47.00 20.47 6.66
CA GLU Z 17 -46.62 20.72 8.05
C GLU Z 17 -45.10 20.79 8.21
N PHE Z 18 -44.38 19.86 7.57
CA PHE Z 18 -42.93 19.89 7.64
C PHE Z 18 -42.37 21.17 7.02
N HIS Z 19 -42.96 21.62 5.92
CA HIS Z 19 -42.49 22.87 5.32
C HIS Z 19 -42.71 24.05 6.26
N ALA Z 20 -43.87 24.12 6.90
CA ALA Z 20 -44.13 25.21 7.83
C ALA Z 20 -43.09 25.24 8.96
N ILE Z 21 -42.88 24.08 9.59
CA ILE Z 21 -41.93 24.04 10.70
C ILE Z 21 -40.51 24.31 10.22
N PHE Z 22 -40.12 23.80 9.05
CA PHE Z 22 -38.78 24.02 8.52
C PHE Z 22 -38.53 25.50 8.25
N MET Z 23 -39.50 26.18 7.64
CA MET Z 23 -39.34 27.61 7.39
C MET Z 23 -39.22 28.39 8.69
N GLN Z 24 -40.05 28.05 9.69
CA GLN Z 24 -39.99 28.78 10.95
C GLN Z 24 -38.63 28.61 11.63
N SER Z 25 -38.14 27.36 11.69
CA SER Z 25 -36.83 27.11 12.29
C SER Z 25 -35.69 27.78 11.53
N MET Z 26 -35.72 27.74 10.19
CA MET Z 26 -34.66 28.37 9.42
C MET Z 26 -34.65 29.87 9.64
N TYR Z 27 -35.83 30.50 9.69
CA TYR Z 27 -35.88 31.93 9.99
C TYR Z 27 -35.35 32.26 11.38
N ALA Z 28 -35.68 31.45 12.39
CA ALA Z 28 -35.10 31.70 13.71
C ALA Z 28 -33.57 31.59 13.70
N TRP Z 29 -33.05 30.57 13.01
CA TRP Z 29 -31.60 30.40 12.91
C TRP Z 29 -30.94 31.60 12.22
N PHE Z 30 -31.54 32.08 11.13
CA PHE Z 30 -31.01 33.24 10.45
C PHE Z 30 -31.07 34.50 11.31
N GLY Z 31 -32.13 34.69 12.10
CA GLY Z 31 -32.16 35.82 13.01
C GLY Z 31 -31.05 35.77 14.03
N LEU Z 32 -30.79 34.58 14.59
CA LEU Z 32 -29.68 34.45 15.54
C LEU Z 32 -28.34 34.78 14.87
N VAL Z 33 -28.14 34.29 13.64
CA VAL Z 33 -26.91 34.58 12.92
C VAL Z 33 -26.75 36.07 12.69
N VAL Z 34 -27.83 36.75 12.31
CA VAL Z 34 -27.78 38.18 12.06
C VAL Z 34 -27.40 38.95 13.32
N ILE Z 35 -27.98 38.57 14.45
CA ILE Z 35 -27.63 39.24 15.72
C ILE Z 35 -26.16 39.01 16.05
N ALA Z 36 -25.68 37.77 15.85
CA ALA Z 36 -24.29 37.48 16.17
C ALA Z 36 -23.32 38.30 15.31
N HIS Z 37 -23.58 38.38 14.01
CA HIS Z 37 -22.75 39.23 13.16
C HIS Z 37 -22.88 40.71 13.48
N LEU Z 38 -24.05 41.18 13.93
CA LEU Z 38 -24.16 42.56 14.39
C LEU Z 38 -23.22 42.82 15.56
N LEU Z 39 -23.22 41.91 16.54
CA LEU Z 39 -22.30 42.07 17.67
C LEU Z 39 -20.84 42.01 17.23
N ALA Z 40 -20.49 41.07 16.35
CA ALA Z 40 -19.12 40.95 15.87
C ALA Z 40 -18.67 42.19 15.12
N TRP Z 41 -19.55 42.80 14.32
CA TRP Z 41 -19.25 44.07 13.68
C TRP Z 41 -19.09 45.21 14.68
N LEU Z 42 -19.92 45.25 15.72
CA LEU Z 42 -19.74 46.25 16.77
C LEU Z 42 -18.46 46.06 17.56
N TYR Z 43 -17.87 44.87 17.53
CA TYR Z 43 -16.59 44.65 18.21
C TYR Z 43 -15.39 44.91 17.28
N ARG Z 44 -15.30 44.16 16.18
CA ARG Z 44 -14.16 44.23 15.26
C ARG Z 44 -14.66 44.44 13.84
N PRO Z 45 -14.79 45.70 13.40
CA PRO Z 45 -15.16 45.96 12.00
C PRO Z 45 -14.13 45.42 11.02
N TRP Z 46 -14.53 44.54 10.10
CA TRP Z 46 -13.58 43.95 9.17
C TRP Z 46 -13.61 44.66 7.82
N LEU Z 47 -14.77 45.15 7.40
CA LEU Z 47 -14.90 45.78 6.10
C LEU Z 47 -14.60 47.27 6.17
N ASN AA 5 -36.47 25.55 -27.80
CA ASN AA 5 -37.84 25.22 -28.18
C ASN AA 5 -38.80 25.49 -27.03
N ALA AA 6 -40.10 25.37 -27.29
CA ALA AA 6 -41.11 25.52 -26.26
C ALA AA 6 -41.43 24.21 -25.55
N ASN AA 7 -40.89 23.09 -26.01
CA ASN AA 7 -41.10 21.78 -25.40
C ASN AA 7 -39.90 21.36 -24.56
N LEU AA 8 -39.19 22.32 -23.98
CA LEU AA 8 -38.03 22.00 -23.14
C LEU AA 8 -38.42 21.34 -21.82
N TYR AA 9 -39.66 21.48 -21.37
CA TYR AA 9 -40.09 20.89 -20.12
C TYR AA 9 -40.03 19.38 -20.10
N LYS AA 10 -39.73 18.75 -21.24
CA LYS AA 10 -39.56 17.30 -21.32
C LYS AA 10 -38.17 16.87 -20.88
N ILE AA 11 -37.28 17.82 -20.56
CA ILE AA 11 -35.95 17.47 -20.07
C ILE AA 11 -36.00 16.69 -18.77
N TRP AA 12 -37.11 16.76 -18.03
CA TRP AA 12 -37.27 16.01 -16.80
C TRP AA 12 -37.82 14.61 -17.04
N LEU AA 13 -38.15 14.27 -18.28
CA LEU AA 13 -38.48 12.89 -18.65
C LEU AA 13 -37.24 12.08 -18.99
N ILE AA 14 -36.07 12.71 -18.99
CA ILE AA 14 -34.80 12.04 -19.21
C ILE AA 14 -33.92 12.12 -17.97
N LEU AA 15 -33.85 13.30 -17.34
CA LEU AA 15 -33.03 13.51 -16.15
C LEU AA 15 -33.89 13.40 -14.90
N ASP AA 16 -33.42 12.64 -13.93
CA ASP AA 16 -34.16 12.47 -12.68
C ASP AA 16 -34.03 13.72 -11.83
N PRO AA 17 -35.13 14.35 -11.42
CA PRO AA 17 -35.03 15.64 -10.71
C PRO AA 17 -34.23 15.60 -9.42
N ARG AA 18 -34.34 14.52 -8.64
CA ARG AA 18 -33.71 14.48 -7.33
C ARG AA 18 -32.19 14.57 -7.43
N ARG AA 19 -31.59 13.73 -8.29
CA ARG AA 19 -30.15 13.77 -8.46
C ARG AA 19 -29.70 15.09 -9.06
N VAL AA 20 -30.52 15.68 -9.93
CA VAL AA 20 -30.19 16.99 -10.50
C VAL AA 20 -30.09 18.03 -9.40
N LEU AA 21 -31.07 18.06 -8.49
CA LEU AA 21 -31.02 19.03 -7.39
C LEU AA 21 -29.85 18.77 -6.46
N VAL AA 22 -29.59 17.52 -6.11
CA VAL AA 22 -28.47 17.23 -5.22
C VAL AA 22 -27.14 17.65 -5.85
N SER AA 23 -26.94 17.32 -7.13
CA SER AA 23 -25.74 17.72 -7.84
C SER AA 23 -25.60 19.23 -7.95
N ILE AA 24 -26.69 19.95 -8.23
CA ILE AA 24 -26.62 21.40 -8.30
C ILE AA 24 -26.19 21.98 -6.95
N VAL AA 25 -26.80 21.51 -5.87
CA VAL AA 25 -26.47 22.05 -4.55
C VAL AA 25 -25.01 21.79 -4.21
N ALA AA 26 -24.55 20.55 -4.39
CA ALA AA 26 -23.17 20.22 -4.05
C ALA AA 26 -22.18 21.01 -4.91
N PHE AA 27 -22.43 21.08 -6.22
CA PHE AA 27 -21.53 21.81 -7.11
C PHE AA 27 -21.46 23.29 -6.75
N GLN AA 28 -22.61 23.91 -6.46
CA GLN AA 28 -22.60 25.31 -6.09
C GLN AA 28 -21.87 25.56 -4.78
N ILE AA 29 -22.04 24.71 -3.77
CA ILE AA 29 -21.30 24.91 -2.53
C ILE AA 29 -19.79 24.78 -2.76
N VAL AA 30 -19.38 23.74 -3.51
CA VAL AA 30 -17.95 23.55 -3.77
C VAL AA 30 -17.39 24.72 -4.55
N LEU AA 31 -18.13 25.21 -5.55
CA LEU AA 31 -17.68 26.35 -6.33
C LEU AA 31 -17.54 27.60 -5.47
N GLY AA 32 -18.50 27.83 -4.59
CA GLY AA 32 -18.40 28.98 -3.70
C GLY AA 32 -17.15 28.93 -2.85
N LEU AA 33 -16.88 27.77 -2.24
CA LEU AA 33 -15.67 27.62 -1.43
C LEU AA 33 -14.40 27.85 -2.27
N LEU AA 34 -14.35 27.26 -3.47
CA LEU AA 34 -13.15 27.36 -4.29
C LEU AA 34 -12.90 28.79 -4.75
N ILE AA 35 -13.95 29.49 -5.20
CA ILE AA 35 -13.79 30.87 -5.61
C ILE AA 35 -13.40 31.76 -4.43
N HIS AA 36 -13.94 31.49 -3.24
CA HIS AA 36 -13.52 32.27 -2.08
C HIS AA 36 -12.05 32.08 -1.75
N MET AA 37 -11.54 30.84 -1.78
CA MET AA 37 -10.11 30.63 -1.57
C MET AA 37 -9.28 31.34 -2.63
N ILE AA 38 -9.70 31.23 -3.90
CA ILE AA 38 -8.92 31.84 -4.98
C ILE AA 38 -8.87 33.36 -4.81
N VAL AA 39 -10.01 33.98 -4.50
CA VAL AA 39 -10.03 35.42 -4.31
C VAL AA 39 -9.24 35.84 -3.08
N LEU AA 40 -9.27 35.04 -2.00
CA LEU AA 40 -8.45 35.34 -0.83
C LEU AA 40 -6.97 35.30 -1.16
N SER AA 41 -6.54 34.36 -2.00
CA SER AA 41 -5.13 34.23 -2.32
C SER AA 41 -4.57 35.44 -3.07
N THR AA 42 -5.39 36.17 -3.81
CA THR AA 42 -4.92 37.23 -4.69
C THR AA 42 -4.88 38.57 -3.95
N ASP AA 43 -4.74 39.66 -4.69
CA ASP AA 43 -4.57 41.00 -4.15
C ASP AA 43 -5.87 41.61 -3.64
N LEU AA 44 -7.00 40.94 -3.86
CA LEU AA 44 -8.31 41.45 -3.44
C LEU AA 44 -8.72 40.96 -2.05
N ASN AA 45 -7.78 40.52 -1.22
CA ASN AA 45 -8.10 40.06 0.12
C ASN AA 45 -8.73 41.18 0.94
N TRP AA 46 -9.75 40.83 1.72
CA TRP AA 46 -10.46 41.79 2.54
C TRP AA 46 -10.18 41.65 4.03
N LEU AA 47 -9.55 40.54 4.45
CA LEU AA 47 -9.29 40.31 5.86
C LEU AA 47 -7.95 40.89 6.31
N ASP AA 48 -6.86 40.43 5.71
CA ASP AA 48 -5.50 40.84 6.09
C ASP AA 48 -5.01 42.01 5.25
N ASP AA 49 -5.76 43.11 5.21
CA ASP AA 49 -5.35 44.29 4.46
C ASP AA 49 -5.35 45.56 5.31
N ASN AA 50 -5.46 45.43 6.63
CA ASN AA 50 -5.33 46.55 7.57
C ASN AA 50 -6.34 47.66 7.30
N ILE AA 51 -7.52 47.32 6.79
CA ILE AA 51 -8.60 48.29 6.59
C ILE AA 51 -9.77 47.86 7.46
N PRO AA 52 -10.37 48.76 8.25
CA PRO AA 52 -10.06 50.19 8.34
C PRO AA 52 -8.91 50.52 9.29
N VAL AA 53 -8.71 49.71 10.31
CA VAL AA 53 -7.63 49.93 11.28
C VAL AA 53 -6.86 48.63 11.43
N SER AA 54 -5.62 48.72 11.89
CA SER AA 54 -4.75 47.55 11.99
C SER AA 54 -4.85 46.98 13.39
N TYR AA 55 -5.50 45.82 13.51
CA TYR AA 55 -5.54 45.06 14.76
C TYR AA 55 -4.22 44.30 14.86
N GLN AA 56 -4.03 43.59 15.97
CA GLN AA 56 -2.79 42.85 16.26
C GLN AA 56 -1.65 43.83 16.52
N ALA AA 57 -1.97 45.10 16.69
CA ALA AA 57 -0.96 46.12 16.91
C ALA AA 57 -1.51 47.26 17.76
N THR BA 8 -37.54 8.06 -15.71
CA THR BA 8 -37.74 8.71 -14.42
C THR BA 8 -39.12 8.37 -13.86
N GLY BA 9 -40.05 8.02 -14.75
CA GLY BA 9 -41.40 7.68 -14.35
C GLY BA 9 -42.33 8.87 -14.17
N LEU BA 10 -41.86 10.09 -14.37
CA LEU BA 10 -42.71 11.26 -14.23
C LEU BA 10 -43.67 11.37 -15.40
N THR BA 11 -44.87 11.89 -15.11
CA THR BA 11 -45.86 12.16 -16.14
C THR BA 11 -45.55 13.49 -16.83
N ASP BA 12 -46.49 13.99 -17.62
CA ASP BA 12 -46.27 15.24 -18.34
C ASP BA 12 -46.66 16.47 -17.53
N ASP BA 13 -47.77 16.42 -16.81
CA ASP BA 13 -48.17 17.53 -15.94
C ASP BA 13 -47.15 17.75 -14.83
N GLU BA 14 -46.64 16.66 -14.25
CA GLU BA 14 -45.58 16.80 -13.24
C GLU BA 14 -44.34 17.45 -13.84
N ALA BA 15 -44.00 17.09 -15.08
CA ALA BA 15 -42.86 17.73 -15.73
C ALA BA 15 -43.10 19.22 -15.91
N LYS BA 16 -44.31 19.60 -16.33
CA LYS BA 16 -44.61 21.03 -16.48
C LYS BA 16 -44.49 21.77 -15.15
N GLU BA 17 -45.06 21.21 -14.09
CA GLU BA 17 -45.02 21.85 -12.78
C GLU BA 17 -43.58 21.99 -12.29
N PHE BA 18 -42.80 20.92 -12.41
CA PHE BA 18 -41.41 20.98 -11.97
C PHE BA 18 -40.61 21.98 -12.78
N HIS BA 19 -40.85 22.07 -14.09
CA HIS BA 19 -40.15 23.06 -14.89
C HIS BA 19 -40.48 24.47 -14.44
N ALA BA 20 -41.77 24.75 -14.18
CA ALA BA 20 -42.16 26.08 -13.73
C ALA BA 20 -41.46 26.44 -12.43
N ILE BA 21 -41.52 25.56 -11.43
CA ILE BA 21 -40.90 25.86 -10.15
C ILE BA 21 -39.38 25.97 -10.27
N PHE BA 22 -38.75 25.09 -11.07
CA PHE BA 22 -37.30 25.14 -11.25
C PHE BA 22 -36.87 26.45 -11.87
N MET BA 23 -37.58 26.90 -12.91
CA MET BA 23 -37.23 28.17 -13.54
C MET BA 23 -37.41 29.34 -12.58
N GLN BA 24 -38.50 29.34 -11.81
CA GLN BA 24 -38.72 30.45 -10.88
C GLN BA 24 -37.62 30.51 -9.83
N SER BA 25 -37.26 29.36 -9.25
CA SER BA 25 -36.20 29.33 -8.25
C SER BA 25 -34.84 29.71 -8.83
N MET BA 26 -34.51 29.24 -10.04
CA MET BA 26 -33.26 29.61 -10.66
C MET BA 26 -33.17 31.11 -10.93
N TYR BA 27 -34.27 31.72 -11.39
CA TYR BA 27 -34.28 33.16 -11.59
C TYR BA 27 -34.12 33.94 -10.28
N ALA BA 28 -34.77 33.49 -9.20
CA ALA BA 28 -34.56 34.15 -7.91
C ALA BA 28 -33.10 34.05 -7.46
N TRP BA 29 -32.49 32.87 -7.63
CA TRP BA 29 -31.10 32.69 -7.25
C TRP BA 29 -30.18 33.60 -8.05
N PHE BA 30 -30.42 33.71 -9.36
CA PHE BA 30 -29.62 34.59 -10.20
C PHE BA 30 -29.81 36.06 -9.82
N GLY BA 31 -31.03 36.47 -9.46
CA GLY BA 31 -31.23 37.84 -9.00
C GLY BA 31 -30.43 38.15 -7.74
N LEU BA 32 -30.45 37.23 -6.77
CA LEU BA 32 -29.64 37.43 -5.57
C LEU BA 32 -28.15 37.50 -5.90
N VAL BA 33 -27.67 36.63 -6.78
CA VAL BA 33 -26.26 36.68 -7.17
C VAL BA 33 -25.91 38.02 -7.80
N VAL BA 34 -26.78 38.51 -8.68
CA VAL BA 34 -26.52 39.78 -9.36
C VAL BA 34 -26.46 40.93 -8.35
N ILE BA 35 -27.38 40.95 -7.39
CA ILE BA 35 -27.34 42.00 -6.37
C ILE BA 35 -26.05 41.94 -5.56
N ALA BA 36 -25.65 40.72 -5.16
CA ALA BA 36 -24.44 40.56 -4.38
C ALA BA 36 -23.21 41.04 -5.15
N HIS BA 37 -23.13 40.69 -6.43
CA HIS BA 37 -22.01 41.14 -7.25
C HIS BA 37 -22.04 42.65 -7.47
N LEU BA 38 -23.21 43.26 -7.58
CA LEU BA 38 -23.29 44.72 -7.64
C LEU BA 38 -22.70 45.35 -6.39
N LEU BA 39 -23.07 44.83 -5.22
CA LEU BA 39 -22.50 45.36 -3.98
C LEU BA 39 -20.99 45.18 -3.93
N ALA BA 40 -20.50 43.99 -4.30
CA ALA BA 40 -19.07 43.73 -4.28
C ALA BA 40 -18.31 44.64 -5.24
N TRP BA 41 -18.88 44.93 -6.41
CA TRP BA 41 -18.27 45.91 -7.31
C TRP BA 41 -18.29 47.31 -6.75
N LEU BA 42 -19.37 47.71 -6.08
CA LEU BA 42 -19.40 49.02 -5.42
C LEU BA 42 -18.39 49.12 -4.29
N TYR BA 43 -17.97 48.00 -3.71
CA TYR BA 43 -16.96 48.04 -2.66
C TYR BA 43 -15.54 47.98 -3.22
N ARG BA 44 -15.21 46.89 -3.93
CA ARG BA 44 -13.86 46.65 -4.44
C ARG BA 44 -13.92 46.37 -5.94
N PRO BA 45 -13.83 47.40 -6.78
CA PRO BA 45 -13.72 47.17 -8.22
C PRO BA 45 -12.49 46.33 -8.55
N TRP BA 46 -12.66 45.36 -9.44
CA TRP BA 46 -11.57 44.47 -9.82
C TRP BA 46 -11.20 44.56 -11.29
N LEU BA 47 -12.13 44.97 -12.15
CA LEU BA 47 -11.87 45.02 -13.58
C LEU BA 47 -11.34 46.40 -13.98
#